data_5MSL
#
_entry.id   5MSL
#
loop_
_entity.id
_entity.type
_entity.pdbx_description
1 polymer 'Anti-sigma-F factor Fin'
2 non-polymer 'ZINC ION'
#
_entity_poly.entity_id   1
_entity_poly.type   'polypeptide(L)'
_entity_poly.pdbx_seq_one_letter_code
;QSMALHYYCRHCGVKVGSLESSMVSTDSLGFQHLTNEERNDMISYKENGDVHVLTICEDCQEALDRNPHYHEYHT
;
_entity_poly.pdbx_strand_id   A
#
# COMPACT_ATOMS: atom_id res chain seq x y z
N GLN A 1 -9.41 -7.99 -11.49
CA GLN A 1 -8.87 -8.42 -10.18
C GLN A 1 -8.86 -7.25 -9.22
N SER A 2 -8.89 -7.56 -7.93
CA SER A 2 -8.91 -6.53 -6.90
C SER A 2 -7.56 -5.81 -6.83
N MET A 3 -7.52 -4.61 -7.38
CA MET A 3 -6.30 -3.82 -7.43
C MET A 3 -6.58 -2.36 -7.11
N ALA A 4 -5.57 -1.68 -6.57
CA ALA A 4 -5.69 -0.29 -6.16
C ALA A 4 -4.33 0.24 -5.76
N LEU A 5 -4.32 1.23 -4.87
CA LEU A 5 -3.09 1.78 -4.33
C LEU A 5 -2.40 0.74 -3.47
N HIS A 6 -1.09 0.85 -3.35
CA HIS A 6 -0.38 -0.04 -2.45
C HIS A 6 -0.37 0.61 -1.08
N TYR A 7 -0.95 -0.08 -0.13
CA TYR A 7 -1.15 0.48 1.19
C TYR A 7 -0.08 -0.02 2.15
N TYR A 8 0.70 0.90 2.69
CA TYR A 8 1.66 0.59 3.71
C TYR A 8 1.43 1.51 4.89
N CYS A 9 1.34 0.94 6.08
CA CYS A 9 0.83 1.68 7.21
C CYS A 9 1.83 2.66 7.79
N ARG A 10 1.28 3.77 8.22
CA ARG A 10 2.02 4.78 8.95
C ARG A 10 2.42 4.23 10.32
N HIS A 11 3.73 4.19 10.52
CA HIS A 11 4.36 3.97 11.83
C HIS A 11 4.55 2.48 12.15
N CYS A 12 3.54 1.66 11.95
CA CYS A 12 3.65 0.27 12.36
C CYS A 12 4.17 -0.61 11.22
N GLY A 13 4.18 -0.04 10.01
CA GLY A 13 4.79 -0.68 8.87
C GLY A 13 4.09 -1.94 8.41
N VAL A 14 2.76 -1.99 8.55
CA VAL A 14 2.00 -3.12 8.05
C VAL A 14 1.51 -2.85 6.63
N LYS A 15 1.49 -3.89 5.84
CA LYS A 15 1.01 -3.80 4.47
C LYS A 15 -0.50 -3.96 4.44
N VAL A 16 -1.20 -2.83 4.40
CA VAL A 16 -2.65 -2.83 4.46
C VAL A 16 -3.27 -3.16 3.10
N GLY A 17 -2.47 -3.04 2.06
CA GLY A 17 -2.95 -3.31 0.71
C GLY A 17 -2.07 -4.28 -0.03
N SER A 18 -1.95 -5.49 0.50
CA SER A 18 -1.14 -6.54 -0.11
C SER A 18 -1.36 -7.85 0.62
N LEU A 19 -2.26 -8.68 0.08
CA LEU A 19 -2.53 -9.98 0.67
C LEU A 19 -2.68 -11.02 -0.42
N GLU A 20 -3.41 -10.66 -1.46
CA GLU A 20 -3.69 -11.57 -2.56
C GLU A 20 -2.76 -11.31 -3.74
N SER A 21 -1.60 -10.72 -3.44
CA SER A 21 -0.62 -10.37 -4.44
C SER A 21 -0.03 -11.62 -5.10
N SER A 22 -0.23 -12.76 -4.46
CA SER A 22 0.25 -14.03 -4.95
C SER A 22 -0.29 -14.33 -6.35
N MET A 23 -1.56 -14.02 -6.57
CA MET A 23 -2.19 -14.26 -7.85
C MET A 23 -2.58 -12.95 -8.50
N VAL A 24 -2.77 -11.93 -7.67
CA VAL A 24 -3.06 -10.60 -8.14
C VAL A 24 -1.76 -9.80 -8.25
N SER A 25 -1.05 -10.02 -9.34
CA SER A 25 0.21 -9.35 -9.58
C SER A 25 -0.01 -7.91 -10.00
N THR A 26 -0.28 -7.08 -9.03
CA THR A 26 -0.45 -5.66 -9.25
C THR A 26 0.36 -4.87 -8.22
N ASP A 27 1.14 -5.60 -7.44
CA ASP A 27 1.87 -5.02 -6.32
C ASP A 27 3.29 -4.71 -6.73
N SER A 28 3.77 -5.42 -7.75
CA SER A 28 5.14 -5.31 -8.16
C SER A 28 5.26 -4.48 -9.44
N LEU A 29 6.19 -3.55 -9.44
CA LEU A 29 6.45 -2.72 -10.59
C LEU A 29 7.31 -3.46 -11.60
N GLY A 30 6.97 -3.32 -12.87
CA GLY A 30 7.73 -3.95 -13.92
C GLY A 30 9.04 -3.23 -14.17
N PHE A 31 10.01 -3.49 -13.29
CA PHE A 31 11.32 -2.86 -13.36
C PHE A 31 11.95 -3.01 -14.73
N GLN A 32 12.34 -4.22 -15.06
CA GLN A 32 12.93 -4.52 -16.35
C GLN A 32 12.45 -5.85 -16.88
N HIS A 33 13.13 -6.89 -16.45
CA HIS A 33 12.84 -8.24 -16.90
C HIS A 33 13.08 -9.24 -15.76
N LEU A 34 12.29 -9.12 -14.70
CA LEU A 34 12.45 -9.98 -13.53
C LEU A 34 11.60 -11.24 -13.66
N THR A 35 10.34 -11.15 -13.25
CA THR A 35 9.44 -12.29 -13.33
C THR A 35 8.36 -12.06 -14.37
N ASN A 36 7.42 -13.00 -14.48
CA ASN A 36 6.27 -12.82 -15.37
C ASN A 36 5.41 -11.66 -14.89
N GLU A 37 5.47 -11.40 -13.59
CA GLU A 37 4.71 -10.32 -12.98
C GLU A 37 5.22 -8.98 -13.50
N GLU A 38 6.54 -8.84 -13.49
CA GLU A 38 7.18 -7.63 -14.02
C GLU A 38 6.94 -7.51 -15.52
N ARG A 39 6.90 -8.64 -16.19
CA ARG A 39 6.61 -8.67 -17.63
C ARG A 39 5.23 -8.11 -17.93
N ASN A 40 4.30 -8.33 -17.01
CA ASN A 40 2.92 -7.87 -17.18
C ASN A 40 2.82 -6.36 -17.00
N ASP A 41 3.56 -5.84 -16.02
CA ASP A 41 3.57 -4.41 -15.74
C ASP A 41 4.48 -3.67 -16.73
N MET A 42 5.24 -4.43 -17.51
CA MET A 42 6.24 -3.87 -18.44
C MET A 42 5.58 -2.99 -19.52
N ILE A 43 4.26 -3.04 -19.59
CA ILE A 43 3.49 -2.16 -20.46
C ILE A 43 3.89 -0.69 -20.23
N SER A 44 3.73 0.15 -21.25
CA SER A 44 4.23 1.53 -21.21
C SER A 44 3.32 2.44 -20.37
N TYR A 45 2.80 1.87 -19.29
CA TYR A 45 1.97 2.58 -18.35
C TYR A 45 1.76 1.69 -17.15
N LYS A 46 2.43 2.05 -16.05
CA LYS A 46 2.44 1.23 -14.83
C LYS A 46 1.05 0.78 -14.43
N GLU A 47 0.77 -0.52 -14.63
CA GLU A 47 -0.53 -1.08 -14.32
C GLU A 47 -0.68 -1.22 -12.82
N ASN A 48 0.45 -1.38 -12.13
CA ASN A 48 0.48 -1.45 -10.68
C ASN A 48 0.00 -0.13 -10.05
N GLY A 49 -0.05 0.92 -10.87
CA GLY A 49 -0.61 2.18 -10.43
C GLY A 49 0.45 3.19 -10.05
N ASP A 50 1.63 2.70 -9.67
CA ASP A 50 2.71 3.54 -9.14
C ASP A 50 2.18 4.33 -7.95
N VAL A 51 1.70 3.59 -6.97
CA VAL A 51 1.05 4.17 -5.81
C VAL A 51 1.52 3.52 -4.53
N HIS A 52 2.25 4.28 -3.74
CA HIS A 52 2.77 3.83 -2.47
C HIS A 52 2.29 4.78 -1.39
N VAL A 53 1.16 4.47 -0.79
CA VAL A 53 0.52 5.37 0.16
C VAL A 53 0.67 4.88 1.59
N LEU A 54 0.94 5.80 2.49
CA LEU A 54 1.05 5.48 3.91
C LEU A 54 -0.24 5.85 4.61
N THR A 55 -0.94 4.84 5.12
CA THR A 55 -2.27 5.03 5.67
C THR A 55 -2.38 4.36 7.03
N ILE A 56 -3.55 4.45 7.64
CA ILE A 56 -3.81 3.87 8.94
C ILE A 56 -4.43 2.48 8.81
N CYS A 57 -3.80 1.49 9.44
CA CYS A 57 -4.34 0.14 9.47
C CYS A 57 -5.40 0.02 10.56
N GLU A 58 -6.05 -1.14 10.62
CA GLU A 58 -7.04 -1.39 11.65
C GLU A 58 -6.45 -1.18 13.03
N ASP A 59 -5.25 -1.72 13.22
CA ASP A 59 -4.52 -1.61 14.49
C ASP A 59 -4.29 -0.16 14.89
N CYS A 60 -3.79 0.65 13.98
CA CYS A 60 -3.45 2.03 14.31
C CYS A 60 -4.72 2.87 14.48
N GLN A 61 -5.75 2.59 13.67
CA GLN A 61 -7.07 3.19 13.87
C GLN A 61 -7.56 2.91 15.28
N GLU A 62 -7.30 1.73 15.81
CA GLU A 62 -7.70 1.44 17.15
C GLU A 62 -6.78 2.10 18.16
N ALA A 63 -5.51 2.20 17.82
CA ALA A 63 -4.58 3.03 18.57
C ALA A 63 -5.13 4.45 18.63
N LEU A 64 -5.85 4.78 17.58
CA LEU A 64 -6.45 6.09 17.39
C LEU A 64 -7.71 6.25 18.24
N ASP A 65 -8.67 5.37 18.01
CA ASP A 65 -9.98 5.46 18.64
C ASP A 65 -9.94 5.09 20.13
N ARG A 66 -8.99 4.25 20.52
CA ARG A 66 -8.92 3.82 21.91
C ARG A 66 -7.99 4.71 22.73
N ASN A 67 -7.08 5.40 22.06
CA ASN A 67 -6.14 6.30 22.74
C ASN A 67 -6.07 7.63 22.00
N PRO A 68 -6.29 8.75 22.69
CA PRO A 68 -6.29 10.09 22.08
C PRO A 68 -5.01 10.37 21.29
N HIS A 69 -5.12 10.28 19.97
CA HIS A 69 -3.99 10.51 19.05
C HIS A 69 -2.89 9.49 19.29
N TYR A 70 -3.28 8.32 19.79
CA TYR A 70 -2.36 7.25 20.14
C TYR A 70 -1.26 7.76 21.07
N HIS A 71 -1.66 8.14 22.29
CA HIS A 71 -0.73 8.61 23.31
C HIS A 71 -0.07 9.93 22.89
N GLU A 72 0.85 10.41 23.70
CA GLU A 72 1.54 11.67 23.43
C GLU A 72 2.97 11.43 22.96
N TYR A 73 3.71 12.50 22.74
CA TYR A 73 5.10 12.40 22.31
C TYR A 73 5.99 12.02 23.48
N HIS A 74 6.03 12.87 24.48
CA HIS A 74 6.87 12.64 25.64
C HIS A 74 6.29 13.31 26.88
N THR A 75 5.94 14.58 26.74
CA THR A 75 5.45 15.37 27.86
C THR A 75 3.92 15.45 27.87
N GLN A 1 -5.87 -9.02 -6.27
CA GLN A 1 -7.14 -8.86 -7.02
C GLN A 1 -8.01 -7.81 -6.37
N SER A 2 -8.50 -6.88 -7.19
CA SER A 2 -9.35 -5.80 -6.72
C SER A 2 -8.62 -4.86 -5.76
N MET A 3 -7.41 -4.47 -6.15
CA MET A 3 -6.65 -3.48 -5.42
C MET A 3 -6.36 -2.31 -6.34
N ALA A 4 -6.27 -1.13 -5.76
CA ALA A 4 -6.03 0.08 -6.53
C ALA A 4 -4.71 0.72 -6.12
N LEU A 5 -4.61 1.01 -4.84
CA LEU A 5 -3.42 1.59 -4.28
C LEU A 5 -2.84 0.63 -3.25
N HIS A 6 -1.55 0.69 -3.03
CA HIS A 6 -0.91 -0.17 -2.04
C HIS A 6 -0.80 0.58 -0.74
N TYR A 7 -1.39 0.01 0.29
CA TYR A 7 -1.44 0.64 1.59
C TYR A 7 -0.31 0.12 2.47
N TYR A 8 0.50 1.04 2.97
CA TYR A 8 1.54 0.69 3.92
C TYR A 8 1.41 1.60 5.12
N CYS A 9 1.48 1.04 6.32
CA CYS A 9 1.20 1.82 7.50
C CYS A 9 2.36 2.68 7.93
N ARG A 10 2.04 3.91 8.27
CA ARG A 10 3.00 4.79 8.87
C ARG A 10 3.35 4.27 10.26
N HIS A 11 4.64 4.05 10.45
CA HIS A 11 5.22 3.68 11.75
C HIS A 11 5.14 2.18 12.00
N CYS A 12 4.44 1.47 11.13
CA CYS A 12 4.38 0.02 11.23
C CYS A 12 5.02 -0.63 10.02
N GLY A 13 4.74 -0.06 8.85
CA GLY A 13 5.19 -0.66 7.61
C GLY A 13 4.25 -1.73 7.12
N VAL A 14 3.22 -2.04 7.93
CA VAL A 14 2.27 -3.08 7.59
C VAL A 14 1.51 -2.77 6.33
N LYS A 15 1.46 -3.76 5.46
CA LYS A 15 0.76 -3.66 4.20
C LYS A 15 -0.73 -3.79 4.45
N VAL A 16 -1.38 -2.66 4.57
CA VAL A 16 -2.78 -2.61 5.00
C VAL A 16 -3.71 -3.08 3.88
N GLY A 17 -3.38 -2.75 2.64
CA GLY A 17 -4.26 -3.06 1.53
C GLY A 17 -3.76 -4.23 0.71
N SER A 18 -2.48 -4.21 0.38
CA SER A 18 -1.89 -5.25 -0.43
C SER A 18 -1.39 -6.40 0.45
N LEU A 19 -2.31 -7.26 0.83
CA LEU A 19 -2.00 -8.37 1.71
C LEU A 19 -1.89 -9.64 0.90
N GLU A 20 -2.51 -9.60 -0.27
CA GLU A 20 -2.45 -10.69 -1.22
C GLU A 20 -1.01 -10.92 -1.66
N SER A 21 -0.26 -9.83 -1.68
CA SER A 21 1.16 -9.88 -1.98
C SER A 21 1.89 -8.79 -1.22
N SER A 22 2.72 -9.19 -0.28
CA SER A 22 3.45 -8.25 0.54
C SER A 22 4.95 -8.46 0.40
N MET A 23 5.35 -9.63 -0.07
CA MET A 23 6.75 -9.90 -0.36
C MET A 23 6.84 -10.89 -1.51
N VAL A 24 5.73 -10.98 -2.22
CA VAL A 24 5.55 -11.96 -3.28
C VAL A 24 4.88 -11.30 -4.48
N SER A 25 5.03 -9.99 -4.56
CA SER A 25 4.38 -9.20 -5.58
C SER A 25 5.02 -9.42 -6.94
N THR A 26 4.28 -10.06 -7.83
CA THR A 26 4.77 -10.33 -9.18
C THR A 26 4.55 -9.12 -10.09
N ASP A 27 4.15 -8.02 -9.48
CA ASP A 27 3.98 -6.75 -10.18
C ASP A 27 5.32 -6.04 -10.24
N SER A 28 6.20 -6.46 -9.34
CA SER A 28 7.55 -5.92 -9.24
C SER A 28 8.42 -6.44 -10.38
N LEU A 29 8.45 -5.71 -11.49
CA LEU A 29 9.30 -6.07 -12.62
C LEU A 29 10.52 -5.17 -12.67
N GLY A 30 10.33 -3.97 -13.20
CA GLY A 30 11.47 -3.09 -13.46
C GLY A 30 12.37 -3.67 -14.54
N PHE A 31 12.33 -3.12 -15.73
CA PHE A 31 13.13 -3.62 -16.82
C PHE A 31 14.55 -3.12 -16.66
N GLN A 32 15.40 -3.66 -17.48
CA GLN A 32 16.83 -3.40 -17.39
C GLN A 32 17.42 -2.93 -18.71
N HIS A 33 17.12 -3.65 -19.78
CA HIS A 33 17.74 -3.36 -21.07
C HIS A 33 16.68 -3.09 -22.14
N LEU A 34 15.48 -2.75 -21.71
CA LEU A 34 14.44 -2.35 -22.65
C LEU A 34 14.52 -0.85 -22.87
N THR A 35 13.95 -0.36 -23.96
CA THR A 35 14.11 1.02 -24.35
C THR A 35 13.18 1.94 -23.56
N ASN A 36 13.28 3.23 -23.85
CA ASN A 36 12.53 4.26 -23.12
C ASN A 36 11.03 3.99 -23.13
N GLU A 37 10.47 3.79 -24.32
CA GLU A 37 9.04 3.55 -24.46
C GLU A 37 8.62 2.25 -23.78
N GLU A 38 9.55 1.32 -23.63
CA GLU A 38 9.28 0.07 -22.95
C GLU A 38 9.24 0.28 -21.44
N ARG A 39 10.02 1.24 -20.96
CA ARG A 39 10.10 1.53 -19.54
C ARG A 39 8.97 2.46 -19.11
N ASN A 40 8.72 3.49 -19.91
CA ASN A 40 7.74 4.52 -19.56
C ASN A 40 6.31 4.05 -19.75
N ASP A 41 6.07 3.21 -20.75
CA ASP A 41 4.72 2.71 -20.99
C ASP A 41 4.35 1.65 -19.98
N MET A 42 5.27 0.73 -19.74
CA MET A 42 5.06 -0.34 -18.77
C MET A 42 5.45 0.11 -17.37
N ILE A 43 5.44 1.42 -17.14
CA ILE A 43 5.84 1.99 -15.86
C ILE A 43 4.88 1.54 -14.74
N SER A 44 5.19 1.90 -13.49
CA SER A 44 4.40 1.52 -12.31
C SER A 44 4.78 0.14 -11.81
N TYR A 45 5.39 -0.64 -12.67
CA TYR A 45 5.73 -2.03 -12.39
C TYR A 45 6.95 -2.17 -11.46
N LYS A 46 6.99 -1.38 -10.41
CA LYS A 46 8.14 -1.37 -9.52
C LYS A 46 7.84 -2.13 -8.24
N GLU A 47 8.81 -2.15 -7.32
CA GLU A 47 8.66 -2.92 -6.08
C GLU A 47 7.50 -2.38 -5.23
N ASN A 48 7.36 -1.07 -5.17
CA ASN A 48 6.28 -0.45 -4.41
C ASN A 48 4.97 -0.48 -5.21
N GLY A 49 5.10 -0.68 -6.52
CA GLY A 49 3.94 -0.75 -7.39
C GLY A 49 3.36 0.61 -7.72
N ASP A 50 4.22 1.63 -7.66
CA ASP A 50 3.80 3.02 -7.92
C ASP A 50 2.91 3.56 -6.81
N VAL A 51 1.72 2.97 -6.68
CA VAL A 51 0.78 3.34 -5.65
C VAL A 51 1.34 3.02 -4.26
N HIS A 52 1.96 4.01 -3.66
CA HIS A 52 2.60 3.86 -2.37
C HIS A 52 2.02 4.88 -1.41
N VAL A 53 0.98 4.48 -0.70
CA VAL A 53 0.31 5.38 0.22
C VAL A 53 0.52 4.95 1.66
N LEU A 54 0.98 5.88 2.46
CA LEU A 54 1.24 5.62 3.87
C LEU A 54 0.01 5.99 4.67
N THR A 55 -0.60 4.98 5.28
CA THR A 55 -1.86 5.17 5.98
C THR A 55 -1.82 4.52 7.35
N ILE A 56 -2.97 4.46 8.01
CA ILE A 56 -3.07 3.89 9.34
C ILE A 56 -3.69 2.49 9.29
N CYS A 57 -2.99 1.54 9.91
CA CYS A 57 -3.44 0.15 9.93
C CYS A 57 -4.57 -0.04 10.93
N GLU A 58 -5.21 -1.20 10.89
CA GLU A 58 -6.29 -1.52 11.82
C GLU A 58 -5.83 -1.33 13.26
N ASP A 59 -4.60 -1.77 13.54
CA ASP A 59 -4.04 -1.65 14.87
C ASP A 59 -3.93 -0.18 15.30
N CYS A 60 -3.38 0.64 14.42
CA CYS A 60 -3.27 2.07 14.65
C CYS A 60 -4.65 2.70 14.81
N GLN A 61 -5.51 2.45 13.82
CA GLN A 61 -6.87 2.97 13.80
C GLN A 61 -7.63 2.61 15.07
N GLU A 62 -7.36 1.43 15.62
CA GLU A 62 -8.04 0.98 16.81
C GLU A 62 -7.65 1.81 18.03
N ALA A 63 -6.35 2.05 18.19
CA ALA A 63 -5.87 2.85 19.30
C ALA A 63 -6.34 4.28 19.12
N LEU A 64 -6.42 4.63 17.85
CA LEU A 64 -6.87 5.92 17.41
C LEU A 64 -8.33 6.16 17.76
N ASP A 65 -9.17 5.26 17.25
CA ASP A 65 -10.61 5.32 17.44
C ASP A 65 -10.97 5.32 18.92
N ARG A 66 -10.22 4.55 19.72
CA ARG A 66 -10.42 4.54 21.16
C ARG A 66 -10.15 5.92 21.74
N ASN A 67 -8.92 6.38 21.62
CA ASN A 67 -8.55 7.71 22.08
C ASN A 67 -7.24 8.14 21.43
N PRO A 68 -7.24 9.33 20.79
CA PRO A 68 -6.07 9.87 20.07
C PRO A 68 -4.79 9.91 20.91
N HIS A 69 -4.95 9.91 22.24
CA HIS A 69 -3.80 9.94 23.13
C HIS A 69 -3.28 8.53 23.36
N TYR A 70 -2.78 7.93 22.27
CA TYR A 70 -2.22 6.59 22.32
C TYR A 70 -0.73 6.64 22.65
N HIS A 71 -0.32 7.74 23.27
CA HIS A 71 1.08 8.01 23.60
C HIS A 71 1.86 8.52 22.39
N GLU A 72 1.74 9.83 22.16
CA GLU A 72 2.49 10.48 21.10
C GLU A 72 3.95 10.68 21.54
N TYR A 73 4.80 9.78 21.08
CA TYR A 73 6.20 9.77 21.48
C TYR A 73 6.96 11.00 20.98
N HIS A 74 6.71 11.41 19.74
CA HIS A 74 7.46 12.49 19.10
C HIS A 74 8.95 12.16 19.05
N THR A 75 9.36 11.45 18.03
CA THR A 75 10.76 11.10 17.87
C THR A 75 11.11 11.04 16.37
N GLN A 1 -11.92 -3.16 -10.14
CA GLN A 1 -10.76 -2.74 -9.32
C GLN A 1 -11.06 -2.90 -7.83
N SER A 2 -10.94 -4.12 -7.33
CA SER A 2 -11.08 -4.36 -5.90
C SER A 2 -9.82 -3.91 -5.17
N MET A 3 -8.71 -3.97 -5.87
CA MET A 3 -7.44 -3.48 -5.35
C MET A 3 -6.77 -2.60 -6.38
N ALA A 4 -6.08 -1.59 -5.91
CA ALA A 4 -5.41 -0.65 -6.78
C ALA A 4 -4.09 -0.19 -6.19
N LEU A 5 -4.18 0.59 -5.14
CA LEU A 5 -3.01 1.17 -4.51
C LEU A 5 -2.47 0.27 -3.42
N HIS A 6 -1.18 0.40 -3.14
CA HIS A 6 -0.56 -0.38 -2.09
C HIS A 6 -0.55 0.43 -0.80
N TYR A 7 -1.15 -0.13 0.21
CA TYR A 7 -1.23 0.53 1.51
C TYR A 7 -0.11 0.05 2.42
N TYR A 8 0.61 0.99 2.98
CA TYR A 8 1.63 0.68 3.97
C TYR A 8 1.43 1.59 5.18
N CYS A 9 1.50 1.04 6.38
CA CYS A 9 1.11 1.79 7.55
C CYS A 9 2.19 2.76 8.03
N ARG A 10 1.71 3.93 8.39
CA ARG A 10 2.48 4.90 9.13
C ARG A 10 3.02 4.26 10.41
N HIS A 11 4.34 4.18 10.50
CA HIS A 11 5.05 3.71 11.70
C HIS A 11 5.16 2.19 11.72
N CYS A 12 4.05 1.49 11.52
CA CYS A 12 4.09 0.04 11.50
C CYS A 12 4.80 -0.48 10.27
N GLY A 13 4.56 0.16 9.15
CA GLY A 13 5.09 -0.30 7.88
C GLY A 13 4.29 -1.46 7.33
N VAL A 14 3.20 -1.79 8.01
CA VAL A 14 2.38 -2.92 7.62
C VAL A 14 1.62 -2.67 6.34
N LYS A 15 1.64 -3.67 5.47
CA LYS A 15 0.94 -3.60 4.21
C LYS A 15 -0.57 -3.72 4.45
N VAL A 16 -1.24 -2.58 4.58
CA VAL A 16 -2.67 -2.58 4.88
C VAL A 16 -3.47 -3.01 3.65
N GLY A 17 -2.85 -2.87 2.49
CA GLY A 17 -3.53 -3.17 1.25
C GLY A 17 -2.95 -4.38 0.54
N SER A 18 -2.27 -5.23 1.28
CA SER A 18 -1.73 -6.45 0.72
C SER A 18 -1.69 -7.54 1.77
N LEU A 19 -2.86 -8.09 2.03
CA LEU A 19 -3.02 -9.18 2.98
C LEU A 19 -3.95 -10.23 2.40
N GLU A 20 -4.80 -9.78 1.51
CA GLU A 20 -5.75 -10.62 0.80
C GLU A 20 -5.22 -10.94 -0.60
N SER A 21 -4.35 -10.06 -1.08
CA SER A 21 -3.76 -10.16 -2.40
C SER A 21 -2.64 -11.19 -2.42
N SER A 22 -2.11 -11.48 -1.24
CA SER A 22 -1.00 -12.41 -1.08
C SER A 22 -1.28 -13.75 -1.75
N MET A 23 -2.54 -14.20 -1.70
CA MET A 23 -2.89 -15.51 -2.23
C MET A 23 -3.67 -15.36 -3.53
N VAL A 24 -3.57 -14.18 -4.09
CA VAL A 24 -4.26 -13.86 -5.32
C VAL A 24 -3.25 -13.60 -6.44
N SER A 25 -3.43 -14.27 -7.56
CA SER A 25 -2.52 -14.11 -8.69
C SER A 25 -2.64 -12.71 -9.29
N THR A 26 -1.57 -11.92 -9.17
CA THR A 26 -1.55 -10.56 -9.66
C THR A 26 -1.82 -10.53 -11.16
N ASP A 27 -2.92 -9.89 -11.54
CA ASP A 27 -3.34 -9.83 -12.95
C ASP A 27 -2.87 -8.53 -13.57
N SER A 28 -2.62 -7.54 -12.72
CA SER A 28 -2.22 -6.22 -13.16
C SER A 28 -0.84 -6.26 -13.81
N LEU A 29 0.21 -6.09 -13.00
CA LEU A 29 1.59 -6.14 -13.46
C LEU A 29 1.91 -5.03 -14.46
N GLY A 30 3.18 -4.71 -14.57
CA GLY A 30 3.63 -3.76 -15.57
C GLY A 30 3.91 -4.44 -16.90
N PHE A 31 3.28 -5.58 -17.13
CA PHE A 31 3.45 -6.32 -18.36
C PHE A 31 2.24 -7.23 -18.55
N GLN A 32 2.13 -7.79 -19.74
CA GLN A 32 0.96 -8.59 -20.08
C GLN A 32 1.23 -10.08 -19.86
N HIS A 33 2.38 -10.54 -20.35
CA HIS A 33 2.80 -11.93 -20.18
C HIS A 33 4.20 -12.08 -20.75
N LEU A 34 5.10 -11.27 -20.23
CA LEU A 34 6.47 -11.24 -20.70
C LEU A 34 7.25 -12.38 -20.07
N THR A 35 8.54 -12.45 -20.34
CA THR A 35 9.36 -13.55 -19.88
C THR A 35 9.53 -13.57 -18.36
N ASN A 36 10.11 -14.66 -17.87
CA ASN A 36 10.36 -14.81 -16.45
C ASN A 36 11.26 -13.69 -15.96
N GLU A 37 12.24 -13.36 -16.78
CA GLU A 37 13.24 -12.36 -16.43
C GLU A 37 12.60 -10.99 -16.20
N GLU A 38 11.45 -10.74 -16.83
CA GLU A 38 10.75 -9.49 -16.66
C GLU A 38 10.15 -9.39 -15.25
N ARG A 39 9.50 -10.46 -14.81
CA ARG A 39 8.86 -10.46 -13.51
C ARG A 39 9.88 -10.61 -12.40
N ASN A 40 11.00 -11.23 -12.70
CA ASN A 40 12.09 -11.35 -11.74
C ASN A 40 12.77 -10.00 -11.55
N ASP A 41 12.93 -9.26 -12.64
CA ASP A 41 13.59 -7.95 -12.58
C ASP A 41 12.66 -6.88 -12.05
N MET A 42 11.52 -6.69 -12.72
CA MET A 42 10.61 -5.61 -12.38
C MET A 42 9.67 -6.02 -11.24
N ILE A 43 9.76 -7.29 -10.85
CA ILE A 43 8.96 -7.85 -9.75
C ILE A 43 7.48 -7.96 -10.15
N SER A 44 6.80 -6.82 -10.18
CA SER A 44 5.40 -6.77 -10.57
C SER A 44 5.11 -5.43 -11.20
N TYR A 45 5.24 -4.37 -10.39
CA TYR A 45 5.01 -2.99 -10.81
C TYR A 45 3.55 -2.74 -11.14
N LYS A 46 3.00 -1.69 -10.56
CA LYS A 46 1.65 -1.28 -10.89
C LYS A 46 1.65 -0.28 -12.03
N GLU A 47 0.93 -0.62 -13.09
CA GLU A 47 0.82 0.21 -14.28
C GLU A 47 0.15 1.55 -13.97
N ASN A 48 -0.43 1.65 -12.77
CA ASN A 48 -1.11 2.86 -12.32
C ASN A 48 -0.12 3.95 -11.93
N GLY A 49 1.12 3.83 -12.40
CA GLY A 49 2.14 4.82 -12.11
C GLY A 49 2.82 4.56 -10.79
N ASP A 50 2.81 3.29 -10.37
CA ASP A 50 3.31 2.87 -9.06
C ASP A 50 2.51 3.53 -7.94
N VAL A 51 1.78 2.72 -7.20
CA VAL A 51 0.87 3.23 -6.21
C VAL A 51 1.29 2.85 -4.80
N HIS A 52 2.02 3.75 -4.17
CA HIS A 52 2.57 3.55 -2.84
C HIS A 52 2.02 4.62 -1.90
N VAL A 53 1.06 4.24 -1.08
CA VAL A 53 0.44 5.18 -0.16
C VAL A 53 0.63 4.77 1.29
N LEU A 54 0.84 5.77 2.14
CA LEU A 54 0.99 5.54 3.56
C LEU A 54 -0.29 5.92 4.29
N THR A 55 -0.74 5.05 5.18
CA THR A 55 -1.97 5.28 5.89
C THR A 55 -1.94 4.59 7.24
N ILE A 56 -3.02 4.72 8.00
CA ILE A 56 -3.12 4.10 9.31
C ILE A 56 -3.76 2.72 9.19
N CYS A 57 -3.11 1.72 9.77
CA CYS A 57 -3.64 0.36 9.76
C CYS A 57 -4.83 0.26 10.71
N GLU A 58 -5.63 -0.79 10.56
CA GLU A 58 -6.82 -0.97 11.39
C GLU A 58 -6.44 -0.91 12.87
N ASP A 59 -5.31 -1.50 13.21
CA ASP A 59 -4.82 -1.51 14.58
C ASP A 59 -4.52 -0.10 15.08
N CYS A 60 -3.81 0.68 14.26
CA CYS A 60 -3.56 2.08 14.57
C CYS A 60 -4.88 2.81 14.76
N GLN A 61 -5.77 2.64 13.78
CA GLN A 61 -7.12 3.20 13.82
C GLN A 61 -7.83 2.84 15.11
N GLU A 62 -7.70 1.59 15.51
CA GLU A 62 -8.37 1.11 16.70
C GLU A 62 -7.81 1.73 17.95
N ALA A 63 -6.49 1.76 18.05
CA ALA A 63 -5.81 2.31 19.21
C ALA A 63 -6.07 3.79 19.26
N LEU A 64 -6.18 4.35 18.09
CA LEU A 64 -6.44 5.74 17.89
C LEU A 64 -7.78 6.16 18.50
N ASP A 65 -8.83 5.49 18.07
CA ASP A 65 -10.16 5.78 18.57
C ASP A 65 -10.30 5.41 20.04
N ARG A 66 -9.57 4.38 20.45
CA ARG A 66 -9.60 3.94 21.85
C ARG A 66 -8.84 4.92 22.74
N ASN A 67 -7.66 5.31 22.32
CA ASN A 67 -6.80 6.20 23.09
C ASN A 67 -6.13 7.23 22.18
N PRO A 68 -6.52 8.50 22.30
CA PRO A 68 -5.93 9.60 21.53
C PRO A 68 -4.44 9.77 21.81
N HIS A 69 -4.01 9.26 22.96
CA HIS A 69 -2.62 9.33 23.37
C HIS A 69 -1.90 8.03 22.98
N TYR A 70 -2.04 7.67 21.70
CA TYR A 70 -1.53 6.40 21.18
C TYR A 70 -0.04 6.23 21.48
N HIS A 71 0.26 5.24 22.30
CA HIS A 71 1.64 4.92 22.66
C HIS A 71 2.38 4.32 21.46
N GLU A 72 3.28 5.09 20.88
CA GLU A 72 4.05 4.61 19.73
C GLU A 72 5.54 4.67 20.00
N TYR A 73 5.90 5.02 21.24
CA TYR A 73 7.29 5.13 21.66
C TYR A 73 7.97 6.32 20.99
N HIS A 74 8.30 6.16 19.71
CA HIS A 74 8.93 7.22 18.90
C HIS A 74 10.26 7.65 19.49
N THR A 75 11.34 7.06 19.02
CA THR A 75 12.67 7.41 19.47
C THR A 75 13.01 8.84 19.07
N GLN A 1 -7.37 -9.17 -8.23
CA GLN A 1 -7.33 -7.81 -8.80
C GLN A 1 -8.11 -6.84 -7.94
N SER A 2 -7.70 -6.70 -6.68
CA SER A 2 -8.43 -5.87 -5.75
C SER A 2 -7.54 -4.77 -5.18
N MET A 3 -6.74 -4.16 -6.04
CA MET A 3 -5.81 -3.12 -5.61
C MET A 3 -5.57 -2.11 -6.72
N ALA A 4 -5.10 -0.94 -6.33
CA ALA A 4 -4.73 0.10 -7.28
C ALA A 4 -3.46 0.80 -6.80
N LEU A 5 -3.50 1.23 -5.56
CA LEU A 5 -2.35 1.83 -4.89
C LEU A 5 -1.88 0.88 -3.81
N HIS A 6 -0.62 0.98 -3.43
CA HIS A 6 -0.11 0.14 -2.39
C HIS A 6 -0.33 0.81 -1.06
N TYR A 7 -1.03 0.12 -0.20
CA TYR A 7 -1.37 0.62 1.12
C TYR A 7 -0.35 0.15 2.12
N TYR A 8 0.36 1.08 2.72
CA TYR A 8 1.27 0.76 3.79
C TYR A 8 0.90 1.50 5.04
N CYS A 9 1.08 0.83 6.16
CA CYS A 9 0.63 1.32 7.43
C CYS A 9 1.59 2.33 8.03
N ARG A 10 1.06 3.50 8.27
CA ARG A 10 1.73 4.48 9.08
C ARG A 10 1.95 3.93 10.49
N HIS A 11 3.19 3.96 10.92
CA HIS A 11 3.59 3.70 12.32
C HIS A 11 3.78 2.21 12.63
N CYS A 12 2.75 1.38 12.45
CA CYS A 12 2.86 -0.02 12.90
C CYS A 12 3.61 -0.86 11.87
N GLY A 13 3.64 -0.40 10.62
CA GLY A 13 4.45 -1.02 9.59
C GLY A 13 3.80 -2.23 8.92
N VAL A 14 2.48 -2.31 8.97
CA VAL A 14 1.78 -3.42 8.33
C VAL A 14 1.33 -3.09 6.92
N LYS A 15 1.51 -4.03 6.01
CA LYS A 15 1.15 -3.84 4.62
C LYS A 15 -0.35 -4.05 4.45
N VAL A 16 -1.08 -2.95 4.24
CA VAL A 16 -2.53 -3.01 4.14
C VAL A 16 -3.00 -3.15 2.70
N GLY A 17 -2.07 -3.11 1.76
CA GLY A 17 -2.44 -3.19 0.36
C GLY A 17 -2.23 -4.57 -0.23
N SER A 18 -1.86 -5.51 0.62
CA SER A 18 -1.56 -6.86 0.16
C SER A 18 -2.34 -7.88 0.97
N LEU A 19 -3.56 -8.15 0.56
CA LEU A 19 -4.38 -9.16 1.21
C LEU A 19 -4.61 -10.32 0.27
N GLU A 20 -4.38 -10.05 -1.00
CA GLU A 20 -4.54 -11.05 -2.05
C GLU A 20 -3.33 -11.97 -2.11
N SER A 21 -3.17 -12.79 -1.09
CA SER A 21 -2.09 -13.76 -1.04
C SER A 21 -2.66 -15.17 -0.89
N SER A 22 -1.81 -16.18 -1.01
CA SER A 22 -2.21 -17.59 -0.91
C SER A 22 -2.95 -18.04 -2.17
N MET A 23 -3.75 -17.15 -2.74
CA MET A 23 -4.49 -17.43 -3.96
C MET A 23 -3.67 -17.05 -5.20
N VAL A 24 -2.40 -16.81 -4.98
CA VAL A 24 -1.50 -16.41 -6.06
C VAL A 24 -0.11 -17.02 -5.83
N SER A 25 0.44 -17.64 -6.88
CA SER A 25 1.77 -18.22 -6.80
C SER A 25 2.68 -17.53 -7.80
N THR A 26 2.22 -16.38 -8.27
CA THR A 26 2.98 -15.58 -9.21
C THR A 26 3.02 -14.12 -8.75
N ASP A 27 4.01 -13.80 -7.94
CA ASP A 27 4.22 -12.43 -7.49
C ASP A 27 5.17 -11.74 -8.45
N SER A 28 6.08 -12.53 -9.00
CA SER A 28 7.01 -12.06 -10.00
C SER A 28 6.26 -11.70 -11.27
N LEU A 29 6.07 -10.39 -11.48
CA LEU A 29 5.27 -9.87 -12.59
C LEU A 29 3.83 -10.30 -12.46
N GLY A 30 3.04 -9.41 -11.90
CA GLY A 30 1.68 -9.75 -11.54
C GLY A 30 0.68 -9.38 -12.61
N PHE A 31 0.59 -10.21 -13.63
CA PHE A 31 -0.43 -10.06 -14.66
C PHE A 31 -0.82 -11.43 -15.16
N GLN A 32 -1.56 -11.46 -16.26
CA GLN A 32 -2.07 -12.72 -16.76
C GLN A 32 -1.95 -12.80 -18.28
N HIS A 33 -2.37 -11.73 -18.94
CA HIS A 33 -2.25 -11.63 -20.38
C HIS A 33 -2.44 -10.18 -20.81
N LEU A 34 -1.34 -9.54 -21.12
CA LEU A 34 -1.38 -8.12 -21.44
C LEU A 34 -0.58 -7.86 -22.72
N THR A 35 -0.93 -6.80 -23.43
CA THR A 35 -0.27 -6.47 -24.69
C THR A 35 0.19 -5.01 -24.71
N ASN A 36 -0.74 -4.09 -25.01
CA ASN A 36 -0.44 -2.67 -24.93
C ASN A 36 -0.59 -2.25 -23.48
N GLU A 37 -1.38 -3.03 -22.76
CA GLU A 37 -1.54 -2.89 -21.33
C GLU A 37 -0.24 -3.26 -20.66
N GLU A 38 0.33 -4.33 -21.17
CA GLU A 38 1.65 -4.81 -20.73
C GLU A 38 2.66 -3.66 -20.70
N ARG A 39 2.62 -2.85 -21.75
CA ARG A 39 3.52 -1.71 -21.87
C ARG A 39 3.24 -0.66 -20.79
N ASN A 40 1.97 -0.38 -20.57
CA ASN A 40 1.57 0.67 -19.63
C ASN A 40 1.66 0.20 -18.17
N ASP A 41 1.22 -1.02 -17.92
CA ASP A 41 1.15 -1.57 -16.57
C ASP A 41 2.54 -1.85 -16.01
N MET A 42 3.49 -2.14 -16.89
CA MET A 42 4.85 -2.42 -16.46
C MET A 42 5.60 -1.12 -16.15
N ILE A 43 4.85 -0.06 -15.86
CA ILE A 43 5.43 1.21 -15.51
C ILE A 43 5.23 1.51 -14.03
N SER A 44 4.01 1.85 -13.67
CA SER A 44 3.70 2.27 -12.31
C SER A 44 2.93 1.18 -11.56
N TYR A 45 2.42 0.22 -12.31
CA TYR A 45 1.63 -0.86 -11.73
C TYR A 45 2.53 -2.00 -11.22
N LYS A 46 3.76 -2.04 -11.71
CA LYS A 46 4.67 -3.14 -11.40
C LYS A 46 5.19 -3.06 -9.96
N GLU A 47 6.02 -4.04 -9.59
CA GLU A 47 6.43 -4.26 -8.21
C GLU A 47 7.35 -3.16 -7.67
N ASN A 48 7.83 -2.28 -8.53
CA ASN A 48 8.67 -1.16 -8.09
C ASN A 48 7.92 -0.32 -7.06
N GLY A 49 6.59 -0.43 -7.08
CA GLY A 49 5.77 0.10 -6.02
C GLY A 49 5.02 1.36 -6.38
N ASP A 50 5.65 2.24 -7.16
CA ASP A 50 5.10 3.56 -7.57
C ASP A 50 4.02 4.10 -6.63
N VAL A 51 2.77 3.67 -6.83
CA VAL A 51 1.67 4.04 -5.98
C VAL A 51 1.89 3.55 -4.55
N HIS A 52 2.45 4.42 -3.72
CA HIS A 52 2.79 4.08 -2.35
C HIS A 52 2.14 5.08 -1.40
N VAL A 53 1.10 4.65 -0.71
CA VAL A 53 0.37 5.52 0.19
C VAL A 53 0.42 5.02 1.63
N LEU A 54 0.62 5.94 2.55
CA LEU A 54 0.60 5.62 3.98
C LEU A 54 -0.78 5.86 4.53
N THR A 55 -1.45 4.81 4.96
CA THR A 55 -2.81 4.91 5.43
C THR A 55 -2.94 4.33 6.83
N ILE A 56 -4.12 4.50 7.42
CA ILE A 56 -4.41 3.98 8.74
C ILE A 56 -4.88 2.54 8.64
N CYS A 57 -4.05 1.63 9.17
CA CYS A 57 -4.42 0.24 9.26
C CYS A 57 -5.38 0.07 10.44
N GLU A 58 -5.88 -1.12 10.69
CA GLU A 58 -6.78 -1.32 11.81
C GLU A 58 -6.04 -1.12 13.14
N ASP A 59 -4.75 -1.43 13.16
CA ASP A 59 -3.94 -1.18 14.35
C ASP A 59 -3.73 0.31 14.53
N CYS A 60 -3.58 1.02 13.41
CA CYS A 60 -3.54 2.48 13.42
C CYS A 60 -4.87 3.00 13.97
N GLN A 61 -5.94 2.50 13.39
CA GLN A 61 -7.32 2.79 13.81
C GLN A 61 -7.49 2.58 15.31
N GLU A 62 -6.81 1.58 15.85
CA GLU A 62 -6.91 1.27 17.25
C GLU A 62 -6.13 2.26 18.09
N ALA A 63 -4.94 2.62 17.62
CA ALA A 63 -4.13 3.62 18.26
C ALA A 63 -4.90 4.91 18.29
N LEU A 64 -5.71 5.07 17.26
CA LEU A 64 -6.58 6.20 17.11
C LEU A 64 -7.71 6.19 18.13
N ASP A 65 -8.47 5.12 18.05
CA ASP A 65 -9.64 4.92 18.91
C ASP A 65 -9.25 4.87 20.40
N ARG A 66 -8.16 4.19 20.71
CA ARG A 66 -7.71 4.08 22.10
C ARG A 66 -7.19 5.41 22.61
N ASN A 67 -6.12 5.90 22.00
CA ASN A 67 -5.49 7.13 22.45
C ASN A 67 -5.81 8.26 21.49
N PRO A 68 -6.48 9.33 21.96
CA PRO A 68 -6.90 10.47 21.12
C PRO A 68 -5.72 11.30 20.59
N HIS A 69 -4.81 10.66 19.89
CA HIS A 69 -3.70 11.35 19.25
C HIS A 69 -3.68 10.98 17.78
N TYR A 70 -4.41 11.75 17.00
CA TYR A 70 -4.58 11.48 15.58
C TYR A 70 -4.66 12.81 14.85
N HIS A 71 -4.81 12.77 13.54
CA HIS A 71 -4.92 13.99 12.74
C HIS A 71 -6.33 14.54 12.82
N GLU A 72 -6.63 15.20 13.92
CA GLU A 72 -7.93 15.79 14.15
C GLU A 72 -8.21 16.89 13.14
N TYR A 73 -9.16 16.63 12.26
CA TYR A 73 -9.53 17.57 11.22
C TYR A 73 -10.41 18.67 11.79
N HIS A 74 -11.15 18.33 12.84
CA HIS A 74 -12.05 19.28 13.49
C HIS A 74 -12.42 18.78 14.88
N THR A 75 -11.79 19.35 15.89
CA THR A 75 -12.10 19.02 17.27
C THR A 75 -12.04 20.27 18.13
N GLN A 1 -10.03 -3.45 -1.85
CA GLN A 1 -10.03 -2.05 -1.37
C GLN A 1 -8.61 -1.54 -1.22
N SER A 2 -7.67 -2.13 -1.97
CA SER A 2 -6.27 -1.74 -1.88
C SER A 2 -5.54 -2.03 -3.19
N MET A 3 -6.25 -1.89 -4.30
CA MET A 3 -5.64 -2.05 -5.61
C MET A 3 -5.39 -0.68 -6.23
N ALA A 4 -4.52 -0.64 -7.24
CA ALA A 4 -4.11 0.60 -7.90
C ALA A 4 -3.15 1.39 -7.01
N LEU A 5 -3.62 1.77 -5.84
CA LEU A 5 -2.77 2.40 -4.85
C LEU A 5 -2.30 1.34 -3.88
N HIS A 6 -1.21 1.60 -3.22
CA HIS A 6 -0.59 0.59 -2.36
C HIS A 6 -0.71 1.01 -0.92
N TYR A 7 -1.15 0.10 -0.11
CA TYR A 7 -1.45 0.41 1.27
C TYR A 7 -0.35 -0.07 2.19
N TYR A 8 0.41 0.88 2.68
CA TYR A 8 1.40 0.62 3.71
C TYR A 8 1.02 1.38 4.95
N CYS A 9 1.15 0.72 6.07
CA CYS A 9 0.77 1.31 7.33
C CYS A 9 1.74 2.37 7.79
N ARG A 10 1.20 3.53 8.11
CA ARG A 10 1.94 4.52 8.87
C ARG A 10 1.93 4.12 10.35
N HIS A 11 3.13 3.92 10.90
CA HIS A 11 3.38 3.64 12.33
C HIS A 11 3.70 2.16 12.58
N CYS A 12 2.75 1.26 12.32
CA CYS A 12 2.98 -0.16 12.65
C CYS A 12 3.81 -0.84 11.56
N GLY A 13 3.88 -0.22 10.37
CA GLY A 13 4.78 -0.70 9.33
C GLY A 13 4.27 -1.95 8.63
N VAL A 14 2.98 -2.22 8.76
CA VAL A 14 2.37 -3.36 8.12
C VAL A 14 1.77 -3.02 6.77
N LYS A 15 1.89 -3.95 5.84
CA LYS A 15 1.35 -3.80 4.51
C LYS A 15 -0.14 -4.12 4.51
N VAL A 16 -0.99 -3.11 4.30
CA VAL A 16 -2.42 -3.29 4.47
C VAL A 16 -3.10 -3.76 3.18
N GLY A 17 -2.41 -3.60 2.06
CA GLY A 17 -3.01 -3.95 0.79
C GLY A 17 -2.55 -5.30 0.31
N SER A 18 -1.25 -5.44 0.18
CA SER A 18 -0.64 -6.68 -0.25
C SER A 18 -0.12 -7.46 0.95
N LEU A 19 -0.67 -8.64 1.17
CA LEU A 19 -0.27 -9.49 2.26
C LEU A 19 0.47 -10.70 1.74
N GLU A 20 0.37 -10.90 0.44
CA GLU A 20 1.01 -12.01 -0.22
C GLU A 20 2.47 -11.72 -0.52
N SER A 21 3.34 -12.68 -0.20
CA SER A 21 4.74 -12.58 -0.58
C SER A 21 5.10 -13.67 -1.58
N SER A 22 4.25 -14.68 -1.71
CA SER A 22 4.48 -15.75 -2.67
C SER A 22 4.39 -15.24 -4.10
N MET A 23 3.20 -14.77 -4.49
CA MET A 23 3.02 -14.16 -5.79
C MET A 23 2.82 -12.66 -5.60
N VAL A 24 3.93 -11.96 -5.59
CA VAL A 24 3.93 -10.54 -5.27
C VAL A 24 4.56 -9.71 -6.39
N SER A 25 4.86 -10.36 -7.51
CA SER A 25 5.45 -9.67 -8.65
C SER A 25 4.44 -8.68 -9.25
N THR A 26 3.17 -8.92 -8.97
CA THR A 26 2.10 -8.05 -9.44
C THR A 26 1.99 -6.79 -8.57
N ASP A 27 2.74 -6.78 -7.47
CA ASP A 27 2.67 -5.68 -6.52
C ASP A 27 3.82 -4.74 -6.80
N SER A 28 4.77 -5.25 -7.56
CA SER A 28 6.00 -4.54 -7.81
C SER A 28 6.68 -5.04 -9.08
N LEU A 29 6.50 -4.30 -10.16
CA LEU A 29 7.11 -4.59 -11.45
C LEU A 29 6.55 -5.86 -12.06
N GLY A 30 5.55 -5.68 -12.90
CA GLY A 30 4.90 -6.79 -13.54
C GLY A 30 5.19 -6.84 -15.02
N PHE A 31 6.40 -7.26 -15.36
CA PHE A 31 6.80 -7.37 -16.74
C PHE A 31 6.38 -8.72 -17.30
N GLN A 32 6.93 -9.07 -18.43
CA GLN A 32 6.65 -10.36 -19.07
C GLN A 32 7.96 -11.01 -19.46
N HIS A 33 8.63 -10.40 -20.42
CA HIS A 33 9.92 -10.86 -20.88
C HIS A 33 11.04 -10.08 -20.19
N LEU A 34 11.57 -10.62 -19.10
CA LEU A 34 12.66 -9.92 -18.42
C LEU A 34 13.65 -10.86 -17.75
N THR A 35 14.87 -10.37 -17.73
CA THR A 35 15.97 -10.95 -17.02
C THR A 35 16.81 -9.80 -16.47
N ASN A 36 18.06 -10.03 -16.12
CA ASN A 36 18.91 -8.98 -15.54
C ASN A 36 18.90 -7.72 -16.41
N GLU A 37 19.06 -7.89 -17.70
CA GLU A 37 19.14 -6.75 -18.61
C GLU A 37 17.78 -6.05 -18.77
N GLU A 38 16.69 -6.82 -18.84
CA GLU A 38 15.38 -6.24 -19.06
C GLU A 38 14.88 -5.59 -17.77
N ARG A 39 15.34 -6.12 -16.65
CA ARG A 39 14.96 -5.62 -15.34
C ARG A 39 15.31 -4.14 -15.21
N ASN A 40 16.51 -3.77 -15.64
CA ASN A 40 16.97 -2.39 -15.58
C ASN A 40 16.38 -1.56 -16.72
N ASP A 41 16.28 -2.16 -17.90
CA ASP A 41 15.87 -1.44 -19.10
C ASP A 41 14.37 -1.19 -19.13
N MET A 42 13.60 -2.18 -18.73
CA MET A 42 12.14 -2.09 -18.80
C MET A 42 11.56 -1.29 -17.65
N ILE A 43 12.26 -1.27 -16.52
CA ILE A 43 11.75 -0.54 -15.36
C ILE A 43 11.62 0.94 -15.66
N SER A 44 10.50 1.49 -15.28
CA SER A 44 10.21 2.89 -15.46
C SER A 44 9.01 3.26 -14.61
N TYR A 45 9.16 3.03 -13.30
CA TYR A 45 8.08 3.17 -12.34
C TYR A 45 7.13 1.98 -12.47
N LYS A 46 6.18 1.87 -11.56
CA LYS A 46 5.23 0.77 -11.61
C LYS A 46 4.22 0.98 -12.75
N GLU A 47 4.02 -0.08 -13.52
CA GLU A 47 3.32 -0.02 -14.80
C GLU A 47 1.87 0.45 -14.67
N ASN A 48 1.27 0.28 -13.51
CA ASN A 48 -0.16 0.53 -13.36
C ASN A 48 -0.46 1.97 -13.00
N GLY A 49 0.58 2.79 -12.89
CA GLY A 49 0.37 4.14 -12.40
C GLY A 49 0.11 4.11 -10.91
N ASP A 50 0.66 3.07 -10.28
CA ASP A 50 0.46 2.76 -8.88
C ASP A 50 0.68 3.96 -7.96
N VAL A 51 0.10 3.91 -6.78
CA VAL A 51 0.23 5.00 -5.82
C VAL A 51 0.76 4.50 -4.48
N HIS A 52 1.99 4.89 -4.14
CA HIS A 52 2.56 4.49 -2.85
C HIS A 52 1.90 5.32 -1.75
N VAL A 53 1.17 4.64 -0.89
CA VAL A 53 0.28 5.29 0.06
C VAL A 53 0.53 4.83 1.49
N LEU A 54 0.77 5.79 2.39
CA LEU A 54 0.88 5.51 3.80
C LEU A 54 -0.46 5.74 4.47
N THR A 55 -1.09 4.67 4.88
CA THR A 55 -2.42 4.72 5.43
C THR A 55 -2.44 4.11 6.83
N ILE A 56 -3.47 4.43 7.59
CA ILE A 56 -3.61 3.91 8.93
C ILE A 56 -4.32 2.58 8.88
N CYS A 57 -3.59 1.53 9.25
CA CYS A 57 -4.14 0.20 9.32
C CYS A 57 -4.94 0.07 10.61
N GLU A 58 -5.78 -0.94 10.71
CA GLU A 58 -6.68 -1.08 11.85
C GLU A 58 -5.96 -0.95 13.19
N ASP A 59 -4.73 -1.47 13.26
CA ASP A 59 -3.96 -1.42 14.50
C ASP A 59 -3.74 0.01 14.97
N CYS A 60 -3.28 0.88 14.07
CA CYS A 60 -3.07 2.28 14.44
C CYS A 60 -4.42 2.99 14.55
N GLN A 61 -5.37 2.59 13.71
CA GLN A 61 -6.76 3.06 13.80
C GLN A 61 -7.38 2.81 15.17
N GLU A 62 -7.03 1.70 15.79
CA GLU A 62 -7.51 1.41 17.12
C GLU A 62 -6.74 2.21 18.15
N ALA A 63 -5.44 2.31 17.94
CA ALA A 63 -4.58 3.23 18.69
C ALA A 63 -5.18 4.62 18.62
N LEU A 64 -5.82 4.86 17.50
CA LEU A 64 -6.46 6.12 17.19
C LEU A 64 -7.71 6.32 18.02
N ASP A 65 -8.65 5.41 17.85
CA ASP A 65 -9.97 5.50 18.45
C ASP A 65 -9.91 5.31 19.97
N ARG A 66 -9.06 4.40 20.41
CA ARG A 66 -8.94 4.10 21.82
C ARG A 66 -7.51 4.31 22.30
N ASN A 67 -7.18 5.56 22.62
CA ASN A 67 -5.88 5.89 23.20
C ASN A 67 -5.65 5.14 24.52
N PRO A 68 -6.63 5.13 25.45
CA PRO A 68 -6.54 4.32 26.67
C PRO A 68 -6.40 2.84 26.34
N HIS A 69 -5.56 2.15 27.12
CA HIS A 69 -5.27 0.73 26.91
C HIS A 69 -4.42 0.50 25.68
N TYR A 70 -3.90 1.57 25.10
CA TYR A 70 -2.93 1.47 24.03
C TYR A 70 -1.70 2.29 24.39
N HIS A 71 -0.53 1.72 24.17
CA HIS A 71 0.72 2.42 24.41
C HIS A 71 0.98 3.41 23.28
N GLU A 72 0.65 4.66 23.51
CA GLU A 72 0.77 5.68 22.49
C GLU A 72 2.19 6.21 22.42
N TYR A 73 2.51 6.81 21.28
CA TYR A 73 3.82 7.39 21.04
C TYR A 73 3.68 8.71 20.32
N HIS A 74 4.77 9.44 20.20
CA HIS A 74 4.77 10.73 19.53
C HIS A 74 4.76 10.54 18.01
N THR A 75 3.69 9.93 17.52
CA THR A 75 3.54 9.69 16.10
C THR A 75 3.14 10.99 15.40
N GLN A 1 -7.82 -10.60 -8.22
CA GLN A 1 -6.69 -9.76 -7.75
C GLN A 1 -7.19 -8.62 -6.87
N SER A 2 -8.02 -7.75 -7.43
CA SER A 2 -8.54 -6.60 -6.70
C SER A 2 -7.41 -5.72 -6.17
N MET A 3 -6.58 -5.24 -7.08
CA MET A 3 -5.46 -4.38 -6.72
C MET A 3 -5.71 -2.98 -7.24
N ALA A 4 -5.25 -1.98 -6.51
CA ALA A 4 -5.42 -0.60 -6.92
C ALA A 4 -4.30 0.28 -6.37
N LEU A 5 -4.34 0.50 -5.07
CA LEU A 5 -3.30 1.27 -4.38
C LEU A 5 -2.71 0.40 -3.27
N HIS A 6 -1.50 0.73 -2.87
CA HIS A 6 -0.78 -0.11 -1.93
C HIS A 6 -0.65 0.62 -0.63
N TYR A 7 -1.17 0.05 0.42
CA TYR A 7 -1.15 0.70 1.71
C TYR A 7 -0.01 0.15 2.56
N TYR A 8 0.79 1.05 3.09
CA TYR A 8 1.84 0.69 4.01
C TYR A 8 1.72 1.58 5.23
N CYS A 9 1.62 0.99 6.41
CA CYS A 9 1.17 1.73 7.56
C CYS A 9 2.22 2.69 8.10
N ARG A 10 1.70 3.83 8.55
CA ARG A 10 2.45 4.78 9.34
C ARG A 10 2.97 4.10 10.61
N HIS A 11 4.29 3.99 10.71
CA HIS A 11 4.97 3.51 11.93
C HIS A 11 5.04 1.98 12.00
N CYS A 12 4.08 1.31 11.38
CA CYS A 12 4.09 -0.15 11.37
C CYS A 12 4.76 -0.67 10.11
N GLY A 13 4.61 0.08 9.03
CA GLY A 13 5.08 -0.38 7.74
C GLY A 13 4.21 -1.49 7.17
N VAL A 14 3.16 -1.86 7.92
CA VAL A 14 2.34 -2.99 7.54
C VAL A 14 1.51 -2.69 6.29
N LYS A 15 1.48 -3.68 5.41
CA LYS A 15 0.79 -3.55 4.15
C LYS A 15 -0.72 -3.66 4.35
N VAL A 16 -1.38 -2.50 4.48
CA VAL A 16 -2.81 -2.47 4.73
C VAL A 16 -3.59 -2.65 3.43
N GLY A 17 -2.89 -2.55 2.32
CA GLY A 17 -3.54 -2.64 1.02
C GLY A 17 -2.76 -3.53 0.08
N SER A 18 -2.34 -4.66 0.58
CA SER A 18 -1.60 -5.64 -0.20
C SER A 18 -1.60 -6.95 0.54
N LEU A 19 -2.64 -7.74 0.30
CA LEU A 19 -2.79 -9.02 0.98
C LEU A 19 -2.69 -10.14 -0.03
N GLU A 20 -2.90 -9.80 -1.28
CA GLU A 20 -2.78 -10.75 -2.37
C GLU A 20 -1.33 -10.86 -2.81
N SER A 21 -0.44 -10.90 -1.84
CA SER A 21 0.99 -11.00 -2.09
C SER A 21 1.48 -12.42 -1.86
N SER A 22 0.55 -13.25 -1.42
CA SER A 22 0.82 -14.64 -1.04
C SER A 22 1.52 -15.43 -2.14
N MET A 23 0.89 -15.52 -3.31
CA MET A 23 1.45 -16.31 -4.40
C MET A 23 2.14 -15.40 -5.40
N VAL A 24 1.86 -14.11 -5.31
CA VAL A 24 2.42 -13.14 -6.22
C VAL A 24 2.96 -11.94 -5.46
N SER A 25 4.28 -11.88 -5.34
CA SER A 25 4.94 -10.78 -4.65
C SER A 25 4.61 -9.46 -5.33
N THR A 26 3.99 -8.56 -4.57
CA THR A 26 3.52 -7.30 -5.11
C THR A 26 4.68 -6.29 -5.16
N ASP A 27 5.89 -6.81 -5.15
CA ASP A 27 7.10 -5.99 -5.26
C ASP A 27 7.48 -5.90 -6.73
N SER A 28 6.90 -6.80 -7.51
CA SER A 28 7.15 -6.89 -8.93
C SER A 28 6.81 -5.59 -9.64
N LEU A 29 7.64 -5.22 -10.60
CA LEU A 29 7.42 -4.02 -11.40
C LEU A 29 6.29 -4.25 -12.39
N GLY A 30 5.78 -3.16 -12.95
CA GLY A 30 4.60 -3.24 -13.82
C GLY A 30 4.91 -3.73 -15.21
N PHE A 31 5.46 -4.93 -15.30
CA PHE A 31 5.72 -5.56 -16.59
C PHE A 31 4.90 -6.84 -16.71
N GLN A 32 5.54 -7.96 -17.00
CA GLN A 32 4.85 -9.23 -17.07
C GLN A 32 5.52 -10.25 -16.16
N HIS A 33 6.56 -10.89 -16.67
CA HIS A 33 7.29 -11.87 -15.89
C HIS A 33 8.76 -11.47 -15.85
N LEU A 34 9.11 -10.65 -14.89
CA LEU A 34 10.46 -10.11 -14.81
C LEU A 34 11.29 -10.85 -13.77
N THR A 35 12.59 -10.66 -13.88
CA THR A 35 13.54 -11.24 -12.98
C THR A 35 14.53 -10.18 -12.52
N ASN A 36 15.60 -10.59 -11.86
CA ASN A 36 16.67 -9.67 -11.50
C ASN A 36 17.24 -9.02 -12.75
N GLU A 37 17.12 -9.72 -13.87
CA GLU A 37 17.64 -9.26 -15.14
C GLU A 37 16.74 -8.19 -15.73
N GLU A 38 15.46 -8.54 -15.86
CA GLU A 38 14.49 -7.70 -16.54
C GLU A 38 14.25 -6.40 -15.79
N ARG A 39 14.35 -6.44 -14.47
CA ARG A 39 14.15 -5.25 -13.66
C ARG A 39 15.34 -4.31 -13.79
N ASN A 40 16.49 -4.88 -14.14
CA ASN A 40 17.72 -4.11 -14.28
C ASN A 40 17.71 -3.28 -15.55
N ASP A 41 17.43 -3.92 -16.69
CA ASP A 41 17.49 -3.22 -17.97
C ASP A 41 16.24 -2.36 -18.19
N MET A 42 15.13 -2.78 -17.64
CA MET A 42 13.87 -2.05 -17.79
C MET A 42 13.53 -1.27 -16.53
N ILE A 43 14.53 -0.98 -15.70
CA ILE A 43 14.29 -0.29 -14.45
C ILE A 43 13.67 1.09 -14.70
N SER A 44 12.48 1.27 -14.16
CA SER A 44 11.77 2.52 -14.25
C SER A 44 10.71 2.57 -13.18
N TYR A 45 10.94 1.77 -12.14
CA TYR A 45 10.02 1.67 -11.01
C TYR A 45 8.64 1.20 -11.47
N LYS A 46 7.76 2.16 -11.71
CA LYS A 46 6.43 1.88 -12.23
C LYS A 46 6.06 2.96 -13.24
N GLU A 47 5.65 2.54 -14.42
CA GLU A 47 5.28 3.48 -15.48
C GLU A 47 3.98 4.21 -15.14
N ASN A 48 3.26 3.72 -14.15
CA ASN A 48 2.03 4.33 -13.70
C ASN A 48 2.29 5.30 -12.54
N GLY A 49 3.57 5.42 -12.16
CA GLY A 49 3.92 6.26 -11.04
C GLY A 49 3.90 5.50 -9.73
N ASP A 50 3.33 4.29 -9.78
CA ASP A 50 3.20 3.40 -8.62
C ASP A 50 2.19 3.93 -7.62
N VAL A 51 1.59 3.05 -6.87
CA VAL A 51 0.70 3.43 -5.80
C VAL A 51 1.30 3.05 -4.46
N HIS A 52 2.07 3.96 -3.91
CA HIS A 52 2.71 3.73 -2.63
C HIS A 52 2.07 4.63 -1.60
N VAL A 53 1.15 4.07 -0.86
CA VAL A 53 0.25 4.83 -0.03
C VAL A 53 0.50 4.55 1.44
N LEU A 54 0.83 5.58 2.20
CA LEU A 54 1.00 5.42 3.64
C LEU A 54 -0.28 5.82 4.35
N THR A 55 -0.73 4.97 5.25
CA THR A 55 -1.97 5.21 5.95
C THR A 55 -1.95 4.47 7.28
N ILE A 56 -3.06 4.53 8.00
CA ILE A 56 -3.17 3.91 9.30
C ILE A 56 -3.80 2.52 9.19
N CYS A 57 -3.12 1.53 9.77
CA CYS A 57 -3.63 0.18 9.80
C CYS A 57 -4.76 0.07 10.81
N GLU A 58 -5.54 -1.00 10.75
CA GLU A 58 -6.62 -1.20 11.70
C GLU A 58 -6.10 -1.14 13.14
N ASP A 59 -4.92 -1.70 13.36
CA ASP A 59 -4.27 -1.66 14.67
C ASP A 59 -4.11 -0.22 15.15
N CYS A 60 -3.57 0.64 14.28
CA CYS A 60 -3.43 2.06 14.61
C CYS A 60 -4.80 2.72 14.73
N GLN A 61 -5.66 2.39 13.80
CA GLN A 61 -7.06 2.84 13.78
C GLN A 61 -7.74 2.57 15.11
N GLU A 62 -7.37 1.47 15.74
CA GLU A 62 -7.96 1.09 17.01
C GLU A 62 -7.44 1.95 18.15
N ALA A 63 -6.14 2.24 18.11
CA ALA A 63 -5.55 3.13 19.11
C ALA A 63 -6.14 4.51 18.95
N LEU A 64 -6.44 4.80 17.70
CA LEU A 64 -7.05 6.05 17.29
C LEU A 64 -8.42 6.23 17.92
N ASP A 65 -9.29 5.29 17.60
CA ASP A 65 -10.65 5.27 18.11
C ASP A 65 -10.69 5.05 19.62
N ARG A 66 -9.57 4.60 20.18
CA ARG A 66 -9.48 4.29 21.60
C ARG A 66 -9.47 5.54 22.47
N ASN A 67 -8.36 6.28 22.49
CA ASN A 67 -8.22 7.41 23.42
C ASN A 67 -7.91 8.73 22.71
N PRO A 68 -6.78 8.88 21.98
CA PRO A 68 -6.37 10.18 21.44
C PRO A 68 -7.08 10.50 20.13
N HIS A 69 -6.42 11.28 19.28
CA HIS A 69 -7.02 11.72 18.04
C HIS A 69 -5.96 11.99 16.98
N TYR A 70 -6.00 11.19 15.92
CA TYR A 70 -5.15 11.40 14.77
C TYR A 70 -6.01 11.84 13.59
N HIS A 71 -7.04 11.06 13.36
CA HIS A 71 -7.98 11.34 12.29
C HIS A 71 -9.15 12.12 12.86
N GLU A 72 -9.18 13.41 12.58
CA GLU A 72 -10.19 14.31 13.12
C GLU A 72 -11.54 14.08 12.45
N TYR A 73 -12.29 13.11 12.96
CA TYR A 73 -13.62 12.83 12.44
C TYR A 73 -14.65 13.78 13.05
N HIS A 74 -14.41 14.17 14.30
CA HIS A 74 -15.28 15.09 15.03
C HIS A 74 -16.74 14.64 14.99
N THR A 75 -17.12 13.80 15.93
CA THR A 75 -18.49 13.34 16.02
C THR A 75 -19.07 13.66 17.40
N GLN A 1 -8.26 -6.31 -12.05
CA GLN A 1 -7.22 -5.53 -11.34
C GLN A 1 -7.22 -5.87 -9.87
N SER A 2 -6.09 -5.70 -9.22
CA SER A 2 -5.99 -6.01 -7.81
C SER A 2 -6.59 -4.90 -6.95
N MET A 3 -5.87 -3.79 -6.82
CA MET A 3 -6.37 -2.64 -6.08
C MET A 3 -5.89 -1.35 -6.74
N ALA A 4 -6.49 -0.23 -6.38
CA ALA A 4 -6.12 1.05 -6.96
C ALA A 4 -4.77 1.50 -6.44
N LEU A 5 -4.64 1.52 -5.12
CA LEU A 5 -3.41 1.93 -4.46
C LEU A 5 -2.99 0.88 -3.43
N HIS A 6 -1.71 0.85 -3.14
CA HIS A 6 -1.16 -0.07 -2.16
C HIS A 6 -0.91 0.65 -0.84
N TYR A 7 -1.48 0.11 0.21
CA TYR A 7 -1.39 0.72 1.53
C TYR A 7 -0.20 0.17 2.30
N TYR A 8 0.57 1.06 2.91
CA TYR A 8 1.66 0.70 3.80
C TYR A 8 1.55 1.54 5.06
N CYS A 9 1.52 0.91 6.22
CA CYS A 9 1.13 1.61 7.42
C CYS A 9 2.19 2.54 7.96
N ARG A 10 1.69 3.68 8.42
CA ARG A 10 2.46 4.63 9.19
C ARG A 10 2.86 4.01 10.53
N HIS A 11 4.17 3.89 10.73
CA HIS A 11 4.76 3.49 12.02
C HIS A 11 4.71 1.96 12.18
N CYS A 12 4.29 1.26 11.15
CA CYS A 12 4.23 -0.19 11.19
C CYS A 12 4.93 -0.81 9.98
N GLY A 13 4.73 -0.17 8.83
CA GLY A 13 5.26 -0.71 7.60
C GLY A 13 4.38 -1.81 7.04
N VAL A 14 3.30 -2.13 7.75
CA VAL A 14 2.42 -3.20 7.33
C VAL A 14 1.60 -2.81 6.12
N LYS A 15 1.59 -3.71 5.15
CA LYS A 15 0.85 -3.53 3.91
C LYS A 15 -0.64 -3.66 4.18
N VAL A 16 -1.32 -2.55 4.40
CA VAL A 16 -2.74 -2.58 4.74
C VAL A 16 -3.58 -2.76 3.48
N GLY A 17 -2.93 -2.60 2.34
CA GLY A 17 -3.63 -2.73 1.08
C GLY A 17 -2.85 -3.57 0.11
N SER A 18 -3.25 -4.83 -0.02
CA SER A 18 -2.62 -5.80 -0.90
C SER A 18 -1.28 -6.27 -0.34
N LEU A 19 -1.26 -7.50 0.14
CA LEU A 19 -0.03 -8.10 0.63
C LEU A 19 0.33 -9.27 -0.26
N GLU A 20 -0.67 -9.73 -1.00
CA GLU A 20 -0.49 -10.77 -1.99
C GLU A 20 -0.34 -10.12 -3.36
N SER A 21 0.18 -10.89 -4.32
CA SER A 21 0.35 -10.42 -5.70
C SER A 21 1.45 -9.36 -5.82
N SER A 22 2.15 -9.15 -4.72
CA SER A 22 3.19 -8.13 -4.64
C SER A 22 4.39 -8.47 -5.50
N MET A 23 4.79 -9.74 -5.50
CA MET A 23 5.95 -10.15 -6.29
C MET A 23 5.54 -11.21 -7.30
N VAL A 24 4.24 -11.47 -7.33
CA VAL A 24 3.67 -12.41 -8.28
C VAL A 24 3.81 -11.85 -9.70
N SER A 25 3.95 -10.54 -9.78
CA SER A 25 4.18 -9.85 -11.04
C SER A 25 5.51 -10.29 -11.63
N THR A 26 5.44 -11.20 -12.58
CA THR A 26 6.64 -11.80 -13.15
C THR A 26 6.97 -11.17 -14.50
N ASP A 27 6.29 -10.09 -14.83
CA ASP A 27 6.55 -9.38 -16.08
C ASP A 27 7.47 -8.23 -15.78
N SER A 28 7.02 -7.38 -14.87
CA SER A 28 7.85 -6.29 -14.36
C SER A 28 8.39 -5.43 -15.49
N LEU A 29 7.45 -4.94 -16.30
CA LEU A 29 7.79 -4.09 -17.43
C LEU A 29 7.12 -2.75 -17.29
N GLY A 30 6.00 -2.73 -16.58
CA GLY A 30 5.23 -1.52 -16.43
C GLY A 30 4.36 -1.27 -17.64
N PHE A 31 4.28 -2.26 -18.52
CA PHE A 31 3.50 -2.14 -19.74
C PHE A 31 3.27 -3.49 -20.38
N GLN A 32 2.22 -3.56 -21.16
CA GLN A 32 1.89 -4.73 -21.96
C GLN A 32 1.45 -4.27 -23.34
N HIS A 33 0.85 -3.08 -23.35
CA HIS A 33 0.50 -2.40 -24.58
C HIS A 33 0.86 -0.92 -24.44
N LEU A 34 1.18 -0.53 -23.20
CA LEU A 34 1.92 0.71 -22.88
C LEU A 34 1.07 1.95 -22.64
N THR A 35 1.45 2.66 -21.56
CA THR A 35 1.01 4.02 -21.25
C THR A 35 -0.50 4.26 -21.41
N ASN A 36 -0.93 4.97 -22.46
CA ASN A 36 -2.35 5.26 -22.66
C ASN A 36 -3.20 4.00 -22.65
N GLU A 37 -2.61 2.90 -23.13
CA GLU A 37 -3.28 1.61 -23.12
C GLU A 37 -3.24 1.03 -21.73
N GLU A 38 -2.05 0.99 -21.16
CA GLU A 38 -1.84 0.50 -19.79
C GLU A 38 -2.78 1.17 -18.80
N ARG A 39 -2.77 2.50 -18.83
CA ARG A 39 -3.51 3.33 -17.91
C ARG A 39 -4.99 3.02 -17.95
N ASN A 40 -5.51 2.84 -19.15
CA ASN A 40 -6.92 2.58 -19.34
C ASN A 40 -7.27 1.12 -19.00
N ASP A 41 -6.43 0.21 -19.47
CA ASP A 41 -6.75 -1.21 -19.41
C ASP A 41 -6.54 -1.83 -18.03
N MET A 42 -5.31 -1.81 -17.54
CA MET A 42 -5.02 -2.55 -16.32
C MET A 42 -4.40 -1.70 -15.21
N ILE A 43 -3.41 -0.88 -15.52
CA ILE A 43 -2.66 -0.19 -14.48
C ILE A 43 -2.48 1.28 -14.81
N SER A 44 -2.74 2.12 -13.83
CA SER A 44 -2.69 3.58 -14.00
C SER A 44 -1.25 4.09 -14.08
N TYR A 45 -0.29 3.18 -14.10
CA TYR A 45 1.11 3.55 -14.05
C TYR A 45 1.97 2.33 -14.37
N LYS A 46 3.15 2.25 -13.77
CA LYS A 46 4.07 1.12 -13.98
C LYS A 46 3.55 -0.14 -13.28
N GLU A 47 4.34 -1.21 -13.34
CA GLU A 47 3.91 -2.56 -12.95
C GLU A 47 3.15 -2.59 -11.62
N ASN A 48 3.75 -2.05 -10.58
CA ASN A 48 3.15 -2.07 -9.25
C ASN A 48 2.35 -0.81 -8.97
N GLY A 49 2.18 0.01 -10.01
CA GLY A 49 1.36 1.20 -9.89
C GLY A 49 2.07 2.37 -9.24
N ASP A 50 3.19 2.09 -8.57
CA ASP A 50 3.93 3.08 -7.79
C ASP A 50 3.07 3.64 -6.66
N VAL A 51 1.95 2.99 -6.44
CA VAL A 51 1.00 3.39 -5.43
C VAL A 51 1.46 2.97 -4.04
N HIS A 52 2.13 3.89 -3.37
CA HIS A 52 2.69 3.64 -2.05
C HIS A 52 2.21 4.73 -1.09
N VAL A 53 1.11 4.45 -0.41
CA VAL A 53 0.52 5.43 0.50
C VAL A 53 0.68 5.00 1.95
N LEU A 54 1.08 5.94 2.79
CA LEU A 54 1.18 5.69 4.22
C LEU A 54 -0.18 5.94 4.87
N THR A 55 -0.71 4.92 5.52
CA THR A 55 -2.04 5.01 6.09
C THR A 55 -2.09 4.27 7.43
N ILE A 56 -3.29 4.14 7.98
CA ILE A 56 -3.48 3.55 9.30
C ILE A 56 -3.97 2.10 9.22
N CYS A 57 -3.28 1.20 9.90
CA CYS A 57 -3.67 -0.20 9.97
C CYS A 57 -4.73 -0.38 11.06
N GLU A 58 -5.24 -1.60 11.19
CA GLU A 58 -6.23 -1.91 12.22
C GLU A 58 -5.69 -1.61 13.61
N ASP A 59 -4.43 -1.97 13.82
CA ASP A 59 -3.74 -1.72 15.08
C ASP A 59 -3.69 -0.22 15.38
N CYS A 60 -3.41 0.58 14.36
CA CYS A 60 -3.35 2.02 14.52
C CYS A 60 -4.76 2.62 14.64
N GLN A 61 -5.69 2.05 13.89
CA GLN A 61 -7.09 2.45 13.93
C GLN A 61 -7.63 2.40 15.36
N GLU A 62 -7.12 1.50 16.16
CA GLU A 62 -7.52 1.41 17.53
C GLU A 62 -7.03 2.60 18.34
N ALA A 63 -5.74 2.92 18.21
CA ALA A 63 -5.19 4.13 18.81
C ALA A 63 -5.99 5.33 18.33
N LEU A 64 -6.44 5.19 17.10
CA LEU A 64 -7.26 6.17 16.43
C LEU A 64 -8.61 6.36 17.13
N ASP A 65 -9.38 5.29 17.16
CA ASP A 65 -10.75 5.31 17.64
C ASP A 65 -10.83 5.43 19.16
N ARG A 66 -10.07 4.60 19.86
CA ARG A 66 -10.19 4.48 21.30
C ARG A 66 -9.50 5.62 22.04
N ASN A 67 -8.17 5.59 22.06
CA ASN A 67 -7.41 6.59 22.79
C ASN A 67 -6.04 6.82 22.17
N PRO A 68 -5.71 8.07 21.79
CA PRO A 68 -4.48 8.41 21.09
C PRO A 68 -3.25 7.69 21.62
N HIS A 69 -2.98 7.89 22.92
CA HIS A 69 -1.86 7.22 23.56
C HIS A 69 -2.19 5.75 23.82
N TYR A 70 -1.81 4.92 22.88
CA TYR A 70 -2.09 3.50 22.95
C TYR A 70 -0.79 2.72 22.89
N HIS A 71 -0.84 1.43 23.25
CA HIS A 71 0.32 0.52 23.27
C HIS A 71 1.52 1.12 23.99
N GLU A 72 1.25 1.95 24.99
CA GLU A 72 2.31 2.58 25.76
C GLU A 72 1.98 2.61 27.24
N TYR A 73 0.76 2.22 27.58
CA TYR A 73 0.31 2.19 28.96
C TYR A 73 -0.65 1.03 29.16
N HIS A 74 -0.51 0.36 30.29
CA HIS A 74 -1.31 -0.84 30.57
C HIS A 74 -2.73 -0.46 30.98
N THR A 75 -2.85 0.58 31.77
CA THR A 75 -4.16 1.05 32.20
C THR A 75 -4.50 2.36 31.50
N GLN A 1 -11.02 -6.51 -8.29
CA GLN A 1 -10.31 -5.92 -7.14
C GLN A 1 -10.91 -4.56 -6.79
N SER A 2 -11.31 -4.38 -5.55
CA SER A 2 -11.86 -3.10 -5.11
C SER A 2 -10.75 -2.09 -4.87
N MET A 3 -9.63 -2.55 -4.34
CA MET A 3 -8.48 -1.69 -4.14
C MET A 3 -7.64 -1.64 -5.40
N ALA A 4 -6.89 -0.55 -5.54
CA ALA A 4 -6.02 -0.37 -6.70
C ALA A 4 -4.62 0.10 -6.31
N LEU A 5 -4.47 0.53 -5.06
CA LEU A 5 -3.22 1.10 -4.59
C LEU A 5 -2.67 0.27 -3.44
N HIS A 6 -1.37 0.36 -3.25
CA HIS A 6 -0.72 -0.35 -2.16
C HIS A 6 -0.62 0.52 -0.94
N TYR A 7 -1.11 -0.01 0.16
CA TYR A 7 -1.09 0.70 1.43
C TYR A 7 0.11 0.27 2.24
N TYR A 8 0.85 1.23 2.76
CA TYR A 8 1.92 0.95 3.70
C TYR A 8 1.74 1.84 4.92
N CYS A 9 1.83 1.27 6.11
CA CYS A 9 1.40 2.00 7.28
C CYS A 9 2.46 2.90 7.86
N ARG A 10 1.97 4.01 8.40
CA ARG A 10 2.79 4.88 9.20
C ARG A 10 3.09 4.20 10.53
N HIS A 11 4.36 4.05 10.82
CA HIS A 11 4.84 3.62 12.14
C HIS A 11 4.76 2.09 12.31
N CYS A 12 3.64 1.48 11.93
CA CYS A 12 3.55 0.03 11.98
C CYS A 12 4.46 -0.57 10.91
N GLY A 13 4.49 0.09 9.76
CA GLY A 13 5.32 -0.35 8.64
C GLY A 13 4.67 -1.49 7.87
N VAL A 14 3.39 -1.71 8.11
CA VAL A 14 2.69 -2.83 7.50
C VAL A 14 1.94 -2.43 6.24
N LYS A 15 2.01 -3.29 5.24
CA LYS A 15 1.29 -3.10 4.00
C LYS A 15 -0.16 -3.49 4.15
N VAL A 16 -1.00 -2.50 4.42
CA VAL A 16 -2.41 -2.73 4.66
C VAL A 16 -3.15 -2.97 3.34
N GLY A 17 -2.48 -2.68 2.23
CA GLY A 17 -3.10 -2.82 0.94
C GLY A 17 -2.64 -4.06 0.21
N SER A 18 -2.60 -5.17 0.93
CA SER A 18 -2.22 -6.45 0.36
C SER A 18 -2.83 -7.59 1.16
N LEU A 19 -4.09 -7.89 0.86
CA LEU A 19 -4.81 -8.92 1.58
C LEU A 19 -4.97 -10.15 0.69
N GLU A 20 -4.73 -9.93 -0.60
CA GLU A 20 -4.83 -11.00 -1.57
C GLU A 20 -3.58 -11.87 -1.56
N SER A 21 -3.77 -13.17 -1.50
CA SER A 21 -2.66 -14.10 -1.53
C SER A 21 -2.96 -15.24 -2.50
N SER A 22 -2.00 -15.52 -3.37
CA SER A 22 -2.12 -16.58 -4.35
C SER A 22 -0.74 -16.98 -4.86
N MET A 23 -0.17 -16.16 -5.72
CA MET A 23 1.17 -16.41 -6.24
C MET A 23 2.11 -15.31 -5.80
N VAL A 24 1.97 -14.14 -6.44
CA VAL A 24 2.80 -12.98 -6.15
C VAL A 24 4.27 -13.36 -6.13
N SER A 25 4.76 -13.80 -7.27
CA SER A 25 6.14 -14.26 -7.39
C SER A 25 7.12 -13.10 -7.34
N THR A 26 6.63 -11.90 -7.65
CA THR A 26 7.48 -10.73 -7.68
C THR A 26 6.63 -9.46 -7.69
N ASP A 27 7.13 -8.43 -7.02
CA ASP A 27 6.49 -7.12 -7.02
C ASP A 27 7.11 -6.27 -8.11
N SER A 28 8.25 -6.73 -8.59
CA SER A 28 9.00 -6.03 -9.61
C SER A 28 8.74 -6.64 -10.98
N LEU A 29 7.86 -6.01 -11.76
CA LEU A 29 7.61 -6.45 -13.13
C LEU A 29 7.28 -5.27 -14.04
N GLY A 30 6.04 -4.81 -14.00
CA GLY A 30 5.60 -3.79 -14.92
C GLY A 30 5.34 -4.34 -16.31
N PHE A 31 4.07 -4.47 -16.65
CA PHE A 31 3.67 -5.02 -17.92
C PHE A 31 3.28 -3.92 -18.89
N GLN A 32 3.00 -4.33 -20.09
CA GLN A 32 2.54 -3.46 -21.15
C GLN A 32 1.83 -4.28 -22.22
N HIS A 33 2.29 -5.51 -22.38
CA HIS A 33 1.70 -6.45 -23.33
C HIS A 33 1.26 -7.71 -22.57
N LEU A 34 0.05 -7.69 -22.07
CA LEU A 34 -0.44 -8.78 -21.22
C LEU A 34 -1.79 -9.30 -21.68
N THR A 35 -2.24 -10.29 -20.94
CA THR A 35 -3.57 -10.83 -21.04
C THR A 35 -4.13 -10.93 -19.62
N ASN A 36 -5.44 -11.06 -19.46
CA ASN A 36 -6.05 -11.16 -18.14
C ASN A 36 -5.27 -12.09 -17.20
N GLU A 37 -4.76 -13.19 -17.75
CA GLU A 37 -4.02 -14.18 -16.97
C GLU A 37 -2.70 -13.65 -16.43
N GLU A 38 -2.03 -12.76 -17.17
CA GLU A 38 -0.72 -12.28 -16.75
C GLU A 38 -0.82 -11.48 -15.46
N ARG A 39 -1.93 -10.77 -15.32
CA ARG A 39 -2.17 -9.95 -14.16
C ARG A 39 -2.47 -10.82 -12.94
N ASN A 40 -3.20 -11.90 -13.15
CA ASN A 40 -3.56 -12.80 -12.08
C ASN A 40 -2.40 -13.73 -11.71
N ASP A 41 -1.66 -14.15 -12.73
CA ASP A 41 -0.59 -15.12 -12.55
C ASP A 41 0.67 -14.47 -11.97
N MET A 42 1.20 -13.47 -12.67
CA MET A 42 2.46 -12.87 -12.28
C MET A 42 2.28 -11.51 -11.64
N ILE A 43 1.04 -11.02 -11.64
CA ILE A 43 0.68 -9.72 -11.07
C ILE A 43 1.13 -8.58 -11.99
N SER A 44 0.18 -7.80 -12.45
CA SER A 44 0.50 -6.67 -13.31
C SER A 44 0.61 -5.39 -12.50
N TYR A 45 1.72 -5.28 -11.79
CA TYR A 45 2.00 -4.09 -11.01
C TYR A 45 3.28 -3.44 -11.53
N LYS A 46 3.29 -2.11 -11.54
CA LYS A 46 4.41 -1.35 -12.08
C LYS A 46 5.53 -1.22 -11.06
N GLU A 47 6.76 -1.40 -11.53
CA GLU A 47 7.95 -1.18 -10.71
C GLU A 47 8.11 0.31 -10.40
N ASN A 48 7.32 1.12 -11.10
CA ASN A 48 7.32 2.55 -10.91
C ASN A 48 6.88 2.93 -9.49
N GLY A 49 6.19 2.00 -8.84
CA GLY A 49 5.67 2.29 -7.51
C GLY A 49 4.50 3.25 -7.59
N ASP A 50 3.81 3.20 -8.72
CA ASP A 50 2.80 4.17 -9.08
C ASP A 50 1.77 4.38 -7.96
N VAL A 51 1.20 3.32 -7.43
CA VAL A 51 0.25 3.45 -6.35
C VAL A 51 0.86 3.00 -5.02
N HIS A 52 1.42 3.98 -4.31
CA HIS A 52 2.06 3.73 -3.03
C HIS A 52 1.59 4.78 -2.04
N VAL A 53 0.68 4.38 -1.17
CA VAL A 53 0.09 5.30 -0.21
C VAL A 53 0.37 4.84 1.22
N LEU A 54 0.61 5.80 2.11
CA LEU A 54 0.81 5.48 3.51
C LEU A 54 -0.45 5.80 4.28
N THR A 55 -0.90 4.86 5.11
CA THR A 55 -2.15 5.00 5.81
C THR A 55 -2.12 4.22 7.13
N ILE A 56 -3.27 4.11 7.77
CA ILE A 56 -3.39 3.48 9.08
C ILE A 56 -4.21 2.18 9.00
N CYS A 57 -3.74 1.16 9.72
CA CYS A 57 -4.37 -0.16 9.74
C CYS A 57 -5.67 -0.13 10.52
N GLU A 58 -6.24 -1.30 10.77
CA GLU A 58 -7.38 -1.43 11.65
C GLU A 58 -6.85 -1.38 13.09
N ASP A 59 -5.61 -1.86 13.22
CA ASP A 59 -4.94 -2.01 14.50
C ASP A 59 -4.57 -0.66 15.12
N CYS A 60 -3.91 0.20 14.35
CA CYS A 60 -3.48 1.49 14.86
C CYS A 60 -4.66 2.44 14.98
N GLN A 61 -5.62 2.34 14.05
CA GLN A 61 -6.83 3.18 14.08
C GLN A 61 -7.58 2.95 15.39
N GLU A 62 -7.54 1.73 15.87
CA GLU A 62 -8.24 1.35 17.09
C GLU A 62 -7.61 2.01 18.29
N ALA A 63 -6.29 1.89 18.39
CA ALA A 63 -5.55 2.53 19.46
C ALA A 63 -5.72 4.02 19.34
N LEU A 64 -5.88 4.43 18.10
CA LEU A 64 -6.04 5.81 17.76
C LEU A 64 -7.37 6.37 18.26
N ASP A 65 -8.44 5.75 17.80
CA ASP A 65 -9.80 6.18 18.10
C ASP A 65 -10.15 5.92 19.56
N ARG A 66 -9.59 4.88 20.14
CA ARG A 66 -9.78 4.56 21.55
C ARG A 66 -9.01 5.55 22.42
N ASN A 67 -7.80 5.89 21.97
CA ASN A 67 -6.86 6.77 22.68
C ASN A 67 -6.88 6.61 24.20
N PRO A 68 -6.36 5.48 24.67
CA PRO A 68 -6.18 5.22 26.10
C PRO A 68 -4.95 5.95 26.63
N HIS A 69 -3.79 5.61 26.07
CA HIS A 69 -2.55 6.30 26.38
C HIS A 69 -1.63 6.23 25.16
N TYR A 70 -2.23 6.37 24.00
CA TYR A 70 -1.52 6.21 22.74
C TYR A 70 -1.32 7.55 22.07
N HIS A 71 -2.41 8.17 21.69
CA HIS A 71 -2.40 9.46 21.03
C HIS A 71 -3.76 10.13 21.17
N GLU A 72 -4.01 10.67 22.34
CA GLU A 72 -5.29 11.28 22.65
C GLU A 72 -5.46 12.58 21.88
N TYR A 73 -4.61 13.55 22.18
CA TYR A 73 -4.58 14.81 21.46
C TYR A 73 -3.48 15.70 22.02
N HIS A 74 -2.83 16.46 21.14
CA HIS A 74 -1.81 17.39 21.58
C HIS A 74 -2.37 18.81 21.67
N THR A 75 -3.21 19.02 22.68
CA THR A 75 -3.85 20.32 22.95
C THR A 75 -4.48 20.93 21.70
N GLN A 1 1.35 -11.43 -9.99
CA GLN A 1 0.42 -10.47 -9.36
C GLN A 1 0.45 -9.14 -10.10
N SER A 2 -0.71 -8.52 -10.25
CA SER A 2 -0.83 -7.29 -11.00
C SER A 2 -1.48 -6.20 -10.15
N MET A 3 -0.68 -5.64 -9.24
CA MET A 3 -1.15 -4.61 -8.32
C MET A 3 -0.88 -3.23 -8.91
N ALA A 4 -1.66 -2.24 -8.48
CA ALA A 4 -1.53 -0.89 -9.00
C ALA A 4 -0.92 0.03 -7.95
N LEU A 5 -1.56 0.09 -6.81
CA LEU A 5 -1.10 0.91 -5.69
C LEU A 5 -0.58 0.01 -4.59
N HIS A 6 0.25 0.55 -3.74
CA HIS A 6 0.70 -0.16 -2.56
C HIS A 6 0.38 0.63 -1.32
N TYR A 7 -0.38 0.01 -0.47
CA TYR A 7 -0.78 0.59 0.79
C TYR A 7 0.13 0.07 1.90
N TYR A 8 0.83 0.97 2.56
CA TYR A 8 1.66 0.60 3.70
C TYR A 8 1.28 1.47 4.88
N CYS A 9 1.24 0.92 6.08
CA CYS A 9 0.73 1.67 7.22
C CYS A 9 1.78 2.53 7.88
N ARG A 10 1.45 3.80 8.04
CA ARG A 10 2.24 4.71 8.82
C ARG A 10 2.38 4.20 10.25
N HIS A 11 3.62 3.95 10.64
CA HIS A 11 4.00 3.65 12.03
C HIS A 11 3.91 2.16 12.34
N CYS A 12 3.03 1.46 11.66
CA CYS A 12 2.90 0.02 11.86
C CYS A 12 3.73 -0.75 10.82
N GLY A 13 3.83 -0.17 9.63
CA GLY A 13 4.58 -0.79 8.55
C GLY A 13 3.82 -1.93 7.90
N VAL A 14 2.57 -2.11 8.29
CA VAL A 14 1.75 -3.20 7.79
C VAL A 14 1.26 -2.92 6.37
N LYS A 15 1.31 -3.94 5.53
CA LYS A 15 0.93 -3.82 4.15
C LYS A 15 -0.58 -3.94 4.01
N VAL A 16 -1.23 -2.79 3.94
CA VAL A 16 -2.68 -2.75 3.88
C VAL A 16 -3.15 -3.11 2.48
N GLY A 17 -2.30 -2.87 1.50
CA GLY A 17 -2.64 -3.14 0.12
C GLY A 17 -1.52 -3.78 -0.65
N SER A 18 -1.29 -5.06 -0.40
CA SER A 18 -0.37 -5.86 -1.18
C SER A 18 -0.86 -7.30 -1.21
N LEU A 19 -2.18 -7.43 -1.14
CA LEU A 19 -2.84 -8.73 -1.04
C LEU A 19 -4.34 -8.55 -1.10
N GLU A 20 -4.78 -7.36 -0.69
CA GLU A 20 -6.20 -7.02 -0.68
C GLU A 20 -6.47 -5.80 -1.56
N SER A 21 -6.39 -4.63 -0.94
CA SER A 21 -6.60 -3.37 -1.65
C SER A 21 -5.34 -2.97 -2.42
N SER A 22 -5.12 -3.62 -3.54
CA SER A 22 -3.88 -3.45 -4.28
C SER A 22 -4.16 -3.09 -5.74
N MET A 23 -5.25 -3.62 -6.28
CA MET A 23 -5.57 -3.46 -7.69
C MET A 23 -6.84 -2.65 -7.88
N VAL A 24 -7.36 -2.14 -6.77
CA VAL A 24 -8.55 -1.31 -6.80
C VAL A 24 -8.26 0.05 -7.43
N SER A 25 -8.81 0.26 -8.63
CA SER A 25 -8.61 1.48 -9.42
C SER A 25 -7.12 1.81 -9.62
N THR A 26 -6.83 2.98 -10.15
CA THR A 26 -5.45 3.41 -10.30
C THR A 26 -5.34 4.91 -10.08
N ASP A 27 -4.54 5.30 -9.09
CA ASP A 27 -4.28 6.71 -8.82
C ASP A 27 -2.95 7.11 -9.42
N SER A 28 -2.29 6.14 -10.01
CA SER A 28 -0.96 6.32 -10.57
C SER A 28 -1.01 7.24 -11.79
N LEU A 29 -1.49 6.70 -12.91
CA LEU A 29 -1.54 7.42 -14.17
C LEU A 29 -0.19 8.00 -14.54
N GLY A 30 0.64 7.19 -15.19
CA GLY A 30 1.95 7.64 -15.61
C GLY A 30 1.85 8.50 -16.85
N PHE A 31 1.16 9.62 -16.73
CA PHE A 31 0.89 10.49 -17.85
C PHE A 31 1.18 11.94 -17.47
N GLN A 32 2.02 12.60 -18.26
CA GLN A 32 2.32 14.01 -18.04
C GLN A 32 1.14 14.85 -18.50
N HIS A 33 0.80 14.75 -19.77
CA HIS A 33 -0.39 15.39 -20.31
C HIS A 33 -1.15 14.43 -21.22
N LEU A 34 -1.37 13.23 -20.74
CA LEU A 34 -2.11 12.22 -21.48
C LEU A 34 -3.34 11.82 -20.69
N THR A 35 -4.08 10.84 -21.19
CA THR A 35 -5.30 10.39 -20.55
C THR A 35 -5.52 8.89 -20.74
N ASN A 36 -6.68 8.41 -20.30
CA ASN A 36 -7.03 6.99 -20.47
C ASN A 36 -7.06 6.60 -21.95
N GLU A 37 -7.31 7.57 -22.81
CA GLU A 37 -7.31 7.32 -24.25
C GLU A 37 -5.89 7.01 -24.73
N GLU A 38 -4.90 7.65 -24.11
CA GLU A 38 -3.52 7.40 -24.44
C GLU A 38 -3.04 6.11 -23.79
N ARG A 39 -3.67 5.76 -22.67
CA ARG A 39 -3.33 4.58 -21.93
C ARG A 39 -3.57 3.32 -22.77
N ASN A 40 -4.64 3.31 -23.53
CA ASN A 40 -4.92 2.18 -24.41
C ASN A 40 -4.07 2.27 -25.68
N ASP A 41 -3.69 3.49 -26.03
CA ASP A 41 -2.94 3.75 -27.26
C ASP A 41 -1.48 3.32 -27.13
N MET A 42 -0.79 3.88 -26.16
CA MET A 42 0.63 3.61 -25.99
C MET A 42 0.91 2.89 -24.67
N ILE A 43 -0.03 2.99 -23.75
CA ILE A 43 0.08 2.38 -22.41
C ILE A 43 1.01 3.20 -21.51
N SER A 44 2.16 3.62 -22.07
CA SER A 44 3.10 4.53 -21.42
C SER A 44 3.89 3.83 -20.31
N TYR A 45 3.38 2.69 -19.84
CA TYR A 45 4.02 1.88 -18.80
C TYR A 45 3.94 2.57 -17.44
N LYS A 46 3.78 1.76 -16.40
CA LYS A 46 3.79 2.25 -15.03
C LYS A 46 5.22 2.64 -14.64
N GLU A 47 5.57 3.89 -14.89
CA GLU A 47 6.92 4.37 -14.66
C GLU A 47 7.32 4.21 -13.19
N ASN A 48 6.40 4.54 -12.29
CA ASN A 48 6.68 4.42 -10.86
C ASN A 48 6.50 2.99 -10.40
N GLY A 49 5.71 2.23 -11.16
CA GLY A 49 5.46 0.84 -10.84
C GLY A 49 4.50 0.67 -9.67
N ASP A 50 4.59 1.56 -8.70
CA ASP A 50 3.79 1.51 -7.51
C ASP A 50 3.04 2.83 -7.29
N VAL A 51 2.05 2.78 -6.42
CA VAL A 51 1.46 4.00 -5.89
C VAL A 51 1.65 4.02 -4.38
N HIS A 52 2.55 4.86 -3.93
CA HIS A 52 2.92 4.94 -2.52
C HIS A 52 1.82 5.62 -1.72
N VAL A 53 0.91 4.84 -1.20
CA VAL A 53 -0.17 5.34 -0.37
C VAL A 53 -0.04 4.82 1.05
N LEU A 54 -0.01 5.73 2.00
CA LEU A 54 0.09 5.37 3.39
C LEU A 54 -1.21 5.67 4.11
N THR A 55 -1.71 4.72 4.88
CA THR A 55 -2.99 4.87 5.55
C THR A 55 -2.92 4.25 6.93
N ILE A 56 -3.96 4.44 7.74
CA ILE A 56 -4.02 3.86 9.08
C ILE A 56 -4.82 2.56 9.06
N CYS A 57 -4.18 1.50 9.55
CA CYS A 57 -4.79 0.18 9.60
C CYS A 57 -5.59 -0.03 10.90
N GLU A 58 -6.04 -1.26 11.11
CA GLU A 58 -6.85 -1.60 12.27
C GLU A 58 -6.13 -1.30 13.58
N ASP A 59 -4.92 -1.85 13.72
CA ASP A 59 -4.14 -1.76 14.96
C ASP A 59 -4.02 -0.34 15.48
N CYS A 60 -3.61 0.58 14.62
CA CYS A 60 -3.37 1.95 15.03
C CYS A 60 -4.67 2.69 15.32
N GLN A 61 -5.64 2.60 14.38
CA GLN A 61 -6.96 3.19 14.55
C GLN A 61 -7.58 2.85 15.90
N GLU A 62 -7.26 1.68 16.43
CA GLU A 62 -7.81 1.28 17.69
C GLU A 62 -7.21 2.09 18.84
N ALA A 63 -5.89 2.12 18.88
CA ALA A 63 -5.15 2.97 19.80
C ALA A 63 -5.55 4.42 19.58
N LEU A 64 -5.87 4.68 18.33
CA LEU A 64 -6.27 6.00 17.86
C LEU A 64 -7.57 6.43 18.51
N ASP A 65 -8.60 5.63 18.27
CA ASP A 65 -9.90 5.83 18.87
C ASP A 65 -9.81 5.79 20.40
N ARG A 66 -9.00 4.85 20.91
CA ARG A 66 -8.57 4.84 22.30
C ARG A 66 -9.70 4.49 23.28
N ASN A 67 -10.88 4.18 22.76
CA ASN A 67 -12.02 3.90 23.62
C ASN A 67 -12.02 2.45 24.13
N PRO A 68 -11.85 1.42 23.26
CA PRO A 68 -11.87 0.02 23.71
C PRO A 68 -10.68 -0.31 24.59
N HIS A 69 -9.48 -0.11 24.05
CA HIS A 69 -8.24 -0.33 24.78
C HIS A 69 -7.08 0.26 24.00
N TYR A 70 -6.06 0.67 24.70
CA TYR A 70 -4.85 1.22 24.08
C TYR A 70 -3.67 0.96 25.00
N HIS A 71 -2.47 1.28 24.53
CA HIS A 71 -1.29 1.15 25.37
C HIS A 71 -1.21 2.30 26.35
N GLU A 72 -1.86 2.09 27.50
CA GLU A 72 -1.93 3.10 28.56
C GLU A 72 -0.57 3.37 29.18
N TYR A 73 0.37 2.47 28.97
CA TYR A 73 1.70 2.63 29.52
C TYR A 73 2.63 3.23 28.48
N HIS A 74 2.28 3.07 27.21
CA HIS A 74 3.09 3.57 26.11
C HIS A 74 2.16 4.12 25.02
N THR A 75 1.67 5.32 25.25
CA THR A 75 0.69 5.91 24.35
C THR A 75 1.38 6.65 23.21
N GLN A 1 -8.05 -11.21 -8.32
CA GLN A 1 -6.98 -10.77 -7.40
C GLN A 1 -6.10 -9.73 -8.07
N SER A 2 -6.07 -8.52 -7.52
CA SER A 2 -5.29 -7.44 -8.09
C SER A 2 -5.22 -6.28 -7.10
N MET A 3 -4.38 -5.31 -7.38
CA MET A 3 -4.19 -4.17 -6.50
C MET A 3 -4.11 -2.88 -7.29
N ALA A 4 -4.54 -1.81 -6.66
CA ALA A 4 -4.55 -0.50 -7.29
C ALA A 4 -3.34 0.30 -6.86
N LEU A 5 -3.28 0.56 -5.58
CA LEU A 5 -2.18 1.29 -4.97
C LEU A 5 -1.60 0.48 -3.83
N HIS A 6 -0.35 0.72 -3.52
CA HIS A 6 0.28 0.01 -2.43
C HIS A 6 0.04 0.77 -1.14
N TYR A 7 -0.57 0.10 -0.19
CA TYR A 7 -0.92 0.70 1.08
C TYR A 7 0.10 0.32 2.13
N TYR A 8 0.80 1.30 2.65
CA TYR A 8 1.73 1.06 3.72
C TYR A 8 1.32 1.82 4.96
N CYS A 9 1.25 1.12 6.07
CA CYS A 9 0.63 1.66 7.26
C CYS A 9 1.56 2.57 8.04
N ARG A 10 1.14 3.83 8.12
CA ARG A 10 1.88 4.90 8.78
C ARG A 10 2.30 4.51 10.20
N HIS A 11 3.62 4.37 10.39
CA HIS A 11 4.19 4.19 11.74
C HIS A 11 3.68 2.88 12.34
N CYS A 12 3.28 1.97 11.47
CA CYS A 12 2.58 0.80 11.91
C CYS A 12 3.22 -0.48 11.35
N GLY A 13 3.93 -0.35 10.23
CA GLY A 13 4.79 -1.43 9.76
C GLY A 13 4.06 -2.54 9.03
N VAL A 14 2.77 -2.38 8.82
CA VAL A 14 1.98 -3.39 8.12
C VAL A 14 1.62 -2.92 6.72
N LYS A 15 1.58 -3.85 5.79
CA LYS A 15 1.24 -3.56 4.41
C LYS A 15 -0.23 -3.84 4.17
N VAL A 16 -0.99 -2.78 3.97
CA VAL A 16 -2.43 -2.90 3.78
C VAL A 16 -2.78 -2.84 2.31
N GLY A 17 -1.74 -2.96 1.47
CA GLY A 17 -1.94 -2.95 0.04
C GLY A 17 -2.86 -4.05 -0.42
N SER A 18 -2.63 -5.25 0.10
CA SER A 18 -3.51 -6.38 -0.14
C SER A 18 -3.55 -6.78 -1.61
N LEU A 19 -4.42 -7.73 -1.92
CA LEU A 19 -4.63 -8.22 -3.28
C LEU A 19 -6.10 -8.14 -3.63
N GLU A 20 -6.87 -7.73 -2.64
CA GLU A 20 -8.31 -7.53 -2.80
C GLU A 20 -8.63 -6.04 -2.96
N SER A 21 -7.60 -5.22 -2.86
CA SER A 21 -7.76 -3.76 -2.84
C SER A 21 -8.37 -3.23 -4.13
N SER A 22 -8.15 -3.95 -5.22
CA SER A 22 -8.66 -3.55 -6.53
C SER A 22 -10.19 -3.42 -6.54
N MET A 23 -10.88 -4.12 -5.64
CA MET A 23 -12.34 -4.09 -5.62
C MET A 23 -12.82 -3.24 -4.46
N VAL A 24 -11.90 -2.98 -3.54
CA VAL A 24 -12.22 -2.21 -2.35
C VAL A 24 -11.89 -0.74 -2.56
N SER A 25 -10.91 -0.50 -3.40
CA SER A 25 -10.45 0.84 -3.69
C SER A 25 -10.61 1.14 -5.18
N THR A 26 -11.60 1.96 -5.49
CA THR A 26 -11.84 2.40 -6.85
C THR A 26 -11.25 3.79 -7.05
N ASP A 27 -10.05 3.97 -6.52
CA ASP A 27 -9.38 5.26 -6.53
C ASP A 27 -8.42 5.29 -7.69
N SER A 28 -7.39 4.43 -7.60
CA SER A 28 -6.45 4.20 -8.69
C SER A 28 -5.50 5.38 -8.91
N LEU A 29 -6.04 6.58 -8.98
CA LEU A 29 -5.23 7.79 -9.13
C LEU A 29 -4.52 8.11 -7.81
N GLY A 30 -3.19 7.99 -7.82
CA GLY A 30 -2.41 8.30 -6.64
C GLY A 30 -2.11 9.78 -6.56
N PHE A 31 -3.13 10.59 -6.72
CA PHE A 31 -2.99 12.03 -6.73
C PHE A 31 -4.03 12.63 -5.80
N GLN A 32 -3.66 13.71 -5.17
CA GLN A 32 -4.53 14.35 -4.18
C GLN A 32 -4.84 15.78 -4.62
N HIS A 33 -3.85 16.44 -5.17
CA HIS A 33 -4.01 17.80 -5.66
C HIS A 33 -3.22 17.97 -6.94
N LEU A 34 -3.92 17.98 -8.06
CA LEU A 34 -3.27 18.00 -9.36
C LEU A 34 -4.12 18.77 -10.35
N THR A 35 -3.49 19.32 -11.39
CA THR A 35 -4.21 20.13 -12.37
C THR A 35 -3.47 20.16 -13.72
N ASN A 36 -2.39 20.93 -13.80
CA ASN A 36 -1.61 21.01 -15.02
C ASN A 36 -0.90 19.70 -15.23
N GLU A 37 -0.65 19.04 -14.11
CA GLU A 37 -0.06 17.71 -14.10
C GLU A 37 -1.10 16.71 -14.55
N GLU A 38 -2.30 16.93 -14.05
CA GLU A 38 -3.46 16.10 -14.34
C GLU A 38 -3.69 15.93 -15.84
N ARG A 39 -3.37 16.97 -16.60
CA ARG A 39 -3.55 16.95 -18.04
C ARG A 39 -2.70 15.86 -18.68
N ASN A 40 -1.49 15.65 -18.16
CA ASN A 40 -0.63 14.56 -18.61
C ASN A 40 -1.05 13.24 -17.95
N ASP A 41 -1.29 13.30 -16.65
CA ASP A 41 -1.56 12.10 -15.84
C ASP A 41 -2.94 11.50 -16.12
N MET A 42 -3.79 12.24 -16.82
CA MET A 42 -5.17 11.82 -17.05
C MET A 42 -5.26 10.52 -17.84
N ILE A 43 -4.16 10.14 -18.50
CA ILE A 43 -4.14 8.93 -19.31
C ILE A 43 -3.83 7.70 -18.44
N SER A 44 -4.43 7.66 -17.25
CA SER A 44 -4.25 6.56 -16.31
C SER A 44 -2.79 6.31 -15.99
N TYR A 45 -1.98 7.34 -16.13
CA TYR A 45 -0.57 7.25 -15.87
C TYR A 45 -0.24 7.85 -14.51
N LYS A 46 0.73 7.27 -13.83
CA LYS A 46 1.15 7.74 -12.52
C LYS A 46 2.54 8.37 -12.59
N GLU A 47 2.59 9.69 -12.42
CA GLU A 47 3.84 10.45 -12.42
C GLU A 47 4.83 9.90 -11.40
N ASN A 48 4.30 9.31 -10.34
CA ASN A 48 5.14 8.78 -9.26
C ASN A 48 5.91 7.54 -9.72
N GLY A 49 5.48 6.94 -10.82
CA GLY A 49 6.11 5.74 -11.33
C GLY A 49 5.57 4.49 -10.64
N ASP A 50 5.26 4.62 -9.36
CA ASP A 50 4.67 3.53 -8.60
C ASP A 50 3.62 4.10 -7.66
N VAL A 51 2.70 3.24 -7.25
CA VAL A 51 1.59 3.66 -6.42
C VAL A 51 1.88 3.38 -4.95
N HIS A 52 2.34 4.41 -4.25
CA HIS A 52 2.72 4.29 -2.85
C HIS A 52 1.90 5.24 -1.99
N VAL A 53 1.06 4.68 -1.12
CA VAL A 53 0.21 5.47 -0.26
C VAL A 53 0.27 4.99 1.19
N LEU A 54 0.20 5.93 2.13
CA LEU A 54 0.25 5.62 3.55
C LEU A 54 -1.14 5.73 4.17
N THR A 55 -1.50 4.78 5.01
CA THR A 55 -2.82 4.75 5.62
C THR A 55 -2.77 4.14 7.02
N ILE A 56 -3.94 3.90 7.61
CA ILE A 56 -4.05 3.35 8.95
C ILE A 56 -5.06 2.19 8.98
N CYS A 57 -4.54 0.99 9.24
CA CYS A 57 -5.37 -0.20 9.40
C CYS A 57 -6.12 -0.20 10.73
N GLU A 58 -6.84 -1.28 11.00
CA GLU A 58 -7.66 -1.40 12.20
C GLU A 58 -6.83 -1.26 13.46
N ASP A 59 -5.70 -1.97 13.50
CA ASP A 59 -4.86 -2.05 14.70
C ASP A 59 -4.37 -0.67 15.16
N CYS A 60 -3.82 0.11 14.25
CA CYS A 60 -3.30 1.43 14.62
C CYS A 60 -4.44 2.41 14.85
N GLN A 61 -5.48 2.30 14.02
CA GLN A 61 -6.73 3.02 14.22
C GLN A 61 -7.26 2.80 15.64
N GLU A 62 -7.04 1.61 16.17
CA GLU A 62 -7.53 1.25 17.48
C GLU A 62 -6.80 2.01 18.59
N ALA A 63 -5.48 2.07 18.48
CA ALA A 63 -4.67 2.80 19.43
C ALA A 63 -4.99 4.27 19.32
N LEU A 64 -5.33 4.66 18.12
CA LEU A 64 -5.70 5.99 17.77
C LEU A 64 -7.04 6.39 18.41
N ASP A 65 -8.06 5.62 18.07
CA ASP A 65 -9.42 5.86 18.51
C ASP A 65 -9.54 5.84 20.04
N ARG A 66 -8.73 5.00 20.68
CA ARG A 66 -8.61 4.98 22.14
C ARG A 66 -9.91 4.52 22.81
N ASN A 67 -9.92 3.27 23.24
CA ASN A 67 -11.06 2.70 23.96
C ASN A 67 -10.62 1.51 24.82
N PRO A 68 -10.07 0.42 24.23
CA PRO A 68 -9.53 -0.71 25.02
C PRO A 68 -8.22 -0.34 25.72
N HIS A 69 -7.45 0.54 25.11
CA HIS A 69 -6.16 0.92 25.63
C HIS A 69 -5.77 2.30 25.10
N TYR A 70 -4.52 2.67 25.33
CA TYR A 70 -4.00 4.00 25.01
C TYR A 70 -4.61 5.05 25.93
N HIS A 71 -3.78 5.62 26.80
CA HIS A 71 -4.24 6.58 27.80
C HIS A 71 -5.40 5.97 28.58
N GLU A 72 -5.14 4.81 29.17
CA GLU A 72 -6.17 4.00 29.80
C GLU A 72 -6.85 4.74 30.94
N TYR A 73 -6.21 4.73 32.11
CA TYR A 73 -6.76 5.40 33.28
C TYR A 73 -6.16 6.80 33.39
N HIS A 74 -4.90 6.91 33.01
CA HIS A 74 -4.17 8.19 33.00
C HIS A 74 -3.07 8.12 31.97
N THR A 75 -2.27 7.07 32.07
CA THR A 75 -1.19 6.83 31.14
C THR A 75 -1.65 5.97 29.97
N GLN A 1 -4.03 -6.26 -12.39
CA GLN A 1 -2.79 -6.77 -11.75
C GLN A 1 -2.55 -6.05 -10.44
N SER A 2 -2.51 -6.83 -9.35
CA SER A 2 -2.35 -6.31 -8.00
C SER A 2 -3.55 -5.44 -7.61
N MET A 3 -3.51 -4.85 -6.43
CA MET A 3 -4.59 -3.99 -5.98
C MET A 3 -4.43 -2.60 -6.61
N ALA A 4 -5.41 -1.73 -6.37
CA ALA A 4 -5.38 -0.38 -6.94
C ALA A 4 -4.09 0.34 -6.57
N LEU A 5 -3.88 0.50 -5.28
CA LEU A 5 -2.68 1.13 -4.75
C LEU A 5 -2.12 0.29 -3.62
N HIS A 6 -0.82 0.39 -3.39
CA HIS A 6 -0.20 -0.33 -2.30
C HIS A 6 -0.27 0.49 -1.04
N TYR A 7 -0.87 -0.09 -0.03
CA TYR A 7 -1.04 0.59 1.24
C TYR A 7 0.04 0.16 2.23
N TYR A 8 0.75 1.14 2.77
CA TYR A 8 1.72 0.87 3.81
C TYR A 8 1.40 1.74 5.01
N CYS A 9 1.42 1.16 6.19
CA CYS A 9 0.83 1.80 7.34
C CYS A 9 1.74 2.79 8.01
N ARG A 10 1.12 3.84 8.51
CA ARG A 10 1.75 4.82 9.34
C ARG A 10 2.14 4.19 10.67
N HIS A 11 3.43 4.23 10.96
CA HIS A 11 3.98 3.93 12.29
C HIS A 11 4.35 2.46 12.45
N CYS A 12 3.45 1.55 12.08
CA CYS A 12 3.73 0.13 12.27
C CYS A 12 4.31 -0.49 10.99
N GLY A 13 4.03 0.15 9.86
CA GLY A 13 4.61 -0.26 8.59
C GLY A 13 3.96 -1.47 7.97
N VAL A 14 2.75 -1.81 8.39
CA VAL A 14 2.04 -2.94 7.82
C VAL A 14 1.51 -2.62 6.45
N LYS A 15 1.52 -3.61 5.59
CA LYS A 15 1.00 -3.46 4.23
C LYS A 15 -0.50 -3.70 4.25
N VAL A 16 -1.26 -2.61 4.34
CA VAL A 16 -2.71 -2.69 4.50
C VAL A 16 -3.38 -3.06 3.19
N GLY A 17 -2.71 -2.78 2.08
CA GLY A 17 -3.29 -3.01 0.78
C GLY A 17 -2.31 -3.62 -0.18
N SER A 18 -2.32 -4.96 -0.24
CA SER A 18 -1.47 -5.73 -1.15
C SER A 18 -0.02 -5.72 -0.66
N LEU A 19 0.57 -6.91 -0.60
CA LEU A 19 1.93 -7.07 -0.12
C LEU A 19 2.86 -7.41 -1.27
N GLU A 20 2.26 -7.64 -2.41
CA GLU A 20 3.00 -8.07 -3.60
C GLU A 20 3.65 -6.89 -4.31
N SER A 21 4.83 -7.14 -4.86
CA SER A 21 5.54 -6.17 -5.70
C SER A 21 5.92 -4.91 -4.92
N SER A 22 6.35 -5.10 -3.68
CA SER A 22 6.75 -3.98 -2.82
C SER A 22 8.11 -3.41 -3.27
N MET A 23 9.14 -4.24 -3.22
CA MET A 23 10.49 -3.80 -3.59
C MET A 23 11.02 -4.67 -4.72
N VAL A 24 10.12 -5.48 -5.26
CA VAL A 24 10.44 -6.39 -6.34
C VAL A 24 10.97 -5.64 -7.55
N SER A 25 10.31 -4.57 -7.89
CA SER A 25 10.65 -3.79 -9.07
C SER A 25 11.38 -2.51 -8.69
N THR A 26 12.40 -2.66 -7.86
CA THR A 26 13.19 -1.53 -7.39
C THR A 26 14.26 -1.15 -8.40
N ASP A 27 14.62 -2.12 -9.24
CA ASP A 27 15.65 -1.92 -10.25
C ASP A 27 14.98 -1.59 -11.57
N SER A 28 13.83 -2.20 -11.77
CA SER A 28 13.05 -2.01 -12.98
C SER A 28 12.02 -0.90 -12.78
N LEU A 29 11.01 -0.89 -13.62
CA LEU A 29 9.93 0.08 -13.52
C LEU A 29 8.79 -0.48 -12.67
N GLY A 30 7.75 0.33 -12.47
CA GLY A 30 6.66 -0.07 -11.61
C GLY A 30 5.73 -1.07 -12.24
N PHE A 31 6.19 -2.31 -12.37
CA PHE A 31 5.37 -3.40 -12.88
C PHE A 31 5.61 -4.64 -12.03
N GLN A 32 5.31 -5.81 -12.55
CA GLN A 32 5.53 -7.04 -11.80
C GLN A 32 6.41 -7.97 -12.60
N HIS A 33 5.86 -8.43 -13.69
CA HIS A 33 6.54 -9.31 -14.61
C HIS A 33 6.07 -9.00 -16.03
N LEU A 34 6.57 -7.91 -16.58
CA LEU A 34 6.12 -7.48 -17.89
C LEU A 34 6.80 -8.24 -19.00
N THR A 35 6.22 -8.14 -20.17
CA THR A 35 6.73 -8.79 -21.36
C THR A 35 7.19 -7.70 -22.34
N ASN A 36 7.90 -8.07 -23.39
CA ASN A 36 8.40 -7.12 -24.39
C ASN A 36 7.31 -6.13 -24.82
N GLU A 37 6.11 -6.64 -25.06
CA GLU A 37 4.99 -5.81 -25.50
C GLU A 37 4.61 -4.75 -24.48
N GLU A 38 4.72 -5.08 -23.19
CA GLU A 38 4.34 -4.13 -22.14
C GLU A 38 5.45 -3.11 -21.94
N ARG A 39 6.69 -3.51 -22.20
CA ARG A 39 7.82 -2.58 -22.15
C ARG A 39 7.68 -1.56 -23.28
N ASN A 40 7.34 -2.06 -24.46
CA ASN A 40 7.10 -1.21 -25.63
C ASN A 40 5.88 -0.33 -25.42
N ASP A 41 4.92 -0.84 -24.64
CA ASP A 41 3.66 -0.15 -24.40
C ASP A 41 3.88 1.08 -23.50
N MET A 42 4.63 0.89 -22.43
CA MET A 42 4.90 1.98 -21.49
C MET A 42 6.04 2.87 -21.98
N ILE A 43 6.76 2.37 -22.98
CA ILE A 43 7.86 3.09 -23.61
C ILE A 43 9.07 3.22 -22.68
N SER A 44 8.99 4.13 -21.72
CA SER A 44 10.07 4.36 -20.77
C SER A 44 9.52 5.01 -19.51
N TYR A 45 8.22 4.89 -19.33
CA TYR A 45 7.54 5.53 -18.22
C TYR A 45 6.83 4.50 -17.36
N LYS A 46 6.95 4.65 -16.04
CA LYS A 46 6.25 3.78 -15.10
C LYS A 46 4.75 4.12 -15.13
N GLU A 47 4.03 3.49 -16.05
CA GLU A 47 2.61 3.78 -16.24
C GLU A 47 1.80 3.53 -14.98
N ASN A 48 2.22 2.57 -14.16
CA ASN A 48 1.55 2.27 -12.90
C ASN A 48 1.64 3.47 -11.96
N GLY A 49 2.63 4.32 -12.20
CA GLY A 49 2.86 5.47 -11.36
C GLY A 49 3.51 5.11 -10.03
N ASP A 50 3.68 3.81 -9.82
CA ASP A 50 4.16 3.28 -8.55
C ASP A 50 3.26 3.74 -7.42
N VAL A 51 2.16 3.02 -7.26
CA VAL A 51 1.17 3.33 -6.27
C VAL A 51 1.63 2.92 -4.87
N HIS A 52 2.23 3.86 -4.17
CA HIS A 52 2.77 3.64 -2.85
C HIS A 52 2.21 4.69 -1.89
N VAL A 53 1.18 4.31 -1.15
CA VAL A 53 0.50 5.26 -0.27
C VAL A 53 0.60 4.81 1.18
N LEU A 54 0.71 5.79 2.08
CA LEU A 54 0.80 5.50 3.50
C LEU A 54 -0.52 5.83 4.19
N THR A 55 -1.01 4.92 5.00
CA THR A 55 -2.29 5.11 5.68
C THR A 55 -2.31 4.34 7.00
N ILE A 56 -3.35 4.55 7.79
CA ILE A 56 -3.48 3.90 9.09
C ILE A 56 -4.23 2.58 8.97
N CYS A 57 -3.63 1.52 9.52
CA CYS A 57 -4.25 0.20 9.51
C CYS A 57 -5.26 0.07 10.64
N GLU A 58 -6.01 -1.02 10.64
CA GLU A 58 -7.07 -1.22 11.62
C GLU A 58 -6.51 -1.14 13.05
N ASP A 59 -5.42 -1.86 13.29
CA ASP A 59 -4.77 -1.88 14.59
C ASP A 59 -4.37 -0.47 15.05
N CYS A 60 -3.77 0.30 14.16
CA CYS A 60 -3.34 1.64 14.50
C CYS A 60 -4.54 2.57 14.68
N GLN A 61 -5.54 2.43 13.82
CA GLN A 61 -6.80 3.18 13.96
C GLN A 61 -7.42 2.91 15.33
N GLU A 62 -7.32 1.71 15.82
CA GLU A 62 -7.87 1.43 17.12
C GLU A 62 -6.99 2.02 18.20
N ALA A 63 -5.69 1.92 18.01
CA ALA A 63 -4.72 2.62 18.85
C ALA A 63 -5.03 4.11 18.84
N LEU A 64 -5.55 4.53 17.71
CA LEU A 64 -5.98 5.89 17.48
C LEU A 64 -7.20 6.23 18.32
N ASP A 65 -8.25 5.46 18.09
CA ASP A 65 -9.57 5.72 18.65
C ASP A 65 -9.65 5.47 20.15
N ARG A 66 -9.24 4.30 20.64
CA ARG A 66 -9.41 3.99 22.07
C ARG A 66 -8.27 3.18 22.68
N ASN A 67 -7.55 2.41 21.88
CA ASN A 67 -6.51 1.54 22.40
C ASN A 67 -5.21 2.30 22.64
N PRO A 68 -4.61 2.12 23.83
CA PRO A 68 -3.36 2.78 24.20
C PRO A 68 -2.13 2.10 23.60
N HIS A 69 -0.95 2.58 24.02
CA HIS A 69 0.33 2.05 23.54
C HIS A 69 0.53 2.31 22.05
N TYR A 70 0.12 3.48 21.59
CA TYR A 70 0.37 3.89 20.22
C TYR A 70 1.66 4.70 20.16
N HIS A 71 1.82 5.56 21.15
CA HIS A 71 3.02 6.37 21.28
C HIS A 71 3.47 6.33 22.74
N GLU A 72 4.76 6.13 22.96
CA GLU A 72 5.27 5.94 24.31
C GLU A 72 5.45 7.28 25.03
N TYR A 73 4.33 7.84 25.49
CA TYR A 73 4.36 9.08 26.23
C TYR A 73 4.30 8.80 27.72
N HIS A 74 5.08 9.55 28.49
CA HIS A 74 5.15 9.35 29.93
C HIS A 74 4.07 10.18 30.62
N THR A 75 2.88 9.61 30.69
CA THR A 75 1.79 10.24 31.39
C THR A 75 1.49 9.49 32.69
N GLN A 1 -14.25 -0.89 -7.26
CA GLN A 1 -13.36 -0.41 -8.35
C GLN A 1 -11.98 -1.03 -8.22
N SER A 2 -11.85 -2.04 -7.37
CA SER A 2 -10.56 -2.65 -7.04
C SER A 2 -9.67 -1.61 -6.37
N MET A 3 -8.49 -2.00 -5.92
CA MET A 3 -7.55 -1.04 -5.37
C MET A 3 -6.57 -0.64 -6.45
N ALA A 4 -6.18 0.62 -6.44
CA ALA A 4 -5.23 1.15 -7.41
C ALA A 4 -3.98 1.63 -6.71
N LEU A 5 -4.01 1.63 -5.39
CA LEU A 5 -2.89 2.07 -4.58
C LEU A 5 -2.47 0.94 -3.67
N HIS A 6 -1.23 0.96 -3.24
CA HIS A 6 -0.71 -0.04 -2.32
C HIS A 6 -0.67 0.56 -0.92
N TYR A 7 -1.34 -0.09 0.00
CA TYR A 7 -1.47 0.42 1.36
C TYR A 7 -0.35 -0.09 2.26
N TYR A 8 0.38 0.84 2.84
CA TYR A 8 1.40 0.51 3.84
C TYR A 8 1.20 1.43 5.03
N CYS A 9 1.32 0.91 6.23
CA CYS A 9 0.98 1.69 7.40
C CYS A 9 2.05 2.68 7.77
N ARG A 10 1.59 3.83 8.23
CA ARG A 10 2.46 4.80 8.83
C ARG A 10 2.89 4.30 10.21
N HIS A 11 4.18 4.23 10.38
CA HIS A 11 4.86 3.86 11.64
C HIS A 11 5.04 2.35 11.73
N CYS A 12 4.03 1.59 11.37
CA CYS A 12 4.14 0.14 11.37
C CYS A 12 4.88 -0.35 10.14
N GLY A 13 4.54 0.23 9.00
CA GLY A 13 5.05 -0.26 7.74
C GLY A 13 4.28 -1.47 7.24
N VAL A 14 3.17 -1.77 7.91
CA VAL A 14 2.39 -2.94 7.57
C VAL A 14 1.55 -2.75 6.32
N LYS A 15 1.55 -3.78 5.49
CA LYS A 15 0.82 -3.78 4.23
C LYS A 15 -0.67 -3.90 4.51
N VAL A 16 -1.37 -2.76 4.53
CA VAL A 16 -2.79 -2.75 4.86
C VAL A 16 -3.63 -3.09 3.63
N GLY A 17 -2.97 -3.14 2.49
CA GLY A 17 -3.66 -3.40 1.25
C GLY A 17 -2.70 -3.73 0.15
N SER A 18 -2.25 -4.97 0.15
CA SER A 18 -1.28 -5.41 -0.83
C SER A 18 -1.60 -6.83 -1.27
N LEU A 19 -2.39 -6.96 -2.31
CA LEU A 19 -2.73 -8.25 -2.87
C LEU A 19 -2.07 -8.37 -4.23
N GLU A 20 -1.69 -7.22 -4.75
CA GLU A 20 -0.96 -7.13 -6.00
C GLU A 20 0.32 -6.33 -5.80
N SER A 21 1.19 -6.81 -4.92
CA SER A 21 2.43 -6.09 -4.62
C SER A 21 3.61 -7.04 -4.46
N SER A 22 3.32 -8.30 -4.17
CA SER A 22 4.37 -9.29 -3.92
C SER A 22 5.27 -9.47 -5.13
N MET A 23 4.75 -10.11 -6.17
CA MET A 23 5.53 -10.38 -7.38
C MET A 23 5.01 -9.58 -8.56
N VAL A 24 4.40 -8.45 -8.25
CA VAL A 24 3.81 -7.58 -9.26
C VAL A 24 4.88 -7.06 -10.22
N SER A 25 4.56 -7.08 -11.51
CA SER A 25 5.48 -6.65 -12.54
C SER A 25 5.64 -5.13 -12.54
N THR A 26 6.72 -4.69 -11.93
CA THR A 26 7.06 -3.27 -11.90
C THR A 26 8.56 -3.12 -11.63
N ASP A 27 9.31 -2.89 -12.70
CA ASP A 27 10.77 -2.86 -12.64
C ASP A 27 11.28 -1.45 -12.50
N SER A 28 10.52 -0.52 -13.05
CA SER A 28 10.91 0.86 -13.09
C SER A 28 10.34 1.60 -11.88
N LEU A 29 9.01 1.62 -11.79
CA LEU A 29 8.29 2.23 -10.69
C LEU A 29 8.54 3.74 -10.63
N GLY A 30 7.56 4.50 -11.11
CA GLY A 30 7.62 5.94 -11.04
C GLY A 30 7.50 6.45 -9.63
N PHE A 31 8.62 6.45 -8.90
CA PHE A 31 8.65 6.97 -7.54
C PHE A 31 8.44 8.49 -7.51
N GLN A 32 9.52 9.25 -7.61
CA GLN A 32 9.47 10.70 -7.52
C GLN A 32 10.69 11.34 -8.15
N HIS A 33 11.87 10.82 -7.83
CA HIS A 33 13.12 11.38 -8.32
C HIS A 33 14.22 10.32 -8.32
N LEU A 34 13.99 9.23 -9.03
CA LEU A 34 14.92 8.14 -9.08
C LEU A 34 15.93 8.36 -10.21
N THR A 35 15.49 8.15 -11.44
CA THR A 35 16.36 8.21 -12.61
C THR A 35 15.55 8.51 -13.86
N ASN A 36 16.21 8.45 -15.02
CA ASN A 36 15.49 8.62 -16.28
C ASN A 36 14.58 7.40 -16.49
N GLU A 37 14.98 6.28 -15.92
CA GLU A 37 14.18 5.06 -15.96
C GLU A 37 12.81 5.32 -15.35
N GLU A 38 12.84 5.82 -14.12
CA GLU A 38 11.64 6.13 -13.37
C GLU A 38 10.68 7.02 -14.16
N ARG A 39 11.23 8.04 -14.82
CA ARG A 39 10.43 9.01 -15.55
C ARG A 39 9.56 8.32 -16.62
N ASN A 40 10.09 7.27 -17.24
CA ASN A 40 9.38 6.56 -18.28
C ASN A 40 8.14 5.88 -17.71
N ASP A 41 8.29 5.28 -16.54
CA ASP A 41 7.18 4.56 -15.89
C ASP A 41 6.20 5.55 -15.26
N MET A 42 6.74 6.63 -14.70
CA MET A 42 5.92 7.65 -14.06
C MET A 42 5.01 8.34 -15.06
N ILE A 43 5.55 8.64 -16.23
CA ILE A 43 4.78 9.29 -17.28
C ILE A 43 3.83 8.31 -17.92
N SER A 44 2.72 8.84 -18.45
CA SER A 44 1.57 8.06 -18.87
C SER A 44 1.06 7.22 -17.71
N TYR A 45 1.42 7.68 -16.49
CA TYR A 45 0.89 7.13 -15.24
C TYR A 45 1.52 5.78 -14.89
N LYS A 46 1.68 5.51 -13.60
CA LYS A 46 2.21 4.23 -13.13
C LYS A 46 1.14 3.16 -13.25
N GLU A 47 1.05 2.55 -14.42
CA GLU A 47 0.01 1.58 -14.73
C GLU A 47 0.16 0.29 -13.91
N ASN A 48 1.30 0.12 -13.25
CA ASN A 48 1.54 -1.08 -12.47
C ASN A 48 0.81 -0.99 -11.13
N GLY A 49 0.30 0.20 -10.81
CA GLY A 49 -0.43 0.39 -9.56
C GLY A 49 0.47 0.87 -8.45
N ASP A 50 1.55 1.55 -8.83
CA ASP A 50 2.59 1.94 -7.89
C ASP A 50 2.22 3.20 -7.11
N VAL A 51 1.23 3.09 -6.24
CA VAL A 51 0.89 4.19 -5.33
C VAL A 51 1.16 3.77 -3.90
N HIS A 52 2.34 4.09 -3.40
CA HIS A 52 2.78 3.72 -2.07
C HIS A 52 2.25 4.72 -1.06
N VAL A 53 1.09 4.44 -0.50
CA VAL A 53 0.46 5.33 0.46
C VAL A 53 0.63 4.83 1.88
N LEU A 54 1.00 5.74 2.76
CA LEU A 54 1.16 5.42 4.17
C LEU A 54 -0.11 5.82 4.93
N THR A 55 -0.85 4.81 5.35
CA THR A 55 -2.14 5.05 5.97
C THR A 55 -2.22 4.38 7.34
N ILE A 56 -3.38 4.46 7.96
CA ILE A 56 -3.61 3.88 9.27
C ILE A 56 -4.05 2.43 9.14
N CYS A 57 -3.35 1.54 9.83
CA CYS A 57 -3.74 0.13 9.85
C CYS A 57 -4.83 -0.09 10.89
N GLU A 58 -5.47 -1.27 10.85
CA GLU A 58 -6.53 -1.60 11.80
C GLU A 58 -6.06 -1.42 13.24
N ASP A 59 -4.84 -1.87 13.50
CA ASP A 59 -4.27 -1.79 14.84
C ASP A 59 -4.04 -0.34 15.24
N CYS A 60 -3.65 0.50 14.29
CA CYS A 60 -3.46 1.92 14.57
C CYS A 60 -4.80 2.60 14.82
N GLN A 61 -5.74 2.45 13.90
CA GLN A 61 -7.11 2.94 14.06
C GLN A 61 -7.69 2.50 15.41
N GLU A 62 -7.28 1.33 15.87
CA GLU A 62 -7.70 0.84 17.17
C GLU A 62 -7.22 1.78 18.28
N ALA A 63 -5.92 2.03 18.32
CA ALA A 63 -5.35 3.00 19.25
C ALA A 63 -5.87 4.40 18.94
N LEU A 64 -6.10 4.61 17.66
CA LEU A 64 -6.48 5.89 17.09
C LEU A 64 -7.80 6.40 17.66
N ASP A 65 -8.87 5.65 17.41
CA ASP A 65 -10.22 6.04 17.83
C ASP A 65 -10.42 5.86 19.32
N ARG A 66 -9.86 4.79 19.86
CA ARG A 66 -10.05 4.44 21.27
C ARG A 66 -9.24 5.37 22.17
N ASN A 67 -8.06 5.74 21.71
CA ASN A 67 -7.14 6.59 22.47
C ASN A 67 -6.87 6.01 23.86
N PRO A 68 -6.23 4.82 23.93
CA PRO A 68 -5.87 4.19 25.19
C PRO A 68 -4.57 4.77 25.73
N HIS A 69 -3.46 4.38 25.10
CA HIS A 69 -2.15 4.94 25.44
C HIS A 69 -1.46 5.48 24.19
N TYR A 70 -1.72 4.81 23.05
CA TYR A 70 -1.30 5.22 21.69
C TYR A 70 0.21 5.45 21.52
N HIS A 71 0.76 6.39 22.26
CA HIS A 71 2.18 6.72 22.21
C HIS A 71 3.04 5.49 22.49
N GLU A 72 2.61 4.71 23.47
CA GLU A 72 3.32 3.51 23.87
C GLU A 72 2.32 2.43 24.26
N TYR A 73 2.68 1.19 24.03
CA TYR A 73 1.79 0.07 24.31
C TYR A 73 1.83 -0.26 25.80
N HIS A 74 0.75 0.09 26.49
CA HIS A 74 0.55 -0.23 27.90
C HIS A 74 1.60 0.45 28.79
N THR A 75 1.19 1.54 29.43
CA THR A 75 2.03 2.22 30.39
C THR A 75 1.80 1.64 31.78
N GLN A 1 -13.44 2.41 -6.19
CA GLN A 1 -14.27 1.22 -5.89
C GLN A 1 -13.44 0.16 -5.19
N SER A 2 -12.65 -0.57 -5.97
CA SER A 2 -11.73 -1.54 -5.41
C SER A 2 -10.40 -0.89 -5.09
N MET A 3 -9.65 -1.45 -4.16
CA MET A 3 -8.37 -0.86 -3.76
C MET A 3 -7.38 -0.98 -4.90
N ALA A 4 -6.76 0.13 -5.22
CA ALA A 4 -5.82 0.22 -6.33
C ALA A 4 -4.45 0.67 -5.85
N LEU A 5 -4.44 1.41 -4.75
CA LEU A 5 -3.21 1.94 -4.21
C LEU A 5 -2.65 0.99 -3.18
N HIS A 6 -1.35 0.92 -3.13
CA HIS A 6 -0.69 0.01 -2.21
C HIS A 6 -0.65 0.63 -0.83
N TYR A 7 -1.21 -0.08 0.12
CA TYR A 7 -1.36 0.41 1.48
C TYR A 7 -0.23 -0.08 2.36
N TYR A 8 0.52 0.85 2.93
CA TYR A 8 1.55 0.53 3.91
C TYR A 8 1.37 1.45 5.11
N CYS A 9 1.44 0.88 6.31
CA CYS A 9 1.01 1.62 7.48
C CYS A 9 2.00 2.66 7.95
N ARG A 10 1.41 3.78 8.36
CA ARG A 10 2.10 4.81 9.11
C ARG A 10 2.64 4.23 10.41
N HIS A 11 3.96 4.22 10.54
CA HIS A 11 4.67 3.82 11.76
C HIS A 11 4.89 2.31 11.82
N CYS A 12 3.86 1.53 11.55
CA CYS A 12 3.99 0.08 11.54
C CYS A 12 4.81 -0.36 10.33
N GLY A 13 4.52 0.24 9.19
CA GLY A 13 5.11 -0.18 7.94
C GLY A 13 4.43 -1.42 7.40
N VAL A 14 3.30 -1.79 8.02
CA VAL A 14 2.60 -3.00 7.65
C VAL A 14 1.85 -2.86 6.35
N LYS A 15 1.94 -3.90 5.53
CA LYS A 15 1.26 -3.96 4.25
C LYS A 15 -0.24 -4.11 4.46
N VAL A 16 -0.95 -2.99 4.40
CA VAL A 16 -2.40 -3.01 4.61
C VAL A 16 -3.13 -3.16 3.28
N GLY A 17 -2.35 -3.30 2.20
CA GLY A 17 -2.94 -3.49 0.89
C GLY A 17 -3.10 -4.97 0.57
N SER A 18 -3.35 -5.75 1.62
CA SER A 18 -3.49 -7.21 1.52
C SER A 18 -2.15 -7.87 1.18
N LEU A 19 -1.69 -8.69 2.11
CA LEU A 19 -0.49 -9.48 1.92
C LEU A 19 -0.84 -10.91 1.57
N GLU A 20 -2.14 -11.19 1.65
CA GLU A 20 -2.67 -12.51 1.40
C GLU A 20 -2.40 -12.96 -0.04
N SER A 21 -2.12 -14.25 -0.19
CA SER A 21 -1.87 -14.84 -1.49
C SER A 21 -3.13 -14.79 -2.34
N SER A 22 -2.95 -14.72 -3.66
CA SER A 22 -4.05 -14.62 -4.61
C SER A 22 -4.65 -13.20 -4.60
N MET A 23 -4.25 -12.40 -3.63
CA MET A 23 -4.66 -11.01 -3.56
C MET A 23 -3.49 -10.14 -3.96
N VAL A 24 -2.29 -10.57 -3.54
CA VAL A 24 -1.06 -10.00 -4.03
C VAL A 24 -0.84 -10.46 -5.47
N SER A 25 -0.93 -9.54 -6.41
CA SER A 25 -0.86 -9.88 -7.83
C SER A 25 0.57 -9.80 -8.34
N THR A 26 1.49 -9.46 -7.44
CA THR A 26 2.89 -9.26 -7.79
C THR A 26 3.00 -8.16 -8.84
N ASP A 27 2.25 -7.09 -8.61
CA ASP A 27 2.17 -5.98 -9.54
C ASP A 27 3.17 -4.93 -9.13
N SER A 28 3.78 -5.15 -7.98
CA SER A 28 4.69 -4.22 -7.35
C SER A 28 6.03 -4.13 -8.11
N LEU A 29 5.97 -3.77 -9.38
CA LEU A 29 7.16 -3.46 -10.14
C LEU A 29 7.17 -2.00 -10.55
N GLY A 30 8.35 -1.47 -10.72
CA GLY A 30 8.53 -0.09 -11.08
C GLY A 30 9.99 0.24 -11.13
N PHE A 31 10.57 0.12 -12.31
CA PHE A 31 11.98 0.26 -12.48
C PHE A 31 12.40 1.72 -12.30
N GLN A 32 13.68 1.91 -12.34
CA GLN A 32 14.30 3.17 -11.97
C GLN A 32 15.50 3.41 -12.85
N HIS A 33 16.36 2.43 -12.85
CA HIS A 33 17.60 2.48 -13.61
C HIS A 33 17.57 1.48 -14.75
N LEU A 34 17.25 1.97 -15.93
CA LEU A 34 17.11 1.13 -17.10
C LEU A 34 17.45 1.90 -18.36
N THR A 35 17.93 1.19 -19.36
CA THR A 35 18.27 1.78 -20.63
C THR A 35 17.07 1.81 -21.53
N ASN A 36 17.24 2.31 -22.75
CA ASN A 36 16.14 2.32 -23.72
C ASN A 36 15.62 0.91 -23.93
N GLU A 37 16.52 -0.05 -23.88
CA GLU A 37 16.15 -1.45 -24.14
C GLU A 37 15.43 -2.08 -22.95
N GLU A 38 15.90 -1.82 -21.72
CA GLU A 38 15.25 -2.39 -20.55
C GLU A 38 13.89 -1.72 -20.35
N ARG A 39 13.80 -0.49 -20.82
CA ARG A 39 12.58 0.27 -20.80
C ARG A 39 11.59 -0.29 -21.82
N ASN A 40 12.11 -0.81 -22.93
CA ASN A 40 11.26 -1.37 -23.97
C ASN A 40 10.54 -2.61 -23.46
N ASP A 41 11.27 -3.47 -22.77
CA ASP A 41 10.70 -4.68 -22.17
C ASP A 41 9.66 -4.32 -21.11
N MET A 42 9.93 -3.24 -20.39
CA MET A 42 9.08 -2.81 -19.28
C MET A 42 8.06 -1.78 -19.76
N ILE A 43 8.01 -1.56 -21.07
CA ILE A 43 7.16 -0.54 -21.68
C ILE A 43 7.66 0.87 -21.33
N SER A 44 7.51 1.24 -20.06
CA SER A 44 7.93 2.54 -19.53
C SER A 44 7.21 2.79 -18.21
N TYR A 45 6.01 2.25 -18.12
CA TYR A 45 5.13 2.50 -16.99
C TYR A 45 5.47 1.56 -15.83
N LYS A 46 5.34 2.09 -14.62
CA LYS A 46 5.52 1.29 -13.42
C LYS A 46 4.27 0.46 -13.17
N GLU A 47 4.41 -0.85 -13.32
CA GLU A 47 3.28 -1.78 -13.29
C GLU A 47 2.39 -1.64 -12.05
N ASN A 48 2.97 -1.21 -10.94
CA ASN A 48 2.23 -1.10 -9.69
C ASN A 48 1.34 0.15 -9.68
N GLY A 49 1.47 0.97 -10.70
CA GLY A 49 0.67 2.19 -10.79
C GLY A 49 1.31 3.35 -10.08
N ASP A 50 2.46 3.08 -9.46
CA ASP A 50 3.19 4.05 -8.65
C ASP A 50 2.26 4.64 -7.57
N VAL A 51 1.54 3.75 -6.90
CA VAL A 51 0.63 4.14 -5.86
C VAL A 51 1.09 3.57 -4.51
N HIS A 52 1.86 4.37 -3.79
CA HIS A 52 2.42 3.96 -2.51
C HIS A 52 1.94 4.90 -1.42
N VAL A 53 0.89 4.51 -0.73
CA VAL A 53 0.29 5.39 0.27
C VAL A 53 0.55 4.88 1.68
N LEU A 54 0.87 5.81 2.58
CA LEU A 54 1.08 5.49 3.98
C LEU A 54 -0.20 5.76 4.75
N THR A 55 -0.86 4.71 5.18
CA THR A 55 -2.16 4.84 5.82
C THR A 55 -2.15 4.23 7.21
N ILE A 56 -3.21 4.46 7.96
CA ILE A 56 -3.36 3.88 9.28
C ILE A 56 -4.00 2.49 9.18
N CYS A 57 -3.32 1.50 9.72
CA CYS A 57 -3.82 0.14 9.69
C CYS A 57 -4.98 -0.02 10.66
N GLU A 58 -5.73 -1.11 10.53
CA GLU A 58 -6.86 -1.37 11.42
C GLU A 58 -6.40 -1.35 12.87
N ASP A 59 -5.21 -1.91 13.10
CA ASP A 59 -4.63 -1.96 14.43
C ASP A 59 -4.33 -0.56 14.96
N CYS A 60 -3.88 0.35 14.08
CA CYS A 60 -3.63 1.73 14.49
C CYS A 60 -4.93 2.44 14.79
N GLN A 61 -5.85 2.45 13.83
CA GLN A 61 -7.14 3.13 13.97
C GLN A 61 -7.82 2.77 15.29
N GLU A 62 -7.60 1.56 15.74
CA GLU A 62 -8.18 1.08 16.97
C GLU A 62 -7.62 1.86 18.16
N ALA A 63 -6.31 1.84 18.27
CA ALA A 63 -5.62 2.63 19.27
C ALA A 63 -5.95 4.10 19.08
N LEU A 64 -6.19 4.44 17.83
CA LEU A 64 -6.46 5.81 17.40
C LEU A 64 -7.72 6.37 18.03
N ASP A 65 -8.83 5.73 17.73
CA ASP A 65 -10.13 6.15 18.25
C ASP A 65 -10.13 6.12 19.77
N ARG A 66 -9.37 5.20 20.34
CA ARG A 66 -9.24 5.10 21.78
C ARG A 66 -8.50 6.32 22.34
N ASN A 67 -7.22 6.43 22.02
CA ASN A 67 -6.38 7.50 22.56
C ASN A 67 -5.52 8.11 21.46
N PRO A 68 -5.60 9.45 21.30
CA PRO A 68 -4.82 10.18 20.30
C PRO A 68 -3.32 9.93 20.47
N HIS A 69 -2.88 9.90 21.72
CA HIS A 69 -1.50 9.60 22.02
C HIS A 69 -1.41 8.23 22.68
N TYR A 70 -1.79 7.22 21.91
CA TYR A 70 -1.82 5.84 22.40
C TYR A 70 -0.41 5.31 22.63
N HIS A 71 0.58 6.00 22.08
CA HIS A 71 1.96 5.55 22.17
C HIS A 71 2.83 6.68 22.71
N GLU A 72 2.43 7.23 23.86
CA GLU A 72 3.15 8.34 24.47
C GLU A 72 4.33 7.86 25.30
N TYR A 73 4.99 6.80 24.83
CA TYR A 73 6.18 6.28 25.48
C TYR A 73 7.31 7.31 25.39
N HIS A 74 7.50 7.82 24.18
CA HIS A 74 8.48 8.86 23.93
C HIS A 74 7.91 9.87 22.95
N THR A 75 7.27 10.90 23.47
CA THR A 75 6.65 11.91 22.64
C THR A 75 7.09 13.30 23.12
N GLN A 1 -11.74 -6.39 -4.48
CA GLN A 1 -11.11 -7.43 -5.33
C GLN A 1 -9.76 -6.95 -5.87
N SER A 2 -9.59 -5.64 -5.99
CA SER A 2 -8.36 -5.09 -6.54
C SER A 2 -7.95 -3.83 -5.79
N MET A 3 -6.65 -3.60 -5.70
CA MET A 3 -6.13 -2.40 -5.09
C MET A 3 -5.60 -1.45 -6.14
N ALA A 4 -5.84 -0.17 -5.92
CA ALA A 4 -5.43 0.86 -6.86
C ALA A 4 -4.11 1.48 -6.43
N LEU A 5 -3.92 1.52 -5.12
CA LEU A 5 -2.66 1.99 -4.54
C LEU A 5 -2.27 1.05 -3.45
N HIS A 6 -0.99 1.00 -3.16
CA HIS A 6 -0.49 0.09 -2.14
C HIS A 6 -0.52 0.77 -0.80
N TYR A 7 -1.19 0.15 0.13
CA TYR A 7 -1.24 0.69 1.47
C TYR A 7 -0.13 0.12 2.31
N TYR A 8 0.48 0.99 3.08
CA TYR A 8 1.51 0.62 4.03
C TYR A 8 1.27 1.45 5.27
N CYS A 9 1.10 0.83 6.41
CA CYS A 9 0.70 1.58 7.58
C CYS A 9 1.82 2.43 8.10
N ARG A 10 1.49 3.69 8.31
CA ARG A 10 2.37 4.65 8.91
C ARG A 10 2.87 4.13 10.25
N HIS A 11 4.17 4.10 10.37
CA HIS A 11 4.86 3.72 11.60
C HIS A 11 4.91 2.19 11.79
N CYS A 12 4.01 1.48 11.13
CA CYS A 12 4.01 0.01 11.23
C CYS A 12 4.79 -0.62 10.08
N GLY A 13 4.63 -0.06 8.89
CA GLY A 13 5.25 -0.61 7.72
C GLY A 13 4.47 -1.78 7.15
N VAL A 14 3.36 -2.11 7.79
CA VAL A 14 2.56 -3.25 7.37
C VAL A 14 1.86 -2.97 6.04
N LYS A 15 1.82 -3.99 5.19
CA LYS A 15 1.20 -3.88 3.88
C LYS A 15 -0.28 -4.05 4.07
N VAL A 16 -0.95 -2.94 4.21
CA VAL A 16 -2.32 -2.93 4.62
C VAL A 16 -3.23 -2.64 3.43
N GLY A 17 -2.62 -2.66 2.25
CA GLY A 17 -3.37 -2.58 1.01
C GLY A 17 -3.69 -3.94 0.47
N SER A 18 -2.92 -4.91 0.93
CA SER A 18 -3.13 -6.29 0.57
C SER A 18 -3.95 -7.00 1.64
N LEU A 19 -5.23 -6.64 1.70
CA LEU A 19 -6.14 -7.20 2.68
C LEU A 19 -7.15 -8.06 1.97
N GLU A 20 -7.35 -7.75 0.71
CA GLU A 20 -8.16 -8.59 -0.16
C GLU A 20 -7.23 -9.57 -0.85
N SER A 21 -6.00 -9.11 -1.04
CA SER A 21 -4.93 -9.97 -1.49
C SER A 21 -4.31 -10.67 -0.29
N SER A 22 -5.08 -11.56 0.29
CA SER A 22 -4.70 -12.22 1.53
C SER A 22 -3.69 -13.34 1.25
N MET A 23 -4.05 -14.23 0.34
CA MET A 23 -3.16 -15.31 -0.04
C MET A 23 -2.81 -15.16 -1.51
N VAL A 24 -3.24 -14.04 -2.06
CA VAL A 24 -2.97 -13.71 -3.45
C VAL A 24 -1.48 -13.42 -3.63
N SER A 25 -0.82 -14.25 -4.43
CA SER A 25 0.57 -14.06 -4.75
C SER A 25 0.75 -12.80 -5.59
N THR A 26 1.87 -12.13 -5.43
CA THR A 26 2.13 -10.90 -6.16
C THR A 26 2.50 -11.19 -7.61
N ASP A 27 1.49 -11.44 -8.43
CA ASP A 27 1.70 -11.67 -9.86
C ASP A 27 1.57 -10.36 -10.59
N SER A 28 0.69 -9.52 -10.05
CA SER A 28 0.46 -8.20 -10.59
C SER A 28 1.59 -7.26 -10.17
N LEU A 29 2.74 -7.44 -10.79
CA LEU A 29 3.90 -6.58 -10.57
C LEU A 29 4.44 -6.10 -11.91
N GLY A 30 5.32 -5.12 -11.88
CA GLY A 30 5.85 -4.55 -13.12
C GLY A 30 6.96 -5.39 -13.72
N PHE A 31 6.69 -6.68 -13.90
CA PHE A 31 7.65 -7.60 -14.46
C PHE A 31 6.99 -8.36 -15.60
N GLN A 32 7.60 -9.44 -16.03
CA GLN A 32 7.05 -10.18 -17.17
C GLN A 32 6.40 -11.47 -16.69
N HIS A 33 7.13 -12.22 -15.90
CA HIS A 33 6.71 -13.50 -15.38
C HIS A 33 7.81 -13.99 -14.45
N LEU A 34 8.01 -13.23 -13.40
CA LEU A 34 9.18 -13.40 -12.55
C LEU A 34 9.27 -14.79 -11.93
N THR A 35 10.50 -15.17 -11.65
CA THR A 35 10.81 -16.48 -11.08
C THR A 35 11.84 -16.27 -9.98
N ASN A 36 12.34 -17.35 -9.39
CA ASN A 36 13.28 -17.27 -8.27
C ASN A 36 14.44 -16.31 -8.60
N GLU A 37 14.85 -16.29 -9.85
CA GLU A 37 15.91 -15.38 -10.30
C GLU A 37 15.40 -13.95 -10.38
N GLU A 38 14.31 -13.76 -11.12
CA GLU A 38 13.79 -12.42 -11.38
C GLU A 38 13.26 -11.79 -10.08
N ARG A 39 12.80 -12.62 -9.15
CA ARG A 39 12.34 -12.15 -7.85
C ARG A 39 13.51 -11.70 -7.00
N ASN A 40 14.64 -12.38 -7.17
CA ASN A 40 15.84 -12.05 -6.41
C ASN A 40 16.52 -10.82 -6.98
N ASP A 41 16.69 -10.82 -8.30
CA ASP A 41 17.36 -9.73 -8.98
C ASP A 41 16.48 -8.47 -9.05
N MET A 42 15.29 -8.63 -9.63
CA MET A 42 14.41 -7.49 -9.85
C MET A 42 13.62 -7.15 -8.58
N ILE A 43 13.68 -8.06 -7.61
CA ILE A 43 13.00 -7.90 -6.32
C ILE A 43 11.49 -8.10 -6.45
N SER A 44 10.90 -8.86 -5.54
CA SER A 44 9.47 -9.11 -5.55
C SER A 44 8.71 -7.93 -4.96
N TYR A 45 9.04 -6.72 -5.42
CA TYR A 45 8.46 -5.50 -4.89
C TYR A 45 8.61 -4.39 -5.93
N LYS A 46 7.75 -3.38 -5.85
CA LYS A 46 7.81 -2.24 -6.75
C LYS A 46 9.04 -1.40 -6.46
N GLU A 47 10.04 -1.51 -7.32
CA GLU A 47 11.33 -0.87 -7.11
C GLU A 47 11.22 0.66 -7.26
N ASN A 48 10.27 1.11 -8.07
CA ASN A 48 10.07 2.53 -8.29
C ASN A 48 9.14 3.11 -7.24
N GLY A 49 8.76 2.28 -6.29
CA GLY A 49 7.84 2.70 -5.24
C GLY A 49 6.40 2.57 -5.69
N ASP A 50 6.16 2.83 -6.97
CA ASP A 50 4.83 2.70 -7.57
C ASP A 50 3.80 3.49 -6.76
N VAL A 51 2.53 3.08 -6.80
CA VAL A 51 1.52 3.72 -5.99
C VAL A 51 1.62 3.25 -4.55
N HIS A 52 2.08 4.12 -3.68
CA HIS A 52 2.29 3.78 -2.29
C HIS A 52 1.79 4.89 -1.38
N VAL A 53 0.90 4.53 -0.48
CA VAL A 53 0.32 5.49 0.46
C VAL A 53 0.44 4.97 1.88
N LEU A 54 0.83 5.86 2.78
CA LEU A 54 0.95 5.53 4.19
C LEU A 54 -0.37 5.78 4.89
N THR A 55 -0.98 4.72 5.40
CA THR A 55 -2.32 4.81 5.97
C THR A 55 -2.34 4.20 7.37
N ILE A 56 -3.54 4.06 7.93
CA ILE A 56 -3.72 3.52 9.26
C ILE A 56 -4.19 2.06 9.20
N CYS A 57 -3.41 1.17 9.79
CA CYS A 57 -3.80 -0.23 9.91
C CYS A 57 -4.89 -0.38 10.95
N GLU A 58 -5.55 -1.51 10.96
CA GLU A 58 -6.62 -1.76 11.93
C GLU A 58 -6.13 -1.53 13.36
N ASP A 59 -4.91 -1.98 13.66
CA ASP A 59 -4.32 -1.80 14.97
C ASP A 59 -4.25 -0.31 15.34
N CYS A 60 -3.75 0.49 14.41
CA CYS A 60 -3.63 1.93 14.64
C CYS A 60 -5.00 2.58 14.71
N GLN A 61 -5.93 2.10 13.90
CA GLN A 61 -7.32 2.54 13.96
C GLN A 61 -7.87 2.44 15.37
N GLU A 62 -7.43 1.43 16.09
CA GLU A 62 -7.89 1.22 17.44
C GLU A 62 -7.32 2.25 18.40
N ALA A 63 -6.02 2.51 18.28
CA ALA A 63 -5.38 3.52 19.12
C ALA A 63 -5.96 4.87 18.76
N LEU A 64 -6.30 4.99 17.50
CA LEU A 64 -6.93 6.16 16.94
C LEU A 64 -8.30 6.40 17.56
N ASP A 65 -9.14 5.40 17.40
CA ASP A 65 -10.50 5.43 17.96
C ASP A 65 -10.47 5.63 19.47
N ARG A 66 -9.41 5.14 20.11
CA ARG A 66 -9.21 5.30 21.55
C ARG A 66 -8.83 6.74 21.87
N ASN A 67 -7.75 7.21 21.29
CA ASN A 67 -7.28 8.58 21.49
C ASN A 67 -7.05 9.25 20.14
N PRO A 68 -8.06 10.00 19.67
CA PRO A 68 -8.05 10.62 18.34
C PRO A 68 -6.84 11.52 18.08
N HIS A 69 -6.48 11.63 16.81
CA HIS A 69 -5.32 12.42 16.37
C HIS A 69 -4.02 11.85 16.90
N TYR A 70 -3.54 10.81 16.24
CA TYR A 70 -2.29 10.18 16.63
C TYR A 70 -1.14 10.84 15.87
N HIS A 71 -0.77 12.05 16.32
CA HIS A 71 0.26 12.85 15.67
C HIS A 71 -0.10 13.09 14.21
N GLU A 72 -1.28 13.64 13.99
CA GLU A 72 -1.80 13.81 12.65
C GLU A 72 -2.57 15.11 12.52
N TYR A 73 -2.39 15.79 11.39
CA TYR A 73 -3.10 17.02 11.11
C TYR A 73 -4.35 16.71 10.29
N HIS A 74 -5.47 17.32 10.67
CA HIS A 74 -6.72 17.09 9.94
C HIS A 74 -6.67 17.78 8.57
N THR A 75 -6.69 16.97 7.52
CA THR A 75 -6.63 17.49 6.18
C THR A 75 -7.97 17.30 5.47
N GLN A 1 -9.48 -5.85 -12.06
CA GLN A 1 -8.47 -5.48 -11.05
C GLN A 1 -9.14 -4.95 -9.79
N SER A 2 -8.92 -5.62 -8.67
CA SER A 2 -9.47 -5.18 -7.39
C SER A 2 -8.38 -4.56 -6.54
N MET A 3 -7.58 -3.70 -7.16
CA MET A 3 -6.46 -3.05 -6.50
C MET A 3 -6.25 -1.68 -7.10
N ALA A 4 -5.57 -0.80 -6.38
CA ALA A 4 -5.27 0.54 -6.88
C ALA A 4 -3.91 1.00 -6.42
N LEU A 5 -3.81 1.31 -5.15
CA LEU A 5 -2.55 1.77 -4.57
C LEU A 5 -2.14 0.83 -3.44
N HIS A 6 -0.87 0.78 -3.15
CA HIS A 6 -0.35 -0.12 -2.14
C HIS A 6 -0.38 0.56 -0.79
N TYR A 7 -1.07 -0.03 0.16
CA TYR A 7 -1.20 0.55 1.49
C TYR A 7 -0.09 0.03 2.40
N TYR A 8 0.69 0.95 2.92
CA TYR A 8 1.72 0.61 3.89
C TYR A 8 1.55 1.51 5.11
N CYS A 9 1.49 0.92 6.29
CA CYS A 9 1.08 1.68 7.46
C CYS A 9 2.11 2.67 7.94
N ARG A 10 1.61 3.80 8.42
CA ARG A 10 2.37 4.77 9.16
C ARG A 10 3.06 4.10 10.35
N HIS A 11 4.39 4.04 10.29
CA HIS A 11 5.24 3.55 11.38
C HIS A 11 5.33 2.02 11.38
N CYS A 12 4.18 1.37 11.25
CA CYS A 12 4.15 -0.09 11.27
C CYS A 12 4.77 -0.68 10.01
N GLY A 13 4.56 0.00 8.90
CA GLY A 13 5.03 -0.49 7.62
C GLY A 13 4.15 -1.61 7.08
N VAL A 14 3.15 -1.99 7.87
CA VAL A 14 2.26 -3.10 7.53
C VAL A 14 1.45 -2.79 6.29
N LYS A 15 1.39 -3.77 5.42
CA LYS A 15 0.65 -3.66 4.17
C LYS A 15 -0.84 -3.72 4.45
N VAL A 16 -1.48 -2.56 4.50
CA VAL A 16 -2.90 -2.46 4.81
C VAL A 16 -3.73 -2.74 3.57
N GLY A 17 -3.03 -2.93 2.46
CA GLY A 17 -3.68 -3.21 1.21
C GLY A 17 -2.88 -4.19 0.38
N SER A 18 -3.19 -5.47 0.53
CA SER A 18 -2.48 -6.51 -0.18
C SER A 18 -2.97 -6.63 -1.62
N LEU A 19 -2.04 -6.73 -2.54
CA LEU A 19 -2.36 -6.94 -3.95
C LEU A 19 -1.31 -7.81 -4.60
N GLU A 20 -0.08 -7.59 -4.22
CA GLU A 20 1.04 -8.38 -4.70
C GLU A 20 1.00 -9.76 -4.08
N SER A 21 0.81 -9.78 -2.77
CA SER A 21 0.72 -11.03 -2.02
C SER A 21 -0.55 -11.78 -2.39
N SER A 22 -1.49 -11.08 -3.00
CA SER A 22 -2.77 -11.65 -3.37
C SER A 22 -2.79 -12.12 -4.82
N MET A 23 -1.62 -12.17 -5.45
CA MET A 23 -1.52 -12.64 -6.84
C MET A 23 -0.17 -13.30 -7.10
N VAL A 24 0.88 -12.77 -6.47
CA VAL A 24 2.22 -13.31 -6.60
C VAL A 24 2.74 -13.21 -8.04
N SER A 25 3.52 -12.16 -8.28
CA SER A 25 4.12 -11.88 -9.58
C SER A 25 3.08 -11.33 -10.56
N THR A 26 3.35 -10.14 -11.07
CA THR A 26 2.46 -9.48 -12.01
C THR A 26 2.71 -10.00 -13.43
N ASP A 27 1.69 -9.93 -14.27
CA ASP A 27 1.78 -10.43 -15.64
C ASP A 27 2.28 -9.33 -16.55
N SER A 28 2.10 -8.10 -16.10
CA SER A 28 2.57 -6.93 -16.81
C SER A 28 4.08 -6.99 -16.98
N LEU A 29 4.53 -7.05 -18.22
CA LEU A 29 5.93 -7.08 -18.54
C LEU A 29 6.58 -5.74 -18.22
N GLY A 30 6.09 -4.69 -18.87
CA GLY A 30 6.63 -3.36 -18.64
C GLY A 30 8.09 -3.27 -19.01
N PHE A 31 8.40 -3.63 -20.25
CA PHE A 31 9.75 -3.59 -20.75
C PHE A 31 10.18 -2.16 -21.00
N GLN A 32 9.78 -1.64 -22.17
CA GLN A 32 10.18 -0.33 -22.63
C GLN A 32 9.70 -0.15 -24.07
N HIS A 33 9.88 -1.19 -24.86
CA HIS A 33 9.54 -1.18 -26.27
C HIS A 33 9.67 -2.59 -26.83
N LEU A 34 8.97 -3.54 -26.21
CA LEU A 34 8.97 -4.91 -26.66
C LEU A 34 8.48 -5.01 -28.09
N THR A 35 7.20 -4.70 -28.27
CA THR A 35 6.57 -4.67 -29.56
C THR A 35 5.29 -3.86 -29.47
N ASN A 36 4.52 -3.80 -30.55
CA ASN A 36 3.27 -3.05 -30.55
C ASN A 36 2.32 -3.59 -29.50
N GLU A 37 2.43 -4.89 -29.21
CA GLU A 37 1.64 -5.51 -28.15
C GLU A 37 1.86 -4.81 -26.81
N GLU A 38 3.11 -4.50 -26.49
CA GLU A 38 3.40 -3.79 -25.25
C GLU A 38 2.97 -2.33 -25.36
N ARG A 39 3.22 -1.74 -26.52
CA ARG A 39 2.99 -0.32 -26.72
C ARG A 39 1.53 0.07 -26.48
N ASN A 40 0.60 -0.76 -26.93
CA ASN A 40 -0.81 -0.43 -26.80
C ASN A 40 -1.32 -0.69 -25.38
N ASP A 41 -0.89 -1.80 -24.78
CA ASP A 41 -1.40 -2.20 -23.46
C ASP A 41 -0.74 -1.41 -22.32
N MET A 42 0.58 -1.50 -22.22
CA MET A 42 1.29 -0.90 -21.08
C MET A 42 2.13 0.29 -21.50
N ILE A 43 2.32 0.46 -22.81
CA ILE A 43 3.23 1.45 -23.42
C ILE A 43 4.65 1.41 -22.81
N SER A 44 4.81 1.89 -21.58
CA SER A 44 6.09 1.85 -20.89
C SER A 44 5.83 1.95 -19.38
N TYR A 45 4.65 1.51 -18.99
CA TYR A 45 4.17 1.67 -17.64
C TYR A 45 3.81 0.32 -17.02
N LYS A 46 4.31 0.08 -15.83
CA LYS A 46 4.01 -1.14 -15.09
C LYS A 46 2.58 -1.12 -14.58
N GLU A 47 1.86 -2.22 -14.78
CA GLU A 47 0.48 -2.33 -14.33
C GLU A 47 0.41 -2.34 -12.80
N ASN A 48 1.57 -2.49 -12.17
CA ASN A 48 1.66 -2.50 -10.71
C ASN A 48 1.38 -1.10 -10.17
N GLY A 49 1.53 -0.09 -11.03
CA GLY A 49 1.13 1.25 -10.68
C GLY A 49 2.23 2.09 -10.05
N ASP A 50 3.14 1.45 -9.33
CA ASP A 50 4.13 2.16 -8.52
C ASP A 50 3.42 3.18 -7.64
N VAL A 51 2.55 2.66 -6.78
CA VAL A 51 1.68 3.48 -5.95
C VAL A 51 1.74 3.03 -4.51
N HIS A 52 2.22 3.90 -3.64
CA HIS A 52 2.30 3.60 -2.22
C HIS A 52 1.62 4.69 -1.42
N VAL A 53 0.88 4.29 -0.41
CA VAL A 53 0.16 5.23 0.44
C VAL A 53 0.36 4.90 1.90
N LEU A 54 0.83 5.88 2.66
CA LEU A 54 1.02 5.72 4.09
C LEU A 54 -0.27 6.02 4.80
N THR A 55 -0.90 4.99 5.35
CA THR A 55 -2.16 5.14 6.01
C THR A 55 -2.15 4.43 7.36
N ILE A 56 -3.30 4.39 8.01
CA ILE A 56 -3.43 3.83 9.34
C ILE A 56 -4.00 2.42 9.29
N CYS A 57 -3.23 1.45 9.79
CA CYS A 57 -3.68 0.07 9.87
C CYS A 57 -4.80 -0.06 10.89
N GLU A 58 -5.51 -1.16 10.90
CA GLU A 58 -6.62 -1.35 11.82
C GLU A 58 -6.14 -1.23 13.27
N ASP A 59 -4.90 -1.64 13.52
CA ASP A 59 -4.31 -1.54 14.85
C ASP A 59 -4.11 -0.07 15.25
N CYS A 60 -3.60 0.72 14.30
CA CYS A 60 -3.45 2.16 14.51
C CYS A 60 -4.83 2.80 14.64
N GLN A 61 -5.75 2.36 13.78
CA GLN A 61 -7.14 2.74 13.83
C GLN A 61 -7.72 2.54 15.22
N GLU A 62 -7.27 1.49 15.89
CA GLU A 62 -7.72 1.20 17.23
C GLU A 62 -7.10 2.14 18.24
N ALA A 63 -5.80 2.38 18.08
CA ALA A 63 -5.08 3.31 18.94
C ALA A 63 -5.68 4.68 18.78
N LEU A 64 -6.22 4.89 17.61
CA LEU A 64 -6.83 6.11 17.23
C LEU A 64 -8.20 6.28 17.87
N ASP A 65 -9.08 5.34 17.57
CA ASP A 65 -10.49 5.40 17.96
C ASP A 65 -10.67 5.31 19.48
N ARG A 66 -9.92 4.41 20.10
CA ARG A 66 -10.10 4.16 21.53
C ARG A 66 -8.76 4.15 22.26
N ASN A 67 -8.29 5.34 22.62
CA ASN A 67 -7.00 5.49 23.27
C ASN A 67 -7.14 6.22 24.59
N PRO A 68 -6.33 5.82 25.59
CA PRO A 68 -6.27 6.52 26.87
C PRO A 68 -5.48 7.82 26.78
N HIS A 69 -4.47 7.86 25.90
CA HIS A 69 -3.66 9.07 25.70
C HIS A 69 -2.67 8.90 24.54
N TYR A 70 -3.15 8.36 23.42
CA TYR A 70 -2.29 8.12 22.28
C TYR A 70 -2.16 9.38 21.42
N HIS A 71 -3.28 10.07 21.23
CA HIS A 71 -3.29 11.28 20.44
C HIS A 71 -4.29 12.27 21.03
N GLU A 72 -3.95 13.55 20.97
CA GLU A 72 -4.80 14.59 21.55
C GLU A 72 -6.06 14.77 20.73
N TYR A 73 -7.12 14.08 21.13
CA TYR A 73 -8.41 14.21 20.49
C TYR A 73 -9.07 15.52 20.86
N HIS A 74 -8.54 16.14 21.91
CA HIS A 74 -9.00 17.45 22.35
C HIS A 74 -8.38 18.55 21.50
N THR A 75 -7.28 18.22 20.83
CA THR A 75 -6.56 19.18 20.01
C THR A 75 -6.11 18.52 18.70
N GLN A 1 -9.82 -7.38 -8.73
CA GLN A 1 -8.74 -6.89 -7.85
C GLN A 1 -9.32 -6.31 -6.57
N SER A 2 -8.57 -6.40 -5.49
CA SER A 2 -8.99 -5.81 -4.22
C SER A 2 -8.12 -4.60 -3.88
N MET A 3 -7.26 -4.22 -4.82
CA MET A 3 -6.31 -3.13 -4.57
C MET A 3 -6.22 -2.18 -5.74
N ALA A 4 -6.04 -0.91 -5.40
CA ALA A 4 -5.79 0.13 -6.38
C ALA A 4 -4.50 0.84 -6.03
N LEU A 5 -4.45 1.32 -4.80
CA LEU A 5 -3.25 1.94 -4.25
C LEU A 5 -2.60 0.98 -3.27
N HIS A 6 -1.30 1.09 -3.11
CA HIS A 6 -0.59 0.20 -2.19
C HIS A 6 -0.60 0.81 -0.80
N TYR A 7 -1.11 0.05 0.14
CA TYR A 7 -1.30 0.52 1.49
C TYR A 7 -0.21 0.01 2.41
N TYR A 8 0.62 0.92 2.89
CA TYR A 8 1.64 0.58 3.87
C TYR A 8 1.46 1.48 5.08
N CYS A 9 1.53 0.91 6.28
CA CYS A 9 1.20 1.68 7.47
C CYS A 9 2.34 2.54 7.94
N ARG A 10 2.01 3.79 8.22
CA ARG A 10 2.93 4.69 8.86
C ARG A 10 3.17 4.19 10.28
N HIS A 11 4.43 3.99 10.57
CA HIS A 11 4.93 3.66 11.92
C HIS A 11 4.97 2.16 12.13
N CYS A 12 4.26 1.42 11.29
CA CYS A 12 4.24 -0.03 11.41
C CYS A 12 4.96 -0.69 10.24
N GLY A 13 4.77 -0.13 9.05
CA GLY A 13 5.32 -0.73 7.85
C GLY A 13 4.44 -1.86 7.34
N VAL A 14 3.30 -2.07 8.00
CA VAL A 14 2.40 -3.15 7.64
C VAL A 14 1.64 -2.87 6.36
N LYS A 15 1.64 -3.86 5.48
CA LYS A 15 0.93 -3.80 4.23
C LYS A 15 -0.56 -3.99 4.48
N VAL A 16 -1.27 -2.87 4.60
CA VAL A 16 -2.68 -2.90 5.01
C VAL A 16 -3.58 -3.35 3.86
N GLY A 17 -3.18 -3.05 2.63
CA GLY A 17 -4.00 -3.36 1.48
C GLY A 17 -3.18 -3.76 0.28
N SER A 18 -2.28 -4.71 0.48
CA SER A 18 -1.44 -5.22 -0.58
C SER A 18 -1.13 -6.68 -0.33
N LEU A 19 -2.12 -7.53 -0.60
CA LEU A 19 -2.02 -8.96 -0.35
C LEU A 19 -1.84 -9.70 -1.66
N GLU A 20 -2.13 -8.98 -2.73
CA GLU A 20 -2.08 -9.53 -4.08
C GLU A 20 -0.66 -9.89 -4.48
N SER A 21 0.30 -9.35 -3.75
CA SER A 21 1.72 -9.62 -3.98
C SER A 21 2.03 -11.12 -3.92
N SER A 22 1.24 -11.85 -3.13
CA SER A 22 1.42 -13.28 -2.97
C SER A 22 1.19 -14.01 -4.30
N MET A 23 0.41 -13.40 -5.18
CA MET A 23 0.10 -14.02 -6.47
C MET A 23 0.83 -13.29 -7.57
N VAL A 24 1.06 -12.01 -7.34
CA VAL A 24 1.67 -11.13 -8.29
C VAL A 24 3.10 -10.81 -7.87
N SER A 25 4.06 -11.52 -8.42
CA SER A 25 5.46 -11.28 -8.12
C SER A 25 5.94 -10.01 -8.83
N THR A 26 5.35 -9.72 -9.98
CA THR A 26 5.73 -8.56 -10.74
C THR A 26 4.91 -7.34 -10.31
N ASP A 27 5.32 -6.74 -9.21
CA ASP A 27 4.68 -5.55 -8.70
C ASP A 27 5.44 -4.33 -9.18
N SER A 28 6.69 -4.57 -9.53
CA SER A 28 7.59 -3.55 -9.99
C SER A 28 8.05 -3.86 -11.41
N LEU A 29 7.89 -2.89 -12.31
CA LEU A 29 8.30 -3.04 -13.69
C LEU A 29 9.83 -3.12 -13.76
N GLY A 30 10.49 -2.00 -13.50
CA GLY A 30 11.95 -1.98 -13.51
C GLY A 30 12.53 -2.14 -14.90
N PHE A 31 13.37 -1.20 -15.29
CA PHE A 31 13.97 -1.22 -16.61
C PHE A 31 15.45 -0.80 -16.56
N GLN A 32 16.28 -1.62 -17.17
CA GLN A 32 17.70 -1.40 -17.26
C GLN A 32 18.03 -0.83 -18.62
N HIS A 33 17.75 -1.63 -19.64
CA HIS A 33 17.81 -1.17 -21.02
C HIS A 33 16.39 -0.89 -21.48
N LEU A 34 16.07 0.36 -21.73
CA LEU A 34 14.72 0.71 -22.08
C LEU A 34 14.69 1.52 -23.37
N THR A 35 13.83 1.10 -24.28
CA THR A 35 13.74 1.70 -25.60
C THR A 35 12.36 1.41 -26.19
N ASN A 36 12.23 0.30 -26.90
CA ASN A 36 10.94 -0.18 -27.34
C ASN A 36 10.25 -0.83 -26.16
N GLU A 37 11.07 -1.35 -25.26
CA GLU A 37 10.61 -1.90 -23.99
C GLU A 37 9.95 -0.81 -23.18
N GLU A 38 10.51 0.38 -23.29
CA GLU A 38 9.97 1.56 -22.65
C GLU A 38 8.61 1.91 -23.25
N ARG A 39 8.58 1.96 -24.57
CA ARG A 39 7.39 2.36 -25.30
C ARG A 39 6.25 1.37 -25.11
N ASN A 40 6.52 0.10 -25.40
CA ASN A 40 5.48 -0.92 -25.41
C ASN A 40 5.07 -1.34 -24.00
N ASP A 41 6.04 -1.79 -23.22
CA ASP A 41 5.77 -2.35 -21.89
C ASP A 41 5.43 -1.27 -20.89
N MET A 42 6.32 -0.30 -20.73
CA MET A 42 6.16 0.74 -19.72
C MET A 42 5.15 1.79 -20.14
N ILE A 43 5.23 2.20 -21.40
CA ILE A 43 4.41 3.27 -21.96
C ILE A 43 4.77 4.60 -21.29
N SER A 44 4.30 4.80 -20.07
CA SER A 44 4.57 6.01 -19.31
C SER A 44 4.31 5.78 -17.82
N TYR A 45 4.12 4.53 -17.44
CA TYR A 45 3.73 4.22 -16.07
C TYR A 45 4.60 3.11 -15.47
N LYS A 46 4.56 3.03 -14.15
CA LYS A 46 5.25 1.98 -13.42
C LYS A 46 4.24 0.90 -13.03
N GLU A 47 4.70 -0.34 -12.96
CA GLU A 47 3.84 -1.48 -12.62
C GLU A 47 3.31 -1.35 -11.19
N ASN A 48 4.00 -0.53 -10.39
CA ASN A 48 3.57 -0.28 -9.02
C ASN A 48 2.35 0.63 -9.02
N GLY A 49 2.01 1.16 -10.19
CA GLY A 49 0.92 2.11 -10.29
C GLY A 49 1.31 3.46 -9.74
N ASP A 50 2.54 3.52 -9.21
CA ASP A 50 3.07 4.72 -8.56
C ASP A 50 2.16 5.16 -7.42
N VAL A 51 1.37 4.22 -6.92
CA VAL A 51 0.47 4.49 -5.81
C VAL A 51 1.00 3.83 -4.54
N HIS A 52 1.76 4.61 -3.79
CA HIS A 52 2.40 4.15 -2.58
C HIS A 52 2.01 5.05 -1.43
N VAL A 53 0.96 4.69 -0.73
CA VAL A 53 0.40 5.54 0.30
C VAL A 53 0.64 5.00 1.70
N LEU A 54 1.07 5.88 2.59
CA LEU A 54 1.24 5.54 3.98
C LEU A 54 -0.06 5.83 4.73
N THR A 55 -0.67 4.79 5.25
CA THR A 55 -1.98 4.90 5.85
C THR A 55 -1.98 4.30 7.25
N ILE A 56 -3.17 4.23 7.83
CA ILE A 56 -3.35 3.69 9.16
C ILE A 56 -3.87 2.25 9.10
N CYS A 57 -3.13 1.33 9.70
CA CYS A 57 -3.58 -0.05 9.81
C CYS A 57 -4.70 -0.14 10.84
N GLU A 58 -5.42 -1.25 10.86
CA GLU A 58 -6.56 -1.38 11.75
C GLU A 58 -6.18 -1.15 13.21
N ASP A 59 -5.02 -1.68 13.60
CA ASP A 59 -4.51 -1.50 14.97
C ASP A 59 -4.28 -0.02 15.27
N CYS A 60 -3.78 0.70 14.27
CA CYS A 60 -3.59 2.13 14.41
C CYS A 60 -4.92 2.86 14.52
N GLN A 61 -5.87 2.49 13.67
CA GLN A 61 -7.24 3.00 13.78
C GLN A 61 -7.86 2.69 15.14
N GLU A 62 -7.49 1.57 15.73
CA GLU A 62 -7.94 1.28 17.05
C GLU A 62 -7.29 2.18 18.07
N ALA A 63 -5.99 2.42 17.90
CA ALA A 63 -5.27 3.44 18.68
C ALA A 63 -5.97 4.78 18.49
N LEU A 64 -6.57 4.91 17.33
CA LEU A 64 -7.33 6.08 16.92
C LEU A 64 -8.62 6.19 17.71
N ASP A 65 -9.42 5.16 17.58
CA ASP A 65 -10.75 5.10 18.20
C ASP A 65 -10.66 5.03 19.72
N ARG A 66 -9.62 4.40 20.24
CA ARG A 66 -9.41 4.34 21.67
C ARG A 66 -8.13 5.09 22.00
N ASN A 67 -7.24 4.45 22.76
CA ASN A 67 -5.97 5.05 23.18
C ASN A 67 -5.29 4.17 24.23
N PRO A 68 -4.59 3.12 23.80
CA PRO A 68 -3.78 2.30 24.70
C PRO A 68 -2.58 3.08 25.22
N HIS A 69 -1.86 3.71 24.30
CA HIS A 69 -0.74 4.57 24.63
C HIS A 69 -0.42 5.44 23.43
N TYR A 70 -1.47 5.86 22.74
CA TYR A 70 -1.34 6.55 21.46
C TYR A 70 -1.25 8.05 21.67
N HIS A 71 -0.02 8.57 21.72
CA HIS A 71 0.23 10.01 21.81
C HIS A 71 -0.57 10.63 22.95
N GLU A 72 -0.48 10.01 24.11
CA GLU A 72 -1.28 10.41 25.25
C GLU A 72 -0.55 11.48 26.08
N TYR A 73 0.46 12.10 25.48
CA TYR A 73 1.22 13.14 26.16
C TYR A 73 0.49 14.48 26.08
N HIS A 74 -0.80 14.47 26.38
CA HIS A 74 -1.59 15.68 26.36
C HIS A 74 -2.52 15.73 27.58
N THR A 75 -2.07 15.10 28.65
CA THR A 75 -2.84 15.04 29.87
C THR A 75 -2.71 16.33 30.66
N GLN A 1 -8.42 -8.75 -6.28
CA GLN A 1 -8.12 -7.44 -5.66
C GLN A 1 -6.78 -6.91 -6.17
N SER A 2 -6.85 -5.93 -7.06
CA SER A 2 -5.67 -5.27 -7.59
C SER A 2 -5.99 -3.82 -7.92
N MET A 3 -5.36 -2.92 -7.20
CA MET A 3 -5.59 -1.49 -7.39
C MET A 3 -4.32 -0.83 -7.92
N ALA A 4 -4.42 0.46 -8.26
CA ALA A 4 -3.25 1.18 -8.77
C ALA A 4 -2.40 1.68 -7.62
N LEU A 5 -2.95 1.60 -6.43
CA LEU A 5 -2.29 2.10 -5.24
C LEU A 5 -2.05 0.95 -4.28
N HIS A 6 -1.09 1.14 -3.40
CA HIS A 6 -0.71 0.12 -2.44
C HIS A 6 -0.69 0.71 -1.05
N TYR A 7 -1.39 0.06 -0.18
CA TYR A 7 -1.53 0.52 1.19
C TYR A 7 -0.43 -0.03 2.07
N TYR A 8 0.39 0.87 2.59
CA TYR A 8 1.39 0.52 3.60
C TYR A 8 1.18 1.41 4.80
N CYS A 9 1.20 0.85 6.00
CA CYS A 9 0.83 1.64 7.15
C CYS A 9 1.97 2.49 7.65
N ARG A 10 1.64 3.75 7.88
CA ARG A 10 2.56 4.67 8.49
C ARG A 10 2.90 4.18 9.88
N HIS A 11 4.18 4.00 10.12
CA HIS A 11 4.72 3.77 11.46
C HIS A 11 4.60 2.30 11.88
N CYS A 12 3.46 1.68 11.57
CA CYS A 12 3.29 0.26 11.85
C CYS A 12 4.11 -0.57 10.87
N GLY A 13 4.23 -0.05 9.65
CA GLY A 13 5.01 -0.71 8.61
C GLY A 13 4.28 -1.90 8.03
N VAL A 14 3.00 -2.01 8.34
CA VAL A 14 2.20 -3.13 7.88
C VAL A 14 1.70 -2.90 6.47
N LYS A 15 1.90 -3.89 5.62
CA LYS A 15 1.44 -3.82 4.24
C LYS A 15 -0.03 -4.15 4.18
N VAL A 16 -0.85 -3.11 4.19
CA VAL A 16 -2.29 -3.26 4.26
C VAL A 16 -2.81 -3.75 2.91
N GLY A 17 -2.19 -3.27 1.84
CA GLY A 17 -2.59 -3.65 0.50
C GLY A 17 -3.84 -2.93 0.10
N SER A 18 -4.91 -3.24 0.80
CA SER A 18 -6.21 -2.65 0.58
C SER A 18 -7.19 -3.25 1.59
N LEU A 19 -8.31 -2.59 1.81
CA LEU A 19 -9.30 -3.05 2.78
C LEU A 19 -10.61 -2.29 2.59
N GLU A 20 -10.49 -1.10 2.05
CA GLU A 20 -11.63 -0.26 1.73
C GLU A 20 -11.47 0.33 0.33
N SER A 21 -12.03 -0.36 -0.65
CA SER A 21 -11.92 0.05 -2.03
C SER A 21 -13.26 0.50 -2.60
N SER A 22 -14.17 0.79 -1.71
CA SER A 22 -15.52 1.20 -2.06
C SER A 22 -15.51 2.44 -2.95
N MET A 23 -14.66 3.41 -2.62
CA MET A 23 -14.58 4.64 -3.39
C MET A 23 -13.25 4.71 -4.13
N VAL A 24 -12.44 3.69 -3.93
CA VAL A 24 -11.13 3.60 -4.53
C VAL A 24 -11.16 2.63 -5.70
N SER A 25 -11.51 3.14 -6.87
CA SER A 25 -11.60 2.31 -8.05
C SER A 25 -10.92 3.00 -9.23
N THR A 26 -9.72 2.56 -9.55
CA THR A 26 -9.00 3.11 -10.67
C THR A 26 -9.43 2.41 -11.97
N ASP A 27 -10.08 3.15 -12.84
CA ASP A 27 -10.53 2.58 -14.12
C ASP A 27 -9.41 2.68 -15.12
N SER A 28 -8.58 3.68 -14.90
CA SER A 28 -7.40 3.91 -15.70
C SER A 28 -6.26 2.99 -15.24
N LEU A 29 -6.55 1.70 -15.20
CA LEU A 29 -5.63 0.74 -14.66
C LEU A 29 -5.67 -0.55 -15.47
N GLY A 30 -4.73 -0.68 -16.40
CA GLY A 30 -4.61 -1.90 -17.17
C GLY A 30 -3.74 -2.90 -16.45
N PHE A 31 -3.43 -2.57 -15.20
CA PHE A 31 -2.58 -3.37 -14.32
C PHE A 31 -1.15 -3.46 -14.85
N GLN A 32 -0.92 -4.39 -15.78
CA GLN A 32 0.43 -4.63 -16.28
C GLN A 32 0.40 -4.98 -17.75
N HIS A 33 0.27 -6.26 -18.03
CA HIS A 33 0.15 -6.74 -19.40
C HIS A 33 -1.00 -7.73 -19.49
N LEU A 34 -2.21 -7.21 -19.34
CA LEU A 34 -3.40 -8.02 -19.47
C LEU A 34 -3.54 -8.55 -20.89
N THR A 35 -3.97 -7.68 -21.79
CA THR A 35 -4.09 -8.04 -23.20
C THR A 35 -4.06 -6.77 -24.05
N ASN A 36 -3.72 -6.90 -25.33
CA ASN A 36 -3.66 -5.76 -26.25
C ASN A 36 -4.96 -4.95 -26.20
N GLU A 37 -6.08 -5.65 -26.30
CA GLU A 37 -7.40 -5.02 -26.26
C GLU A 37 -7.59 -4.15 -25.01
N GLU A 38 -7.07 -4.63 -23.88
CA GLU A 38 -7.15 -3.88 -22.63
C GLU A 38 -6.30 -2.62 -22.72
N ARG A 39 -5.07 -2.79 -23.22
CA ARG A 39 -4.13 -1.70 -23.35
C ARG A 39 -4.66 -0.61 -24.27
N ASN A 40 -5.26 -1.03 -25.37
CA ASN A 40 -5.80 -0.11 -26.36
C ASN A 40 -7.07 0.56 -25.85
N ASP A 41 -7.79 -0.12 -24.97
CA ASP A 41 -9.07 0.38 -24.50
C ASP A 41 -8.91 1.58 -23.58
N MET A 42 -8.16 1.43 -22.50
CA MET A 42 -7.99 2.51 -21.54
C MET A 42 -6.52 2.90 -21.39
N ILE A 43 -5.65 1.91 -21.24
CA ILE A 43 -4.23 2.15 -21.07
C ILE A 43 -3.50 0.83 -20.87
N SER A 44 -2.20 0.80 -21.09
CA SER A 44 -1.45 -0.42 -20.96
C SER A 44 -1.36 -0.89 -19.49
N TYR A 45 -0.72 -0.08 -18.64
CA TYR A 45 -0.46 -0.51 -17.27
C TYR A 45 -0.39 0.68 -16.32
N LYS A 46 0.15 0.44 -15.13
CA LYS A 46 0.34 1.46 -14.08
C LYS A 46 0.87 2.77 -14.67
N GLU A 47 0.12 3.85 -14.46
CA GLU A 47 0.48 5.17 -14.99
C GLU A 47 1.70 5.74 -14.27
N ASN A 48 1.71 5.63 -12.95
CA ASN A 48 2.82 6.16 -12.15
C ASN A 48 3.71 5.01 -11.69
N GLY A 49 3.41 3.82 -12.20
CA GLY A 49 4.13 2.64 -11.82
C GLY A 49 3.50 1.95 -10.63
N ASP A 50 2.97 2.76 -9.70
CA ASP A 50 2.22 2.30 -8.53
C ASP A 50 2.09 3.46 -7.55
N VAL A 51 1.07 3.45 -6.72
CA VAL A 51 0.88 4.52 -5.74
C VAL A 51 1.24 4.04 -4.34
N HIS A 52 2.38 4.50 -3.84
CA HIS A 52 2.81 4.18 -2.49
C HIS A 52 1.97 4.97 -1.49
N VAL A 53 1.03 4.29 -0.86
CA VAL A 53 0.04 4.92 -0.01
C VAL A 53 0.30 4.63 1.46
N LEU A 54 0.44 5.70 2.24
CA LEU A 54 0.64 5.57 3.68
C LEU A 54 -0.66 5.91 4.41
N THR A 55 -1.28 4.90 4.99
CA THR A 55 -2.54 5.07 5.70
C THR A 55 -2.42 4.53 7.12
N ILE A 56 -3.55 4.45 7.82
CA ILE A 56 -3.59 3.90 9.17
C ILE A 56 -4.40 2.60 9.18
N CYS A 57 -3.72 1.50 9.48
CA CYS A 57 -4.35 0.18 9.59
C CYS A 57 -5.23 0.09 10.85
N GLU A 58 -5.81 -1.07 11.07
CA GLU A 58 -6.73 -1.25 12.19
C GLU A 58 -5.99 -1.22 13.53
N ASP A 59 -4.74 -1.69 13.53
CA ASP A 59 -3.93 -1.74 14.75
C ASP A 59 -3.80 -0.37 15.40
N CYS A 60 -3.41 0.61 14.59
CA CYS A 60 -3.21 1.98 15.08
C CYS A 60 -4.56 2.67 15.29
N GLN A 61 -5.42 2.64 14.26
CA GLN A 61 -6.73 3.31 14.28
C GLN A 61 -7.54 2.95 15.52
N GLU A 62 -7.43 1.72 15.95
CA GLU A 62 -8.21 1.24 17.07
C GLU A 62 -7.79 1.94 18.35
N ALA A 63 -6.51 1.82 18.65
CA ALA A 63 -5.95 2.44 19.83
C ALA A 63 -6.10 3.93 19.69
N LEU A 64 -6.03 4.35 18.45
CA LEU A 64 -6.10 5.75 18.09
C LEU A 64 -7.40 6.39 18.57
N ASP A 65 -8.51 5.84 18.11
CA ASP A 65 -9.81 6.36 18.43
C ASP A 65 -10.22 6.07 19.87
N ARG A 66 -9.70 4.98 20.43
CA ARG A 66 -10.06 4.59 21.80
C ARG A 66 -9.38 5.47 22.83
N ASN A 67 -8.08 5.72 22.66
CA ASN A 67 -7.30 6.45 23.66
C ASN A 67 -6.14 7.22 23.04
N PRO A 68 -5.60 8.23 23.74
CA PRO A 68 -4.37 8.90 23.34
C PRO A 68 -3.15 8.03 23.60
N HIS A 69 -2.00 8.40 23.04
CA HIS A 69 -0.77 7.63 23.18
C HIS A 69 -0.94 6.25 22.57
N TYR A 70 -1.35 6.21 21.31
CA TYR A 70 -1.58 4.96 20.60
C TYR A 70 -0.30 4.13 20.49
N HIS A 71 -0.42 2.84 20.77
CA HIS A 71 0.67 1.87 20.68
C HIS A 71 1.66 2.03 21.84
N GLU A 72 1.91 3.27 22.24
CA GLU A 72 2.77 3.54 23.39
C GLU A 72 1.99 3.39 24.69
N TYR A 73 1.33 2.25 24.82
CA TYR A 73 0.51 1.97 25.98
C TYR A 73 0.79 0.56 26.46
N HIS A 74 1.01 0.43 27.77
CA HIS A 74 1.36 -0.85 28.39
C HIS A 74 0.30 -1.92 28.13
N THR A 75 -0.92 -1.48 27.85
CA THR A 75 -2.01 -2.37 27.52
C THR A 75 -3.04 -1.63 26.70
N GLN A 1 -6.23 -2.07 -9.96
CA GLN A 1 -7.01 -3.22 -10.47
C GLN A 1 -8.08 -3.63 -9.46
N SER A 2 -7.85 -4.73 -8.73
CA SER A 2 -8.78 -5.15 -7.70
C SER A 2 -8.60 -4.27 -6.47
N MET A 3 -7.35 -3.88 -6.23
CA MET A 3 -7.05 -2.90 -5.19
C MET A 3 -7.03 -1.52 -5.81
N ALA A 4 -7.13 -0.50 -4.99
CA ALA A 4 -7.08 0.87 -5.48
C ALA A 4 -5.67 1.42 -5.32
N LEU A 5 -5.25 1.54 -4.08
CA LEU A 5 -3.90 2.01 -3.77
C LEU A 5 -3.23 1.01 -2.83
N HIS A 6 -1.91 0.96 -2.88
CA HIS A 6 -1.17 0.03 -2.04
C HIS A 6 -0.94 0.69 -0.70
N TYR A 7 -1.42 0.03 0.33
CA TYR A 7 -1.39 0.61 1.67
C TYR A 7 -0.24 0.07 2.48
N TYR A 8 0.55 0.98 3.01
CA TYR A 8 1.62 0.64 3.92
C TYR A 8 1.53 1.54 5.14
N CYS A 9 1.59 0.97 6.33
CA CYS A 9 1.29 1.73 7.51
C CYS A 9 2.44 2.62 7.93
N ARG A 10 2.05 3.83 8.29
CA ARG A 10 2.97 4.74 8.95
C ARG A 10 3.32 4.17 10.32
N HIS A 11 4.61 4.08 10.52
CA HIS A 11 5.22 3.68 11.81
C HIS A 11 5.34 2.17 11.92
N CYS A 12 4.29 1.46 11.54
CA CYS A 12 4.29 0.01 11.60
C CYS A 12 5.06 -0.59 10.42
N GLY A 13 4.83 -0.02 9.25
CA GLY A 13 5.39 -0.60 8.04
C GLY A 13 4.55 -1.75 7.53
N VAL A 14 3.37 -1.94 8.13
CA VAL A 14 2.51 -3.04 7.76
C VAL A 14 1.76 -2.75 6.47
N LYS A 15 1.74 -3.74 5.60
CA LYS A 15 1.07 -3.63 4.32
C LYS A 15 -0.42 -3.77 4.55
N VAL A 16 -1.09 -2.64 4.70
CA VAL A 16 -2.51 -2.63 5.07
C VAL A 16 -3.38 -3.15 3.94
N GLY A 17 -2.93 -2.91 2.70
CA GLY A 17 -3.70 -3.33 1.54
C GLY A 17 -3.62 -4.81 1.30
N SER A 18 -2.74 -5.46 2.04
CA SER A 18 -2.52 -6.89 1.91
C SER A 18 -2.92 -7.59 3.20
N LEU A 19 -3.34 -8.83 3.10
CA LEU A 19 -3.72 -9.60 4.27
C LEU A 19 -2.96 -10.91 4.31
N GLU A 20 -2.47 -11.31 3.15
CA GLU A 20 -1.67 -12.52 3.02
C GLU A 20 -0.20 -12.23 3.29
N SER A 21 0.44 -11.59 2.33
CA SER A 21 1.83 -11.15 2.47
C SER A 21 2.76 -12.31 2.85
N SER A 22 2.54 -13.45 2.21
CA SER A 22 3.37 -14.60 2.45
C SER A 22 4.47 -14.72 1.39
N MET A 23 4.07 -14.94 0.15
CA MET A 23 5.03 -15.03 -0.94
C MET A 23 4.99 -13.77 -1.81
N VAL A 24 3.96 -12.95 -1.61
CA VAL A 24 3.81 -11.73 -2.40
C VAL A 24 4.64 -10.59 -1.80
N SER A 25 5.94 -10.65 -2.05
CA SER A 25 6.85 -9.63 -1.57
C SER A 25 6.83 -8.42 -2.51
N THR A 26 5.68 -7.79 -2.58
CA THR A 26 5.46 -6.61 -3.44
C THR A 26 6.53 -5.55 -3.21
N ASP A 27 6.99 -4.97 -4.31
CA ASP A 27 8.04 -3.98 -4.27
C ASP A 27 7.42 -2.60 -4.30
N SER A 28 6.61 -2.36 -5.33
CA SER A 28 5.82 -1.13 -5.40
C SER A 28 6.73 0.09 -5.33
N LEU A 29 7.73 0.11 -6.20
CA LEU A 29 8.69 1.19 -6.25
C LEU A 29 8.85 1.67 -7.70
N GLY A 30 9.35 2.88 -7.86
CA GLY A 30 9.42 3.49 -9.17
C GLY A 30 10.68 3.15 -9.93
N PHE A 31 11.05 1.88 -9.91
CA PHE A 31 12.19 1.42 -10.69
C PHE A 31 12.06 -0.07 -10.98
N GLN A 32 12.47 -0.44 -12.19
CA GLN A 32 12.51 -1.83 -12.61
C GLN A 32 13.93 -2.29 -12.58
N HIS A 33 14.72 -1.63 -13.40
CA HIS A 33 16.14 -1.86 -13.50
C HIS A 33 16.88 -0.66 -12.92
N LEU A 34 16.09 0.20 -12.27
CA LEU A 34 16.55 1.41 -11.58
C LEU A 34 17.61 2.17 -12.38
N THR A 35 18.66 2.65 -11.70
CA THR A 35 19.66 3.50 -12.35
C THR A 35 19.05 4.87 -12.74
N ASN A 36 18.48 4.95 -13.94
CA ASN A 36 17.82 6.18 -14.38
C ASN A 36 16.50 6.30 -13.65
N GLU A 37 15.86 5.16 -13.45
CA GLU A 37 14.58 5.12 -12.76
C GLU A 37 14.81 5.35 -11.28
N GLU A 38 16.00 5.00 -10.84
CA GLU A 38 16.44 5.17 -9.46
C GLU A 38 16.30 6.62 -9.02
N ARG A 39 16.77 7.53 -9.87
CA ARG A 39 16.74 8.95 -9.57
C ARG A 39 15.31 9.48 -9.53
N ASN A 40 14.45 8.89 -10.35
CA ASN A 40 13.06 9.31 -10.44
C ASN A 40 12.28 8.88 -9.22
N ASP A 41 12.49 7.64 -8.78
CA ASP A 41 11.80 7.13 -7.60
C ASP A 41 12.26 7.85 -6.35
N MET A 42 13.53 8.27 -6.36
CA MET A 42 14.08 9.03 -5.24
C MET A 42 13.36 10.36 -5.10
N ILE A 43 12.87 10.87 -6.23
CA ILE A 43 12.06 12.07 -6.23
C ILE A 43 10.65 11.75 -5.76
N SER A 44 9.95 10.94 -6.56
CA SER A 44 8.57 10.56 -6.26
C SER A 44 7.99 9.69 -7.37
N TYR A 45 8.22 10.14 -8.62
CA TYR A 45 7.62 9.52 -9.80
C TYR A 45 7.85 8.02 -9.86
N LYS A 46 6.74 7.30 -9.87
CA LYS A 46 6.76 5.86 -10.06
C LYS A 46 6.56 5.56 -11.54
N GLU A 47 7.52 4.86 -12.14
CA GLU A 47 7.51 4.60 -13.58
C GLU A 47 6.25 3.89 -14.05
N ASN A 48 5.65 3.11 -13.17
CA ASN A 48 4.43 2.38 -13.49
C ASN A 48 3.21 3.17 -13.06
N GLY A 49 3.45 4.28 -12.37
CA GLY A 49 2.36 5.02 -11.77
C GLY A 49 1.85 4.32 -10.53
N ASP A 50 2.73 3.56 -9.91
CA ASP A 50 2.36 2.71 -8.78
C ASP A 50 1.72 3.51 -7.66
N VAL A 51 0.65 2.98 -7.13
CA VAL A 51 -0.09 3.63 -6.07
C VAL A 51 0.47 3.23 -4.71
N HIS A 52 1.38 4.05 -4.20
CA HIS A 52 2.07 3.75 -2.95
C HIS A 52 1.75 4.81 -1.91
N VAL A 53 0.95 4.44 -0.92
CA VAL A 53 0.51 5.39 0.10
C VAL A 53 0.79 4.89 1.51
N LEU A 54 1.14 5.81 2.39
CA LEU A 54 1.33 5.51 3.79
C LEU A 54 0.08 5.89 4.55
N THR A 55 -0.52 4.95 5.26
CA THR A 55 -1.80 5.18 5.90
C THR A 55 -1.88 4.48 7.26
N ILE A 56 -3.07 4.51 7.84
CA ILE A 56 -3.34 3.90 9.13
C ILE A 56 -3.75 2.43 8.97
N CYS A 57 -3.09 1.54 9.71
CA CYS A 57 -3.49 0.15 9.73
C CYS A 57 -4.64 -0.04 10.72
N GLU A 58 -5.29 -1.18 10.66
CA GLU A 58 -6.44 -1.46 11.51
C GLU A 58 -6.08 -1.27 12.98
N ASP A 59 -4.93 -1.82 13.38
CA ASP A 59 -4.46 -1.71 14.76
C ASP A 59 -4.24 -0.26 15.16
N CYS A 60 -3.69 0.53 14.24
CA CYS A 60 -3.50 1.96 14.48
C CYS A 60 -4.84 2.64 14.70
N GLN A 61 -5.76 2.45 13.75
CA GLN A 61 -7.11 3.01 13.84
C GLN A 61 -7.78 2.61 15.17
N GLU A 62 -7.51 1.39 15.60
CA GLU A 62 -8.08 0.87 16.84
C GLU A 62 -7.72 1.74 18.02
N ALA A 63 -6.42 1.89 18.20
CA ALA A 63 -5.88 2.69 19.27
C ALA A 63 -6.27 4.13 19.02
N LEU A 64 -6.42 4.43 17.74
CA LEU A 64 -6.64 5.77 17.29
C LEU A 64 -8.03 6.28 17.71
N ASP A 65 -9.06 5.56 17.27
CA ASP A 65 -10.43 5.93 17.57
C ASP A 65 -10.77 5.66 19.04
N ARG A 66 -10.03 4.71 19.63
CA ARG A 66 -10.12 4.39 21.07
C ARG A 66 -11.43 3.72 21.44
N ASN A 67 -12.26 3.47 20.45
CA ASN A 67 -13.46 2.68 20.64
C ASN A 67 -13.18 1.23 20.31
N PRO A 68 -13.29 0.33 21.30
CA PRO A 68 -12.99 -1.10 21.13
C PRO A 68 -13.61 -1.69 19.88
N HIS A 69 -12.85 -2.50 19.17
CA HIS A 69 -13.25 -3.09 17.91
C HIS A 69 -13.34 -2.03 16.82
N TYR A 70 -12.18 -1.73 16.24
CA TYR A 70 -12.05 -0.80 15.12
C TYR A 70 -13.04 -1.15 14.00
N HIS A 71 -13.27 -0.21 13.10
CA HIS A 71 -14.18 -0.41 11.98
C HIS A 71 -15.62 -0.55 12.49
N GLU A 72 -16.15 0.55 13.03
CA GLU A 72 -17.51 0.62 13.57
C GLU A 72 -17.64 -0.22 14.84
N TYR A 73 -17.85 0.45 15.97
CA TYR A 73 -18.00 -0.22 17.25
C TYR A 73 -19.36 -0.88 17.35
N HIS A 74 -19.41 -2.17 16.99
CA HIS A 74 -20.65 -2.94 17.05
C HIS A 74 -21.11 -3.07 18.49
N THR A 75 -22.09 -2.26 18.87
CA THR A 75 -22.62 -2.28 20.21
C THR A 75 -23.99 -2.95 20.22
N GLN A 1 -9.36 0.74 -0.94
CA GLN A 1 -10.00 -0.58 -0.64
C GLN A 1 -9.03 -1.73 -0.90
N SER A 2 -7.85 -1.66 -0.27
CA SER A 2 -6.81 -2.69 -0.39
C SER A 2 -6.19 -2.72 -1.79
N MET A 3 -7.02 -2.88 -2.81
CA MET A 3 -6.56 -2.94 -4.19
C MET A 3 -6.49 -1.54 -4.79
N ALA A 4 -6.03 -1.45 -6.03
CA ALA A 4 -5.89 -0.19 -6.77
C ALA A 4 -4.67 0.59 -6.33
N LEU A 5 -4.55 0.81 -5.04
CA LEU A 5 -3.39 1.49 -4.47
C LEU A 5 -2.69 0.57 -3.49
N HIS A 6 -1.40 0.79 -3.29
CA HIS A 6 -0.68 0.01 -2.32
C HIS A 6 -0.69 0.74 -1.00
N TYR A 7 -1.21 0.08 0.00
CA TYR A 7 -1.39 0.69 1.30
C TYR A 7 -0.28 0.30 2.24
N TYR A 8 0.31 1.28 2.87
CA TYR A 8 1.33 1.03 3.85
C TYR A 8 1.00 1.72 5.16
N CYS A 9 1.13 0.97 6.22
CA CYS A 9 0.77 1.40 7.55
C CYS A 9 1.78 2.34 8.14
N ARG A 10 1.34 3.54 8.41
CA ARG A 10 2.12 4.43 9.23
C ARG A 10 2.19 3.87 10.65
N HIS A 11 3.38 3.83 11.18
CA HIS A 11 3.64 3.56 12.60
C HIS A 11 3.85 2.06 12.90
N CYS A 12 2.87 1.22 12.59
CA CYS A 12 2.95 -0.18 13.02
C CYS A 12 3.79 -1.02 12.04
N GLY A 13 3.86 -0.54 10.79
CA GLY A 13 4.72 -1.18 9.81
C GLY A 13 4.08 -2.39 9.13
N VAL A 14 2.76 -2.34 8.95
CA VAL A 14 2.06 -3.39 8.24
C VAL A 14 1.63 -2.96 6.85
N LYS A 15 1.76 -3.87 5.91
CA LYS A 15 1.41 -3.57 4.53
C LYS A 15 -0.06 -3.92 4.28
N VAL A 16 -0.92 -2.92 4.40
CA VAL A 16 -2.37 -3.14 4.23
C VAL A 16 -2.72 -3.41 2.77
N GLY A 17 -1.85 -2.96 1.87
CA GLY A 17 -2.10 -3.17 0.46
C GLY A 17 -0.89 -3.77 -0.25
N SER A 18 -0.43 -4.89 0.26
CA SER A 18 0.65 -5.64 -0.37
C SER A 18 0.46 -7.13 -0.09
N LEU A 19 -0.67 -7.64 -0.53
CA LEU A 19 -1.03 -9.03 -0.30
C LEU A 19 -1.08 -9.77 -1.63
N GLU A 20 -1.20 -8.98 -2.68
CA GLU A 20 -1.14 -9.50 -4.04
C GLU A 20 -0.12 -8.70 -4.85
N SER A 21 1.04 -8.49 -4.25
CA SER A 21 2.10 -7.72 -4.88
C SER A 21 3.18 -8.64 -5.44
N SER A 22 2.84 -9.89 -5.56
CA SER A 22 3.77 -10.89 -6.05
C SER A 22 3.97 -10.77 -7.57
N MET A 23 2.92 -10.39 -8.28
CA MET A 23 2.99 -10.26 -9.73
C MET A 23 3.12 -8.79 -10.12
N VAL A 24 3.01 -7.91 -9.15
CA VAL A 24 3.06 -6.48 -9.41
C VAL A 24 3.82 -5.77 -8.29
N SER A 25 4.80 -4.97 -8.67
CA SER A 25 5.62 -4.26 -7.71
C SER A 25 5.99 -2.89 -8.27
N THR A 26 7.02 -2.27 -7.71
CA THR A 26 7.47 -0.98 -8.17
C THR A 26 8.34 -1.12 -9.41
N ASP A 27 9.06 -2.23 -9.49
CA ASP A 27 9.98 -2.45 -10.60
C ASP A 27 9.25 -3.18 -11.71
N SER A 28 8.36 -4.06 -11.30
CA SER A 28 7.51 -4.78 -12.23
C SER A 28 6.56 -3.82 -12.91
N LEU A 29 6.44 -3.93 -14.22
CA LEU A 29 5.57 -3.05 -14.99
C LEU A 29 4.14 -3.56 -14.96
N GLY A 30 3.22 -2.69 -14.58
CA GLY A 30 1.82 -3.05 -14.59
C GLY A 30 1.21 -2.91 -15.97
N PHE A 31 1.40 -3.93 -16.80
CA PHE A 31 0.85 -3.95 -18.14
C PHE A 31 0.00 -5.21 -18.32
N GLN A 32 -0.26 -5.60 -19.55
CA GLN A 32 -1.01 -6.82 -19.80
C GLN A 32 -0.22 -7.78 -20.66
N HIS A 33 0.26 -7.27 -21.79
CA HIS A 33 1.05 -8.05 -22.75
C HIS A 33 1.42 -7.15 -23.91
N LEU A 34 2.65 -6.65 -23.89
CA LEU A 34 3.06 -5.66 -24.87
C LEU A 34 4.57 -5.66 -25.05
N THR A 35 5.02 -4.97 -26.09
CA THR A 35 6.43 -4.77 -26.32
C THR A 35 6.84 -3.36 -25.95
N ASN A 36 8.12 -3.06 -26.08
CA ASN A 36 8.63 -1.72 -25.81
C ASN A 36 8.03 -0.73 -26.79
N GLU A 37 7.59 -1.25 -27.93
CA GLU A 37 6.84 -0.46 -28.91
C GLU A 37 5.65 0.17 -28.24
N GLU A 38 4.83 -0.68 -27.63
CA GLU A 38 3.61 -0.23 -27.00
C GLU A 38 3.90 0.63 -25.78
N ARG A 39 5.01 0.31 -25.09
CA ARG A 39 5.43 1.04 -23.91
C ARG A 39 5.61 2.53 -24.21
N ASN A 40 6.34 2.84 -25.27
CA ASN A 40 6.59 4.24 -25.62
C ASN A 40 5.39 4.85 -26.32
N ASP A 41 4.73 4.08 -27.15
CA ASP A 41 3.68 4.60 -28.02
C ASP A 41 2.36 4.81 -27.28
N MET A 42 1.83 3.75 -26.70
CA MET A 42 0.51 3.81 -26.09
C MET A 42 0.59 4.06 -24.59
N ILE A 43 1.56 3.43 -23.95
CA ILE A 43 1.71 3.53 -22.50
C ILE A 43 2.27 4.90 -22.10
N SER A 44 1.39 5.75 -21.59
CA SER A 44 1.79 7.06 -21.12
C SER A 44 2.49 6.93 -19.77
N TYR A 45 2.08 5.91 -19.02
CA TYR A 45 2.66 5.62 -17.72
C TYR A 45 2.32 4.18 -17.36
N LYS A 46 3.13 3.59 -16.48
CA LYS A 46 2.88 2.25 -15.97
C LYS A 46 1.46 2.17 -15.42
N GLU A 47 0.62 1.34 -16.03
CA GLU A 47 -0.82 1.32 -15.77
C GLU A 47 -1.18 0.99 -14.32
N ASN A 48 -0.20 0.55 -13.55
CA ASN A 48 -0.40 0.34 -12.12
C ASN A 48 -0.63 1.68 -11.42
N GLY A 49 -0.19 2.75 -12.08
CA GLY A 49 -0.42 4.09 -11.57
C GLY A 49 0.67 4.55 -10.63
N ASP A 50 1.53 3.62 -10.22
CA ASP A 50 2.55 3.90 -9.21
C ASP A 50 1.89 4.40 -7.94
N VAL A 51 1.26 3.49 -7.24
CA VAL A 51 0.42 3.80 -6.11
C VAL A 51 1.08 3.39 -4.80
N HIS A 52 1.58 4.38 -4.08
CA HIS A 52 2.30 4.15 -2.83
C HIS A 52 1.81 5.15 -1.78
N VAL A 53 0.87 4.72 -0.95
CA VAL A 53 0.28 5.61 0.03
C VAL A 53 0.48 5.08 1.45
N LEU A 54 0.70 5.99 2.39
CA LEU A 54 0.79 5.62 3.79
C LEU A 54 -0.52 5.98 4.46
N THR A 55 -1.16 5.00 5.07
CA THR A 55 -2.50 5.21 5.60
C THR A 55 -2.67 4.50 6.94
N ILE A 56 -3.86 4.62 7.50
CA ILE A 56 -4.19 4.04 8.79
C ILE A 56 -4.65 2.59 8.63
N CYS A 57 -3.86 1.69 9.17
CA CYS A 57 -4.22 0.28 9.16
C CYS A 57 -5.24 0.02 10.28
N GLU A 58 -5.68 -1.20 10.44
CA GLU A 58 -6.60 -1.55 11.51
C GLU A 58 -5.99 -1.19 12.86
N ASP A 59 -4.74 -1.61 13.05
CA ASP A 59 -4.02 -1.35 14.30
C ASP A 59 -3.79 0.16 14.50
N CYS A 60 -3.62 0.89 13.39
CA CYS A 60 -3.49 2.34 13.45
C CYS A 60 -4.75 2.97 14.02
N GLN A 61 -5.88 2.63 13.39
CA GLN A 61 -7.19 3.14 13.80
C GLN A 61 -7.45 2.79 15.27
N GLU A 62 -6.99 1.63 15.70
CA GLU A 62 -7.16 1.18 17.05
C GLU A 62 -6.39 2.03 18.03
N ALA A 63 -5.13 2.30 17.71
CA ALA A 63 -4.27 3.14 18.52
C ALA A 63 -4.86 4.52 18.55
N LEU A 64 -5.52 4.84 17.46
CA LEU A 64 -6.09 6.12 17.22
C LEU A 64 -7.33 6.38 18.06
N ASP A 65 -8.32 5.53 17.88
CA ASP A 65 -9.62 5.71 18.51
C ASP A 65 -9.55 5.42 20.01
N ARG A 66 -8.86 4.36 20.37
CA ARG A 66 -8.79 3.95 21.77
C ARG A 66 -7.38 4.12 22.32
N ASN A 67 -6.46 3.27 21.83
CA ASN A 67 -5.01 3.27 22.19
C ASN A 67 -4.65 2.12 23.15
N PRO A 68 -5.22 2.05 24.39
CA PRO A 68 -4.93 0.94 25.30
C PRO A 68 -5.51 -0.38 24.80
N HIS A 69 -6.45 -0.29 23.88
CA HIS A 69 -7.07 -1.46 23.28
C HIS A 69 -6.85 -1.46 21.78
N TYR A 70 -6.08 -2.42 21.30
CA TYR A 70 -5.82 -2.52 19.87
C TYR A 70 -5.66 -3.98 19.44
N HIS A 71 -5.39 -4.87 20.39
CA HIS A 71 -5.24 -6.29 20.09
C HIS A 71 -5.31 -7.11 21.38
N GLU A 72 -6.51 -7.30 21.90
CA GLU A 72 -6.71 -8.11 23.10
C GLU A 72 -6.76 -9.59 22.73
N TYR A 73 -6.06 -10.41 23.50
CA TYR A 73 -5.96 -11.83 23.21
C TYR A 73 -7.04 -12.64 23.91
N HIS A 74 -8.26 -12.14 23.89
CA HIS A 74 -9.39 -12.83 24.50
C HIS A 74 -10.66 -12.52 23.73
N THR A 75 -11.54 -13.51 23.64
CA THR A 75 -12.80 -13.38 22.93
C THR A 75 -12.54 -13.17 21.44
N GLN A 1 -14.68 -3.99 -5.34
CA GLN A 1 -13.83 -2.80 -5.18
C GLN A 1 -12.57 -2.91 -6.06
N SER A 2 -11.73 -3.90 -5.74
CA SER A 2 -10.44 -4.09 -6.41
C SER A 2 -9.49 -2.94 -6.06
N MET A 3 -8.44 -3.25 -5.33
CA MET A 3 -7.48 -2.23 -4.92
C MET A 3 -6.48 -1.96 -6.04
N ALA A 4 -6.09 -0.71 -6.16
CA ALA A 4 -5.13 -0.30 -7.19
C ALA A 4 -3.95 0.46 -6.58
N LEU A 5 -4.11 0.90 -5.34
CA LEU A 5 -3.08 1.65 -4.63
C LEU A 5 -2.48 0.78 -3.54
N HIS A 6 -1.28 1.13 -3.12
CA HIS A 6 -0.57 0.29 -2.18
C HIS A 6 -0.65 0.89 -0.80
N TYR A 7 -1.14 0.10 0.10
CA TYR A 7 -1.35 0.55 1.46
C TYR A 7 -0.21 0.10 2.35
N TYR A 8 0.58 1.05 2.81
CA TYR A 8 1.61 0.76 3.78
C TYR A 8 1.36 1.59 5.02
N CYS A 9 1.31 0.95 6.17
CA CYS A 9 0.80 1.60 7.36
C CYS A 9 1.80 2.55 8.00
N ARG A 10 1.34 3.77 8.21
CA ARG A 10 2.07 4.71 9.01
C ARG A 10 1.91 4.30 10.47
N HIS A 11 3.04 4.14 11.15
CA HIS A 11 3.13 3.92 12.62
C HIS A 11 3.56 2.50 12.96
N CYS A 12 3.19 1.53 12.14
CA CYS A 12 3.58 0.15 12.41
C CYS A 12 4.25 -0.52 11.20
N GLY A 13 4.17 0.14 10.05
CA GLY A 13 4.87 -0.34 8.85
C GLY A 13 4.31 -1.63 8.30
N VAL A 14 3.01 -1.86 8.48
CA VAL A 14 2.38 -3.05 7.93
C VAL A 14 1.86 -2.81 6.52
N LYS A 15 1.93 -3.85 5.72
CA LYS A 15 1.38 -3.84 4.37
C LYS A 15 -0.12 -4.08 4.44
N VAL A 16 -0.91 -3.03 4.28
CA VAL A 16 -2.36 -3.15 4.34
C VAL A 16 -2.95 -3.30 2.95
N GLY A 17 -2.10 -3.15 1.94
CA GLY A 17 -2.55 -3.27 0.58
C GLY A 17 -1.41 -3.60 -0.37
N SER A 18 -0.96 -4.83 -0.30
CA SER A 18 0.11 -5.30 -1.17
C SER A 18 -0.34 -6.56 -1.89
N LEU A 19 -0.19 -6.58 -3.20
CA LEU A 19 -0.66 -7.68 -4.00
C LEU A 19 0.50 -8.40 -4.66
N GLU A 20 1.63 -7.74 -4.70
CA GLU A 20 2.82 -8.29 -5.31
C GLU A 20 3.39 -9.42 -4.47
N SER A 21 3.94 -10.43 -5.16
CA SER A 21 4.43 -11.67 -4.56
C SER A 21 3.27 -12.52 -4.01
N SER A 22 2.33 -11.89 -3.31
CA SER A 22 1.20 -12.59 -2.72
C SER A 22 0.31 -13.20 -3.80
N MET A 23 0.07 -12.46 -4.87
CA MET A 23 -0.80 -12.93 -5.94
C MET A 23 -0.33 -12.46 -7.31
N VAL A 24 -0.12 -11.15 -7.46
CA VAL A 24 0.23 -10.56 -8.75
C VAL A 24 -0.73 -11.07 -9.84
N SER A 25 -2.00 -10.71 -9.72
CA SER A 25 -3.00 -11.12 -10.71
C SER A 25 -4.14 -10.12 -10.75
N THR A 26 -3.83 -8.92 -11.19
CA THR A 26 -4.82 -7.86 -11.31
C THR A 26 -4.81 -7.29 -12.71
N ASP A 27 -5.87 -6.59 -13.07
CA ASP A 27 -5.97 -5.97 -14.38
C ASP A 27 -5.46 -4.54 -14.29
N SER A 28 -5.41 -4.06 -13.07
CA SER A 28 -4.90 -2.74 -12.78
C SER A 28 -3.42 -2.85 -12.44
N LEU A 29 -2.67 -1.77 -12.73
CA LEU A 29 -1.22 -1.75 -12.60
C LEU A 29 -0.57 -2.63 -13.67
N GLY A 30 0.40 -2.05 -14.37
CA GLY A 30 1.11 -2.80 -15.39
C GLY A 30 2.31 -3.53 -14.82
N PHE A 31 2.68 -3.14 -13.60
CA PHE A 31 3.81 -3.75 -12.89
C PHE A 31 5.12 -3.54 -13.65
N GLN A 32 5.09 -2.58 -14.58
CA GLN A 32 6.23 -2.15 -15.42
C GLN A 32 6.79 -3.27 -16.31
N HIS A 33 7.02 -4.44 -15.75
CA HIS A 33 7.58 -5.55 -16.51
C HIS A 33 7.01 -6.88 -16.02
N LEU A 34 5.87 -7.29 -16.57
CA LEU A 34 5.29 -8.56 -16.19
C LEU A 34 4.91 -9.39 -17.43
N THR A 35 3.74 -9.15 -18.03
CA THR A 35 3.34 -9.89 -19.23
C THR A 35 2.44 -9.06 -20.16
N ASN A 36 1.12 -9.25 -20.07
CA ASN A 36 0.18 -8.56 -20.97
C ASN A 36 -0.05 -7.16 -20.47
N GLU A 37 -0.05 -7.04 -19.15
CA GLU A 37 -0.19 -5.75 -18.51
C GLU A 37 1.07 -4.93 -18.70
N GLU A 38 2.18 -5.63 -18.94
CA GLU A 38 3.45 -4.99 -19.29
C GLU A 38 3.26 -4.17 -20.57
N ARG A 39 2.52 -4.73 -21.51
CA ARG A 39 2.18 -4.04 -22.77
C ARG A 39 1.33 -2.81 -22.48
N ASN A 40 0.49 -2.91 -21.46
CA ASN A 40 -0.38 -1.80 -21.08
C ASN A 40 0.42 -0.75 -20.30
N ASP A 41 1.55 -1.16 -19.75
CA ASP A 41 2.43 -0.27 -19.01
C ASP A 41 3.26 0.55 -20.00
N MET A 42 3.29 0.10 -21.26
CA MET A 42 4.03 0.79 -22.31
C MET A 42 3.43 2.18 -22.56
N ILE A 43 2.17 2.34 -22.21
CA ILE A 43 1.51 3.63 -22.31
C ILE A 43 1.03 4.08 -20.93
N SER A 44 1.37 5.31 -20.56
CA SER A 44 1.00 5.90 -19.27
C SER A 44 1.77 5.30 -18.11
N TYR A 45 2.28 4.08 -18.31
CA TYR A 45 2.96 3.31 -17.28
C TYR A 45 2.27 3.40 -15.93
N LYS A 46 2.87 4.10 -15.00
CA LYS A 46 2.28 4.33 -13.71
C LYS A 46 1.38 5.56 -13.77
N GLU A 47 0.07 5.33 -13.88
CA GLU A 47 -0.89 6.40 -14.06
C GLU A 47 -0.84 7.43 -12.94
N ASN A 48 -0.47 6.99 -11.74
CA ASN A 48 -0.38 7.90 -10.59
C ASN A 48 1.07 8.18 -10.26
N GLY A 49 1.96 7.93 -11.21
CA GLY A 49 3.40 8.04 -10.98
C GLY A 49 3.95 6.83 -10.25
N ASP A 50 3.12 6.32 -9.33
CA ASP A 50 3.31 5.05 -8.62
C ASP A 50 2.52 5.11 -7.34
N VAL A 51 1.53 4.24 -7.20
CA VAL A 51 0.65 4.28 -6.06
C VAL A 51 1.36 3.76 -4.80
N HIS A 52 1.96 4.68 -4.07
CA HIS A 52 2.63 4.37 -2.82
C HIS A 52 1.96 5.14 -1.70
N VAL A 53 1.05 4.47 -1.04
CA VAL A 53 0.13 5.12 -0.13
C VAL A 53 0.39 4.71 1.32
N LEU A 54 0.68 5.68 2.17
CA LEU A 54 0.85 5.41 3.59
C LEU A 54 -0.45 5.71 4.31
N THR A 55 -1.01 4.69 4.92
CA THR A 55 -2.33 4.77 5.51
C THR A 55 -2.33 4.17 6.90
N ILE A 56 -3.49 4.12 7.53
CA ILE A 56 -3.63 3.58 8.88
C ILE A 56 -4.32 2.22 8.85
N CYS A 57 -3.66 1.21 9.39
CA CYS A 57 -4.26 -0.10 9.49
C CYS A 57 -5.28 -0.13 10.62
N GLU A 58 -6.13 -1.14 10.63
CA GLU A 58 -7.16 -1.29 11.65
C GLU A 58 -6.57 -1.14 13.05
N ASP A 59 -5.46 -1.83 13.29
CA ASP A 59 -4.81 -1.84 14.60
C ASP A 59 -4.37 -0.45 15.04
N CYS A 60 -3.81 0.33 14.11
CA CYS A 60 -3.37 1.68 14.44
C CYS A 60 -4.56 2.60 14.62
N GLN A 61 -5.52 2.55 13.69
CA GLN A 61 -6.77 3.31 13.82
C GLN A 61 -7.42 3.05 15.17
N GLU A 62 -7.30 1.82 15.64
CA GLU A 62 -7.89 1.44 16.90
C GLU A 62 -7.15 2.04 18.08
N ALA A 63 -5.83 1.98 18.05
CA ALA A 63 -5.01 2.58 19.09
C ALA A 63 -5.23 4.07 19.10
N LEU A 64 -5.45 4.56 17.90
CA LEU A 64 -5.74 5.95 17.65
C LEU A 64 -7.06 6.36 18.28
N ASP A 65 -8.12 5.72 17.83
CA ASP A 65 -9.47 6.00 18.33
C ASP A 65 -9.55 5.82 19.85
N ARG A 66 -8.78 4.87 20.36
CA ARG A 66 -8.78 4.58 21.80
C ARG A 66 -8.10 5.73 22.57
N ASN A 67 -6.97 6.20 22.07
CA ASN A 67 -6.18 7.19 22.78
C ASN A 67 -6.09 8.49 21.99
N PRO A 68 -6.73 9.57 22.49
CA PRO A 68 -6.77 10.87 21.81
C PRO A 68 -5.43 11.61 21.88
N HIS A 69 -4.34 10.89 21.68
CA HIS A 69 -3.02 11.50 21.63
C HIS A 69 -2.47 11.39 20.21
N TYR A 70 -2.69 10.22 19.60
CA TYR A 70 -2.33 10.03 18.19
C TYR A 70 -3.55 10.34 17.33
N HIS A 71 -4.69 10.50 18.00
CA HIS A 71 -5.94 10.75 17.33
C HIS A 71 -6.69 11.89 18.00
N GLU A 72 -6.39 13.10 17.58
CA GLU A 72 -7.10 14.27 18.08
C GLU A 72 -7.22 15.32 16.99
N TYR A 73 -8.03 16.33 17.25
CA TYR A 73 -8.19 17.42 16.31
C TYR A 73 -8.10 18.75 17.03
N HIS A 74 -7.37 19.68 16.42
CA HIS A 74 -7.14 21.00 17.02
C HIS A 74 -6.35 20.84 18.32
N THR A 75 -5.07 20.50 18.19
CA THR A 75 -4.19 20.32 19.33
C THR A 75 -4.02 21.63 20.09
#